data_8F2S
#
_entry.id   8F2S
#
_cell.length_a   1.00
_cell.length_b   1.00
_cell.length_c   1.00
_cell.angle_alpha   90.00
_cell.angle_beta   90.00
_cell.angle_gamma   90.00
#
_symmetry.space_group_name_H-M   'P 1'
#
loop_
_entity.id
_entity.type
_entity.pdbx_description
1 polymer 'Acetylcholine receptor subunit alpha'
2 polymer 'Acetylcholine receptor subunit delta'
3 polymer 'Acetylcholine receptor subunit beta'
4 polymer 'Acetylcholine receptor subunit gamma'
5 branched alpha-D-mannopyranose-(1-3)-[alpha-D-mannopyranose-(1-6)]alpha-D-mannopyranose-(1-6)-[alpha-D-mannopyranose-(1-3)]beta-D-mannopyranose-(1-4)-2-acetamido-2-deoxy-beta-D-glucopyranose-(1-4)-2-acetamido-2-deoxy-beta-D-glucopyranose
6 branched beta-D-mannopyranose-(1-4)-2-acetamido-2-deoxy-beta-D-glucopyranose-(1-4)-2-acetamido-2-deoxy-beta-D-glucopyranose
7 branched 2-acetamido-2-deoxy-beta-D-glucopyranose-(1-4)-2-acetamido-2-deoxy-beta-D-glucopyranose
8 branched alpha-D-mannopyranose-(1-6)-alpha-D-mannopyranose-(1-6)-beta-D-mannopyranose-(1-4)-2-acetamido-2-deoxy-beta-D-glucopyranose-(1-4)-2-acetamido-2-deoxy-beta-D-glucopyranose
9 non-polymer rocuronium
10 non-polymer '(2S)-3-(hexadecanoyloxy)-2-[(9Z)-octadec-9-enoyloxy]propyl 2-(trimethylammonio)ethyl phosphate'
11 non-polymer CHOLESTEROL
12 non-polymer 2-acetamido-2-deoxy-beta-D-glucopyranose
13 non-polymer nonane
#
loop_
_entity_poly.entity_id
_entity_poly.type
_entity_poly.pdbx_seq_one_letter_code
_entity_poly.pdbx_strand_id
1 'polypeptide(L)'
;SEHETRLVANLLENYNKVIRPVEHHTHFVDITVGLQLIQLISVDEVNQIVETNVRLRQQWIDVRLRWNPADYGGIKKIRL
PSDDVWLPDLVLYNNADGDFAIVHMTKLLLDYTGKIMWTPPAIFKSYCEIIVTHFPFDQQNCTMKLGIWTYDGTKVSISP
ESDRPDLSTFMESGEWVMKDYRGWKHWVYYTCCPDTPYLDITYHFIMQRIPLYFVVNVIIPCLLFSFLTGLVFYLPTDSG
EKMTLSISVLLSLTVFLLVIVELIPSTSSAVPLIGKYMLFTMIFVISSIIITVVVINTHHRSPSTHTMPQWVRKIFIDTI
PNVMFFSTMKRASKEKQENKIFADDIDISDISGKQVTGEVIFQTPLIKNPDVKSAIEGVKYIAEHMKSDEESSNAAEEWK
YVAMVIDHILLCVFMLICIIGTVSVFAGRLIEL
;
A,D
2 'polypeptide(L)'
;VNEEERLINDLLIVNKYNKHVRPVKHNNEVVNIALSLTLSNLISLKETDETLTSNVWMDHAWYDHRLTWNASEYSDISIL
RLPPELVWIPDIVLQNNNDGQYHVAYFCNVLVRPNGYVTWLPPAIFRSSCPINVLYFPFDWQNCSLKFTALNYDANEITM
DLMTDTIDGKDYPIEWIIIDPEAFTENGEWEIIHKPAKKNIYPDKFPNGTNYQDVTFYLIIRRKPLFYVINFITPCVLIS
FLASLAFYLPAESGEKMSTAISVLLAQAVFLLLTSQRLPETALAVPLIGKYLMFIMSLVTGVIVNCGIVLNFHFRTPSTH
VLSTRVKQIFLEKLPRILHMSRADESEQPDWQNDLKLRRSSSVGYISKAQEYFNIKSRSELMFEKQSERHGLVPRVTPRI
GFGNNNENIAASDQLHDEIKSGIDSTNYIVKQIKEKNAYDEEVGNWNLVGQTIDRLSMFIITPVMVLGTIFIFVMGNFNH
PPAKPFEGDPFDYSSDHPRC
;
B
3 'polypeptide(L)'
;SVMEDTLLSVLFETYNPKVRPAQTVGDKVTVRVGLTLTNLLILNEKIEEMTTNVFLNLAWTDYRLQWDPAAYEGIKDLRI
PSSDVWQPDIVLMNNNDGSFEITLHVNVLVQHTGAVSWQPSAIYRSSCTIKVMYFPFDWQNCTMVFKSYTYDTSEVTLQH
ALDAKGEREVKEIVINKDAFTENGQWSIEHKPSRKNWRSDDPSYEDVTFYLIIQRKPLFYIVYTIIPCILISILAILVFY
LPPDAGEKMSLSISALLAVTVFLLLLADKVPETSLSVPIIIRYLMFIMILVAFSVILSVVVLNLHHRSPNTHTMPNWIRQ
IFIETLPPFLWIQRPVTTPSPDSKPTIISRANDEYFIRKPAGDFVCPVDNARVAVQPERLFSEMKWHLNGLTQPVTLPQD
LKEAVEAIKYIAEQLESASEFDDLKKDWQYVAMVADRLFLYVFFVICSIGTFSIFLDASHNVPPDNPFA
;
C
4 'polypeptide(L)'
;ENEEGRLIEKLLGDYDKRIIPAKTLDHIIDVTLKLTLTNLISLNEKEEALTTNVWIEIQWNDYRLSWNTSEYEGIDLVRI
PSELLWLPDVVLENNVDGQFEVAYYANVLVYNDGSMYWLPPAIYRSTCPIAVTYFPFDWQNCSLVFRSQTYNAHEVNLQL
SAEEGEAVEWIHIDPEDFTENGEWTIRHRPAKKNYNWQLTKDDTDFQEIIFFLIIQRKPLFYIINIIAPCVLISSLVVLV
YFLPAQAGGQKCTLSISVLLAQTIFLFLIAQKVPETSLNVPLIGKYLIFVMFVSMLIVMNCVIVLNVSLRTPNTHSLSEK
IKHLFLGFLPKYLGMQLEPSEETPEKPQPRRRSSFGIMIKAEEYILKKPRSELMFEEQKDRHGLKRVNKMTSDIDIGTTV
DLYKDLANFAPEIKSCVEACNFIAKSTKEQNDSGSENENWVLIGKVIDKACFWIALLLFSIGTLAIFLTGHFNQVPEFPF
PGDPRKYVP
;
E
#
# COMPACT_ATOMS: atom_id res chain seq x y z
N SER A 1 -11.75 54.32 -4.39
CA SER A 1 -12.00 55.68 -3.84
C SER A 1 -10.72 56.48 -3.74
N GLU A 2 -10.74 57.71 -4.24
CA GLU A 2 -9.57 58.56 -4.08
C GLU A 2 -9.28 58.83 -2.62
N HIS A 3 -10.34 58.95 -1.80
CA HIS A 3 -10.15 59.16 -0.38
C HIS A 3 -9.36 58.01 0.24
N GLU A 4 -9.76 56.78 -0.06
CA GLU A 4 -9.06 55.63 0.51
C GLU A 4 -7.66 55.49 -0.07
N THR A 5 -7.47 55.82 -1.35
CA THR A 5 -6.13 55.78 -1.91
C THR A 5 -5.20 56.75 -1.18
N ARG A 6 -5.67 57.98 -0.96
CA ARG A 6 -4.87 58.95 -0.24
C ARG A 6 -4.61 58.48 1.19
N LEU A 7 -5.62 57.91 1.83
CA LEU A 7 -5.44 57.43 3.21
C LEU A 7 -4.36 56.36 3.27
N VAL A 8 -4.44 55.37 2.39
CA VAL A 8 -3.45 54.30 2.44
C VAL A 8 -2.07 54.81 2.08
N ALA A 9 -1.98 55.78 1.16
CA ALA A 9 -0.68 56.37 0.86
C ALA A 9 -0.11 57.07 2.08
N ASN A 10 -0.94 57.81 2.80
CA ASN A 10 -0.43 58.55 3.96
C ASN A 10 -0.07 57.64 5.11
N LEU A 11 -0.82 56.55 5.30
CA LEU A 11 -0.56 55.69 6.45
C LEU A 11 0.80 55.03 6.38
N LEU A 12 1.20 54.56 5.20
CA LEU A 12 2.40 53.74 5.05
C LEU A 12 3.59 54.52 4.51
N GLU A 13 3.52 55.85 4.46
CA GLU A 13 4.63 56.61 3.90
C GLU A 13 5.88 56.50 4.77
N ASN A 14 5.74 56.74 6.07
CA ASN A 14 6.85 56.72 7.01
C ASN A 14 6.69 55.58 8.00
N TYR A 15 6.27 54.41 7.51
CA TYR A 15 5.97 53.26 8.34
C TYR A 15 7.06 52.23 8.16
N ASN A 16 7.63 51.77 9.27
CA ASN A 16 8.65 50.73 9.26
C ASN A 16 8.07 49.48 9.90
N LYS A 17 7.85 48.45 9.10
CA LYS A 17 7.15 47.26 9.55
C LYS A 17 8.02 46.34 10.40
N VAL A 18 9.26 46.73 10.71
CA VAL A 18 10.12 45.90 11.54
C VAL A 18 10.26 46.45 12.96
N ILE A 19 9.40 47.38 13.35
CA ILE A 19 9.41 47.97 14.68
C ILE A 19 8.10 47.64 15.35
N ARG A 20 8.16 47.29 16.64
CA ARG A 20 6.94 47.00 17.37
C ARG A 20 6.05 48.23 17.42
N PRO A 21 4.75 48.07 17.45
CA PRO A 21 3.84 49.22 17.57
C PRO A 21 3.63 49.69 19.01
N VAL A 22 4.62 50.40 19.54
CA VAL A 22 4.58 50.90 20.91
C VAL A 22 5.03 52.35 20.92
N GLU A 23 4.40 53.15 21.79
CA GLU A 23 4.81 54.53 21.93
C GLU A 23 6.24 54.64 22.46
N HIS A 24 6.57 53.85 23.47
CA HIS A 24 7.89 53.84 24.08
C HIS A 24 8.39 52.41 24.16
N HIS A 25 9.69 52.22 23.95
CA HIS A 25 10.22 50.87 23.81
C HIS A 25 10.09 50.04 25.08
N THR A 26 9.79 50.66 26.22
CA THR A 26 9.63 49.91 27.45
C THR A 26 8.21 49.35 27.63
N HIS A 27 7.26 49.81 26.83
CA HIS A 27 5.91 49.28 26.89
C HIS A 27 5.86 47.90 26.22
N PHE A 28 4.67 47.32 26.15
CA PHE A 28 4.47 46.06 25.47
C PHE A 28 3.19 46.13 24.64
N VAL A 29 3.12 45.23 23.65
CA VAL A 29 1.99 45.16 22.74
C VAL A 29 1.07 44.05 23.21
N ASP A 30 -0.15 44.41 23.58
CA ASP A 30 -1.14 43.45 24.04
C ASP A 30 -1.88 42.86 22.84
N ILE A 31 -1.82 41.54 22.68
CA ILE A 31 -2.44 40.86 21.55
C ILE A 31 -3.46 39.88 22.11
N THR A 32 -4.67 39.92 21.58
CA THR A 32 -5.72 38.99 21.93
C THR A 32 -5.77 37.87 20.89
N VAL A 33 -5.53 36.64 21.33
CA VAL A 33 -5.41 35.48 20.46
C VAL A 33 -6.57 34.54 20.72
N GLY A 34 -7.26 34.15 19.66
CA GLY A 34 -8.31 33.15 19.77
C GLY A 34 -8.16 32.15 18.65
N LEU A 35 -8.64 30.93 18.92
CA LEU A 35 -8.51 29.82 18.00
C LEU A 35 -9.90 29.38 17.56
N GLN A 36 -10.10 29.18 16.27
CA GLN A 36 -11.39 28.77 15.72
C GLN A 36 -11.16 27.47 14.95
N LEU A 37 -11.54 26.35 15.57
CA LEU A 37 -11.39 25.04 14.95
C LEU A 37 -12.49 24.85 13.92
N ILE A 38 -12.11 24.65 12.65
CA ILE A 38 -13.08 24.52 11.58
C ILE A 38 -13.30 23.05 11.26
N GLN A 39 -12.24 22.25 11.39
CA GLN A 39 -12.35 20.85 11.01
C GLN A 39 -11.22 20.07 11.67
N LEU A 40 -11.52 18.85 12.09
CA LEU A 40 -10.52 17.93 12.61
C LEU A 40 -10.18 16.97 11.48
N ILE A 41 -9.09 17.24 10.78
CA ILE A 41 -8.82 16.52 9.54
C ILE A 41 -8.47 15.08 9.82
N SER A 42 -7.60 14.82 10.79
CA SER A 42 -7.22 13.43 11.04
C SER A 42 -6.41 13.32 12.32
N VAL A 43 -6.27 12.09 12.79
CA VAL A 43 -5.38 11.74 13.89
C VAL A 43 -4.56 10.53 13.45
N ASP A 44 -3.26 10.58 13.70
CA ASP A 44 -2.33 9.50 13.37
C ASP A 44 -1.74 9.01 14.69
N GLU A 45 -2.16 7.80 15.10
CA GLU A 45 -1.78 7.28 16.40
C GLU A 45 -0.35 6.75 16.41
N VAL A 46 0.09 6.17 15.28
CA VAL A 46 1.44 5.62 15.24
C VAL A 46 2.48 6.72 15.38
N ASN A 47 2.29 7.82 14.65
CA ASN A 47 3.20 8.96 14.71
C ASN A 47 2.78 10.01 15.72
N GLN A 48 1.58 9.90 16.28
CA GLN A 48 1.12 10.81 17.31
C GLN A 48 0.94 12.24 16.77
N ILE A 49 0.29 12.37 15.62
CA ILE A 49 0.16 13.65 14.93
C ILE A 49 -1.31 13.93 14.68
N VAL A 50 -1.79 15.07 15.16
CA VAL A 50 -3.17 15.48 14.99
C VAL A 50 -3.20 16.61 13.98
N GLU A 51 -3.94 16.42 12.89
CA GLU A 51 -4.05 17.40 11.81
C GLU A 51 -5.40 18.07 11.87
N THR A 52 -5.40 19.39 12.05
CA THR A 52 -6.59 20.19 12.21
C THR A 52 -6.55 21.39 11.28
N ASN A 53 -7.73 21.80 10.84
CA ASN A 53 -7.90 23.02 10.07
C ASN A 53 -8.48 24.10 11.00
N VAL A 54 -7.81 25.25 11.07
CA VAL A 54 -8.16 26.26 12.07
C VAL A 54 -8.06 27.64 11.45
N ARG A 55 -8.60 28.62 12.17
CA ARG A 55 -8.36 30.03 11.93
C ARG A 55 -7.79 30.63 13.21
N LEU A 56 -6.77 31.47 13.06
CA LEU A 56 -6.03 31.99 14.20
C LEU A 56 -6.32 33.48 14.34
N ARG A 57 -7.41 33.79 15.04
CA ARG A 57 -7.82 35.19 15.18
C ARG A 57 -6.86 35.92 16.10
N GLN A 58 -6.38 37.08 15.66
CA GLN A 58 -5.47 37.91 16.43
C GLN A 58 -5.93 39.34 16.36
N GLN A 59 -5.89 40.03 17.50
CA GLN A 59 -6.24 41.44 17.55
C GLN A 59 -5.17 42.20 18.31
N TRP A 60 -4.86 43.40 17.84
CA TRP A 60 -3.96 44.26 18.61
C TRP A 60 -4.21 45.71 18.19
N ILE A 61 -3.37 46.62 18.66
CA ILE A 61 -3.54 48.05 18.39
C ILE A 61 -2.20 48.60 17.90
N ASP A 62 -2.23 49.25 16.74
CA ASP A 62 -1.05 49.88 16.16
C ASP A 62 -1.25 51.39 16.23
N VAL A 63 -0.52 52.05 17.11
CA VAL A 63 -0.69 53.49 17.32
C VAL A 63 -0.34 54.27 16.06
N ARG A 64 0.54 53.74 15.21
CA ARG A 64 1.00 54.49 14.05
C ARG A 64 -0.02 54.53 12.93
N LEU A 65 -1.12 53.78 13.02
CA LEU A 65 -2.08 53.69 11.94
C LEU A 65 -3.40 54.39 12.27
N ARG A 66 -3.41 55.30 13.23
CA ARG A 66 -4.60 56.10 13.47
C ARG A 66 -4.80 57.09 12.34
N TRP A 67 -6.06 57.49 12.15
CA TRP A 67 -6.39 58.59 11.26
C TRP A 67 -7.73 59.16 11.68
N ASN A 68 -8.02 60.36 11.21
CA ASN A 68 -9.26 61.04 11.54
C ASN A 68 -10.25 60.85 10.40
N PRO A 69 -11.38 60.18 10.61
CA PRO A 69 -12.28 59.93 9.47
C PRO A 69 -12.74 61.18 8.76
N ALA A 70 -12.94 62.29 9.49
CA ALA A 70 -13.46 63.49 8.87
C ALA A 70 -12.56 63.97 7.73
N ASP A 71 -11.27 63.70 7.81
CA ASP A 71 -10.33 64.16 6.79
C ASP A 71 -10.27 63.23 5.58
N TYR A 72 -10.97 62.10 5.60
CA TYR A 72 -10.90 61.13 4.52
C TYR A 72 -12.29 60.66 4.14
N GLY A 73 -13.21 61.60 3.99
CA GLY A 73 -14.53 61.27 3.50
C GLY A 73 -15.32 60.34 4.37
N GLY A 74 -14.98 60.25 5.65
CA GLY A 74 -15.73 59.41 6.57
C GLY A 74 -15.38 57.95 6.56
N ILE A 75 -14.26 57.57 5.96
CA ILE A 75 -13.85 56.16 5.96
C ILE A 75 -13.46 55.77 7.37
N LYS A 76 -14.02 54.66 7.85
CA LYS A 76 -13.77 54.21 9.22
C LYS A 76 -13.03 52.89 9.32
N LYS A 77 -13.03 52.07 8.27
CA LYS A 77 -12.32 50.81 8.26
C LYS A 77 -11.74 50.58 6.89
N ILE A 78 -10.62 49.86 6.83
CA ILE A 78 -10.04 49.45 5.56
C ILE A 78 -9.46 48.05 5.71
N ARG A 79 -9.11 47.46 4.58
CA ARG A 79 -8.46 46.17 4.52
C ARG A 79 -7.07 46.36 3.92
N LEU A 80 -6.06 45.81 4.58
CA LEU A 80 -4.69 45.98 4.13
C LEU A 80 -4.01 44.63 4.02
N PRO A 81 -3.08 44.47 3.08
CA PRO A 81 -2.30 43.24 3.04
C PRO A 81 -1.47 43.09 4.31
N SER A 82 -1.59 41.92 4.94
CA SER A 82 -0.86 41.69 6.18
C SER A 82 0.64 41.83 6.00
N ASP A 83 1.14 41.66 4.77
CA ASP A 83 2.57 41.83 4.52
C ASP A 83 3.02 43.27 4.68
N ASP A 84 2.10 44.22 4.75
CA ASP A 84 2.43 45.64 4.73
C ASP A 84 2.57 46.25 6.11
N VAL A 85 2.32 45.51 7.18
CA VAL A 85 2.34 46.04 8.53
C VAL A 85 3.03 45.04 9.45
N TRP A 86 3.30 45.48 10.67
CA TRP A 86 3.90 44.61 11.67
C TRP A 86 2.92 43.53 12.09
N LEU A 87 3.41 42.31 12.20
CA LEU A 87 2.60 41.18 12.64
C LEU A 87 3.30 40.45 13.77
N PRO A 88 2.53 39.89 14.71
CA PRO A 88 3.16 39.06 15.75
C PRO A 88 3.46 37.68 15.19
N ASP A 89 4.68 37.21 15.43
CA ASP A 89 5.14 35.92 14.93
C ASP A 89 4.67 34.83 15.89
N LEU A 90 3.38 34.51 15.81
CA LEU A 90 2.85 33.41 16.59
C LEU A 90 3.32 32.09 16.00
N VAL A 91 3.82 31.20 16.84
CA VAL A 91 4.38 29.94 16.43
C VAL A 91 3.73 28.84 17.26
N LEU A 92 3.48 27.70 16.61
CA LEU A 92 2.98 26.50 17.26
C LEU A 92 4.17 25.74 17.83
N TYR A 93 4.32 25.78 19.15
CA TYR A 93 5.53 25.24 19.76
C TYR A 93 5.65 23.74 19.51
N ASN A 94 4.55 23.01 19.60
CA ASN A 94 4.57 21.56 19.49
C ASN A 94 4.19 21.09 18.09
N ASN A 95 4.59 21.84 17.07
CA ASN A 95 4.33 21.41 15.70
C ASN A 95 5.01 20.09 15.43
N ALA A 96 4.34 19.23 14.67
CA ALA A 96 4.90 17.90 14.41
C ALA A 96 5.67 17.87 13.09
N ASP A 97 4.98 18.08 11.97
CA ASP A 97 5.67 18.10 10.68
C ASP A 97 5.07 19.11 9.71
N GLY A 98 4.35 20.11 10.21
CA GLY A 98 3.78 21.14 9.38
C GLY A 98 4.55 22.44 9.47
N ASP A 99 3.87 23.53 9.16
CA ASP A 99 4.49 24.84 9.20
C ASP A 99 4.43 25.40 10.62
N PHE A 100 5.51 26.08 11.02
CA PHE A 100 5.60 26.58 12.39
C PHE A 100 4.76 27.82 12.59
N ALA A 101 4.67 28.68 11.59
CA ALA A 101 3.96 29.94 11.68
C ALA A 101 2.93 30.04 10.57
N ILE A 102 2.27 31.19 10.49
CA ILE A 102 1.26 31.44 9.48
C ILE A 102 1.93 31.70 8.15
N VAL A 103 1.48 31.01 7.10
CA VAL A 103 2.05 31.18 5.78
C VAL A 103 1.03 31.73 4.77
N HIS A 104 -0.26 31.71 5.09
CA HIS A 104 -1.29 32.28 4.22
C HIS A 104 -1.46 33.74 4.59
N MET A 105 -0.68 34.61 3.96
CA MET A 105 -0.69 36.04 4.28
C MET A 105 -1.94 36.67 3.67
N THR A 106 -3.05 36.52 4.37
CA THR A 106 -4.30 37.13 3.95
C THR A 106 -4.32 38.59 4.36
N LYS A 107 -5.44 39.26 4.08
CA LYS A 107 -5.61 40.67 4.41
C LYS A 107 -6.20 40.82 5.81
N LEU A 108 -5.98 41.98 6.40
CA LEU A 108 -6.42 42.25 7.75
C LEU A 108 -7.22 43.54 7.79
N LEU A 109 -8.11 43.62 8.78
CA LEU A 109 -9.02 44.75 8.94
C LEU A 109 -8.42 45.76 9.90
N LEU A 110 -8.49 47.04 9.53
CA LEU A 110 -7.90 48.11 10.31
C LEU A 110 -8.96 49.17 10.55
N ASP A 111 -9.16 49.54 11.82
CA ASP A 111 -10.09 50.58 12.20
C ASP A 111 -9.38 51.94 12.29
N TYR A 112 -10.17 53.00 12.38
CA TYR A 112 -9.59 54.33 12.46
C TYR A 112 -8.92 54.61 13.79
N THR A 113 -9.09 53.74 14.77
CA THR A 113 -8.45 53.87 16.07
C THR A 113 -7.15 53.10 16.17
N GLY A 114 -6.72 52.44 15.10
CA GLY A 114 -5.54 51.61 15.12
C GLY A 114 -5.78 50.16 15.43
N LYS A 115 -7.02 49.77 15.71
CA LYS A 115 -7.31 48.39 16.10
C LYS A 115 -7.23 47.48 14.88
N ILE A 116 -6.38 46.47 14.95
CA ILE A 116 -6.12 45.55 13.84
C ILE A 116 -6.70 44.19 14.21
N MET A 117 -7.43 43.59 13.27
CA MET A 117 -8.03 42.28 13.41
C MET A 117 -7.57 41.42 12.24
N TRP A 118 -7.04 40.24 12.52
CA TRP A 118 -6.43 39.40 11.50
C TRP A 118 -6.80 37.94 11.76
N THR A 119 -7.47 37.30 10.82
CA THR A 119 -7.95 35.93 10.98
C THR A 119 -7.43 35.08 9.82
N PRO A 120 -6.16 34.70 9.86
CA PRO A 120 -5.61 33.85 8.83
C PRO A 120 -5.97 32.39 9.06
N PRO A 121 -6.16 31.61 8.01
CA PRO A 121 -6.35 30.18 8.17
C PRO A 121 -5.02 29.46 8.33
N ALA A 122 -5.11 28.24 8.86
CA ALA A 122 -3.90 27.45 9.10
C ALA A 122 -4.27 25.99 9.12
N ILE A 123 -3.30 25.17 8.78
CA ILE A 123 -3.38 23.73 8.93
C ILE A 123 -2.34 23.36 9.97
N PHE A 124 -2.79 23.04 11.18
CA PHE A 124 -1.90 22.72 12.28
C PHE A 124 -1.72 21.21 12.36
N LYS A 125 -0.47 20.75 12.31
CA LYS A 125 -0.14 19.36 12.56
C LYS A 125 0.62 19.30 13.88
N SER A 126 -0.04 18.95 14.93
CA SER A 126 0.47 19.04 16.29
C SER A 126 0.92 17.67 16.79
N TYR A 127 1.88 17.68 17.71
CA TYR A 127 2.31 16.46 18.35
C TYR A 127 1.35 16.10 19.48
N CYS A 128 0.77 14.91 19.39
CA CYS A 128 -0.34 14.50 20.23
C CYS A 128 0.06 13.21 20.95
N GLU A 129 0.32 13.28 22.25
CA GLU A 129 0.64 12.06 22.98
C GLU A 129 -0.57 11.14 22.97
N ILE A 130 -0.50 10.06 22.19
CA ILE A 130 -1.62 9.16 22.00
C ILE A 130 -1.52 8.01 22.98
N ILE A 131 -2.64 7.67 23.63
CA ILE A 131 -2.74 6.53 24.52
C ILE A 131 -3.63 5.50 23.82
N VAL A 132 -3.10 4.30 23.60
CA VAL A 132 -3.82 3.25 22.89
C VAL A 132 -4.25 2.14 23.84
N THR A 133 -4.29 2.40 25.14
CA THR A 133 -4.63 1.36 26.10
C THR A 133 -6.04 0.83 25.88
N HIS A 134 -6.98 1.72 25.57
CA HIS A 134 -8.38 1.35 25.45
C HIS A 134 -8.87 1.36 24.00
N PHE A 135 -7.97 1.31 23.04
CA PHE A 135 -8.37 1.36 21.64
C PHE A 135 -9.30 0.18 21.34
N PRO A 136 -10.37 0.38 20.57
CA PRO A 136 -10.81 1.62 19.91
C PRO A 136 -11.77 2.43 20.77
N PHE A 137 -11.98 2.05 22.03
CA PHE A 137 -12.79 2.85 22.95
C PHE A 137 -11.93 3.81 23.75
N ASP A 138 -11.13 4.60 23.05
CA ASP A 138 -10.09 5.42 23.64
C ASP A 138 -10.48 6.88 23.58
N GLN A 139 -10.12 7.62 24.63
CA GLN A 139 -10.32 9.06 24.70
C GLN A 139 -8.96 9.73 24.64
N GLN A 140 -8.80 10.64 23.69
CA GLN A 140 -7.51 11.29 23.44
C GLN A 140 -7.57 12.74 23.88
N ASN A 141 -6.57 13.18 24.65
CA ASN A 141 -6.42 14.56 25.07
C ASN A 141 -5.09 15.08 24.56
N CYS A 142 -5.12 15.97 23.57
CA CYS A 142 -3.89 16.59 23.12
C CYS A 142 -4.15 17.99 22.58
N THR A 143 -3.09 18.79 22.56
CA THR A 143 -3.15 20.23 22.66
C THR A 143 -2.52 20.91 21.45
N MET A 144 -2.67 22.25 21.44
CA MET A 144 -1.94 23.14 20.53
C MET A 144 -1.32 24.24 21.37
N LYS A 145 0.01 24.25 21.47
CA LYS A 145 0.70 25.27 22.24
C LYS A 145 1.11 26.41 21.32
N LEU A 146 0.71 27.64 21.67
CA LEU A 146 0.99 28.82 20.88
C LEU A 146 1.73 29.84 21.72
N GLY A 147 2.65 30.57 21.08
CA GLY A 147 3.38 31.61 21.76
C GLY A 147 4.13 32.46 20.77
N ILE A 148 4.56 33.63 21.23
CA ILE A 148 5.36 34.52 20.40
C ILE A 148 6.80 34.04 20.45
N TRP A 149 7.37 33.72 19.29
CA TRP A 149 8.64 33.01 19.26
C TRP A 149 9.78 33.86 19.77
N THR A 150 9.91 35.09 19.29
CA THR A 150 11.12 35.88 19.50
C THR A 150 10.97 37.00 20.50
N TYR A 151 9.78 37.21 21.07
CA TYR A 151 9.56 38.28 22.02
C TYR A 151 9.12 37.69 23.36
N ASP A 152 9.63 38.24 24.42
CA ASP A 152 9.29 37.82 25.77
C ASP A 152 8.07 38.58 26.27
N GLY A 153 7.69 38.34 27.52
CA GLY A 153 6.46 38.90 28.05
C GLY A 153 6.51 40.39 28.28
N THR A 154 7.71 40.98 28.36
CA THR A 154 7.84 42.40 28.59
C THR A 154 7.82 43.21 27.29
N LYS A 155 7.74 42.54 26.14
CA LYS A 155 7.70 43.20 24.84
C LYS A 155 6.40 42.95 24.12
N VAL A 156 6.00 41.68 23.98
CA VAL A 156 4.72 41.32 23.38
C VAL A 156 4.05 40.33 24.32
N SER A 157 2.88 40.69 24.82
CA SER A 157 2.12 39.83 25.72
C SER A 157 0.84 39.40 25.03
N ILE A 158 0.52 38.11 25.14
CA ILE A 158 -0.62 37.52 24.48
C ILE A 158 -1.61 37.05 25.54
N SER A 159 -2.89 37.28 25.29
CA SER A 159 -3.95 36.86 26.20
C SER A 159 -5.02 36.13 25.42
N PRO A 160 -5.65 35.12 26.03
CA PRO A 160 -6.71 34.39 25.31
C PRO A 160 -7.92 35.27 25.07
N GLU A 161 -8.55 35.08 23.91
CA GLU A 161 -9.75 35.82 23.59
C GLU A 161 -10.92 35.39 24.47
N SER A 162 -11.11 34.08 24.62
CA SER A 162 -12.17 33.52 25.43
C SER A 162 -11.56 32.50 26.38
N ASP A 163 -12.41 31.88 27.19
CA ASP A 163 -11.96 30.82 28.08
C ASP A 163 -11.81 29.48 27.36
N ARG A 164 -12.27 29.38 26.12
CA ARG A 164 -12.20 28.13 25.38
C ARG A 164 -12.31 28.44 23.90
N PRO A 165 -11.81 27.55 23.04
CA PRO A 165 -11.86 27.81 21.59
C PRO A 165 -13.29 28.00 21.11
N ASP A 166 -13.41 28.35 19.84
CA ASP A 166 -14.71 28.59 19.21
C ASP A 166 -14.96 27.48 18.20
N LEU A 167 -16.05 26.74 18.41
CA LEU A 167 -16.45 25.66 17.50
C LEU A 167 -17.82 25.95 16.88
N SER A 168 -18.11 27.22 16.64
CA SER A 168 -19.41 27.58 16.08
C SER A 168 -19.59 26.98 14.69
N THR A 169 -18.54 27.00 13.87
CA THR A 169 -18.59 26.51 12.50
C THR A 169 -17.76 25.24 12.35
N PHE A 170 -17.79 24.38 13.36
CA PHE A 170 -16.99 23.16 13.38
C PHE A 170 -17.73 22.05 12.65
N MET A 171 -17.12 21.51 11.60
CA MET A 171 -17.73 20.40 10.89
C MET A 171 -17.70 19.14 11.74
N GLU A 172 -18.60 18.21 11.42
CA GLU A 172 -18.70 16.97 12.17
C GLU A 172 -17.71 15.94 11.64
N SER A 173 -16.90 15.39 12.55
CA SER A 173 -15.79 14.55 12.14
C SER A 173 -16.26 13.30 11.40
N GLY A 174 -17.22 12.60 11.97
CA GLY A 174 -17.58 11.29 11.46
C GLY A 174 -16.69 10.17 11.98
N GLU A 175 -15.65 10.50 12.72
CA GLU A 175 -14.81 9.51 13.39
C GLU A 175 -14.46 9.88 14.82
N TRP A 176 -14.66 11.12 15.24
CA TRP A 176 -14.39 11.55 16.60
C TRP A 176 -15.52 12.44 17.07
N VAL A 177 -15.67 12.53 18.38
CA VAL A 177 -16.71 13.35 19.00
C VAL A 177 -16.04 14.28 19.99
N MET A 178 -16.26 15.59 19.83
CA MET A 178 -15.62 16.57 20.68
C MET A 178 -16.24 16.57 22.07
N LYS A 179 -15.65 15.82 23.00
CA LYS A 179 -16.19 15.78 24.35
C LYS A 179 -15.99 17.09 25.07
N ASP A 180 -14.82 17.70 24.92
CA ASP A 180 -14.54 18.93 25.67
C ASP A 180 -13.44 19.71 24.97
N TYR A 181 -13.30 20.98 25.35
CA TYR A 181 -12.21 21.80 24.84
C TYR A 181 -12.03 23.01 25.74
N ARG A 182 -10.77 23.42 25.94
CA ARG A 182 -10.49 24.56 26.78
C ARG A 182 -9.14 25.15 26.39
N GLY A 183 -8.84 26.31 26.95
CA GLY A 183 -7.57 26.97 26.71
C GLY A 183 -7.04 27.66 27.94
N TRP A 184 -5.73 27.59 28.16
CA TRP A 184 -5.11 28.14 29.36
C TRP A 184 -3.86 28.92 28.98
N LYS A 185 -3.58 29.97 29.74
CA LYS A 185 -2.39 30.79 29.53
C LYS A 185 -1.39 30.53 30.64
N HIS A 186 -0.14 30.28 30.27
CA HIS A 186 0.92 29.99 31.23
C HIS A 186 2.00 31.04 31.16
N TRP A 187 2.46 31.48 32.33
CA TRP A 187 3.71 32.20 32.48
C TRP A 187 4.82 31.20 32.76
N VAL A 188 6.03 31.51 32.30
CA VAL A 188 7.20 30.68 32.56
C VAL A 188 8.37 31.58 32.86
N TYR A 189 9.18 31.19 33.85
CA TYR A 189 10.35 31.95 34.26
C TYR A 189 11.57 31.04 34.24
N TYR A 190 12.74 31.67 34.30
CA TYR A 190 14.00 30.95 34.28
C TYR A 190 14.92 31.49 35.38
N THR A 191 15.85 30.64 35.81
CA THR A 191 16.71 31.00 36.94
C THR A 191 17.50 32.27 36.67
N CYS A 192 17.72 32.60 35.39
CA CYS A 192 18.39 33.84 35.05
C CYS A 192 17.90 35.00 35.89
N CYS A 193 16.63 35.28 35.76
CA CYS A 193 16.09 36.60 36.02
C CYS A 193 14.57 36.55 36.05
N PRO A 194 13.93 37.03 37.12
CA PRO A 194 12.48 36.87 37.25
C PRO A 194 11.64 38.01 36.71
N ASP A 195 12.26 39.03 36.12
CA ASP A 195 11.53 40.17 35.58
C ASP A 195 11.17 39.97 34.11
N THR A 196 11.43 38.79 33.55
CA THR A 196 11.21 38.52 32.13
C THR A 196 10.38 37.25 31.98
N PRO A 197 9.06 37.35 32.02
CA PRO A 197 8.22 36.18 31.81
C PRO A 197 8.20 35.77 30.35
N TYR A 198 7.85 34.50 30.13
CA TYR A 198 7.63 33.96 28.79
C TYR A 198 6.26 33.33 28.78
N LEU A 199 5.37 33.84 27.94
CA LEU A 199 3.96 33.45 27.97
C LEU A 199 3.66 32.44 26.88
N ASP A 200 2.56 31.72 27.06
CA ASP A 200 2.05 30.89 25.99
C ASP A 200 0.60 30.53 26.28
N ILE A 201 -0.09 30.05 25.24
CA ILE A 201 -1.48 29.64 25.35
C ILE A 201 -1.59 28.22 24.83
N THR A 202 -2.13 27.33 25.65
CA THR A 202 -2.33 25.94 25.28
C THR A 202 -3.83 25.68 25.15
N TYR A 203 -4.27 25.26 23.97
CA TYR A 203 -5.65 24.89 23.72
C TYR A 203 -5.71 23.37 23.63
N HIS A 204 -6.44 22.73 24.54
CA HIS A 204 -6.54 21.27 24.55
C HIS A 204 -7.96 20.85 24.22
N PHE A 205 -8.07 19.80 23.40
CA PHE A 205 -9.35 19.24 23.00
C PHE A 205 -9.41 17.78 23.43
N ILE A 206 -10.46 17.41 24.15
CA ILE A 206 -10.69 16.05 24.60
C ILE A 206 -11.71 15.42 23.67
N MET A 207 -11.29 14.38 22.96
CA MET A 207 -12.08 13.71 21.94
C MET A 207 -12.34 12.27 22.33
N GLN A 208 -13.48 11.74 21.86
CA GLN A 208 -13.89 10.37 22.10
C GLN A 208 -14.16 9.72 20.75
N ARG A 209 -13.57 8.55 20.53
CA ARG A 209 -13.69 7.89 19.24
C ARG A 209 -15.08 7.26 19.08
N ILE A 210 -15.52 7.16 17.83
CA ILE A 210 -16.77 6.47 17.49
C ILE A 210 -16.41 5.05 17.10
N PRO A 211 -16.52 4.07 18.00
CA PRO A 211 -15.97 2.74 17.74
C PRO A 211 -16.96 1.82 17.02
N LEU A 212 -17.34 2.20 15.81
CA LEU A 212 -18.18 1.35 14.97
C LEU A 212 -17.43 0.72 13.83
N TYR A 213 -16.60 1.50 13.12
CA TYR A 213 -15.83 0.93 12.03
C TYR A 213 -14.94 -0.21 12.55
N PHE A 214 -14.21 0.06 13.63
CA PHE A 214 -13.32 -0.95 14.17
C PHE A 214 -14.09 -2.16 14.68
N VAL A 215 -15.22 -1.94 15.35
CA VAL A 215 -16.01 -3.08 15.83
C VAL A 215 -16.39 -3.98 14.66
N VAL A 216 -17.17 -3.45 13.71
CA VAL A 216 -17.68 -4.26 12.62
C VAL A 216 -16.59 -4.79 11.69
N ASN A 217 -15.37 -4.23 11.75
CA ASN A 217 -14.31 -4.69 10.86
C ASN A 217 -13.28 -5.59 11.53
N VAL A 218 -13.23 -5.62 12.86
CA VAL A 218 -12.23 -6.41 13.57
C VAL A 218 -12.90 -7.33 14.59
N ILE A 219 -13.71 -6.76 15.49
CA ILE A 219 -14.14 -7.50 16.66
C ILE A 219 -15.10 -8.62 16.27
N ILE A 220 -16.05 -8.33 15.40
CA ILE A 220 -17.03 -9.34 15.01
C ILE A 220 -16.34 -10.55 14.38
N PRO A 221 -15.44 -10.41 13.41
CA PRO A 221 -14.76 -11.60 12.88
C PRO A 221 -14.01 -12.38 13.94
N CYS A 222 -13.40 -11.69 14.91
CA CYS A 222 -12.74 -12.39 16.01
C CYS A 222 -13.73 -13.25 16.78
N LEU A 223 -14.92 -12.72 17.06
CA LEU A 223 -15.91 -13.49 17.77
C LEU A 223 -16.37 -14.69 16.94
N LEU A 224 -16.57 -14.50 15.64
CA LEU A 224 -16.99 -15.61 14.80
C LEU A 224 -15.93 -16.71 14.80
N PHE A 225 -14.66 -16.34 14.68
CA PHE A 225 -13.61 -17.34 14.71
C PHE A 225 -13.57 -18.04 16.07
N SER A 226 -13.76 -17.30 17.15
CA SER A 226 -13.77 -17.92 18.47
C SER A 226 -14.88 -18.94 18.57
N PHE A 227 -16.08 -18.59 18.10
CA PHE A 227 -17.20 -19.51 18.17
C PHE A 227 -16.92 -20.77 17.35
N LEU A 228 -16.46 -20.59 16.11
CA LEU A 228 -16.15 -21.76 15.28
C LEU A 228 -15.08 -22.62 15.93
N THR A 229 -14.16 -22.01 16.67
CA THR A 229 -13.10 -22.78 17.32
C THR A 229 -13.69 -23.79 18.29
N GLY A 230 -14.52 -23.31 19.22
CA GLY A 230 -15.18 -24.23 20.14
C GLY A 230 -16.15 -25.17 19.47
N LEU A 231 -16.61 -24.83 18.27
CA LEU A 231 -17.48 -25.72 17.53
C LEU A 231 -16.82 -27.05 17.18
N VAL A 232 -15.49 -27.15 17.26
CA VAL A 232 -14.81 -28.35 16.80
C VAL A 232 -15.00 -29.53 17.74
N PHE A 233 -15.34 -29.27 19.01
CA PHE A 233 -15.42 -30.35 19.97
C PHE A 233 -16.70 -31.15 19.88
N TYR A 234 -17.71 -30.64 19.17
CA TYR A 234 -18.91 -31.42 18.92
C TYR A 234 -18.81 -32.29 17.68
N LEU A 235 -17.76 -32.12 16.90
CA LEU A 235 -17.59 -32.90 15.68
C LEU A 235 -16.98 -34.25 16.02
N PRO A 236 -17.60 -35.36 15.63
CA PRO A 236 -17.06 -36.67 16.02
C PRO A 236 -15.74 -36.96 15.33
N THR A 237 -14.92 -37.77 16.00
CA THR A 237 -13.60 -38.07 15.46
C THR A 237 -13.66 -38.99 14.24
N ASP A 238 -14.75 -39.73 14.06
CA ASP A 238 -14.85 -40.63 12.91
C ASP A 238 -14.81 -39.84 11.61
N SER A 239 -15.51 -38.72 11.55
CA SER A 239 -15.44 -37.86 10.38
C SER A 239 -14.07 -37.20 10.33
N GLY A 240 -13.28 -37.52 9.31
CA GLY A 240 -11.93 -37.01 9.25
C GLY A 240 -11.90 -35.54 8.95
N GLU A 241 -12.42 -34.72 9.87
CA GLU A 241 -12.50 -33.28 9.64
C GLU A 241 -12.19 -32.44 10.85
N LYS A 242 -11.78 -33.01 11.98
CA LYS A 242 -11.50 -32.19 13.16
C LYS A 242 -10.33 -31.26 12.88
N MET A 243 -9.20 -31.82 12.46
CA MET A 243 -8.05 -30.97 12.19
C MET A 243 -8.32 -30.05 11.01
N THR A 244 -9.03 -30.54 9.99
CA THR A 244 -9.36 -29.68 8.87
C THR A 244 -10.06 -28.42 9.35
N LEU A 245 -11.13 -28.57 10.13
CA LEU A 245 -11.89 -27.41 10.58
C LEU A 245 -11.06 -26.51 11.48
N SER A 246 -10.41 -27.10 12.49
CA SER A 246 -9.67 -26.27 13.44
C SER A 246 -8.51 -25.55 12.77
N ILE A 247 -7.78 -26.24 11.90
CA ILE A 247 -6.63 -25.64 11.24
C ILE A 247 -7.08 -24.59 10.24
N SER A 248 -8.23 -24.80 9.59
CA SER A 248 -8.77 -23.76 8.72
C SER A 248 -9.08 -22.51 9.51
N VAL A 249 -9.66 -22.68 10.70
CA VAL A 249 -9.91 -21.52 11.56
C VAL A 249 -8.60 -20.83 11.90
N LEU A 250 -7.57 -21.59 12.24
CA LEU A 250 -6.29 -20.99 12.60
C LEU A 250 -5.70 -20.21 11.44
N LEU A 251 -5.73 -20.77 10.24
CA LEU A 251 -5.17 -20.06 9.09
C LEU A 251 -5.98 -18.84 8.74
N SER A 252 -7.31 -18.91 8.87
CA SER A 252 -8.12 -17.73 8.61
C SER A 252 -7.77 -16.62 9.59
N LEU A 253 -7.57 -16.96 10.86
CA LEU A 253 -7.18 -15.96 11.84
C LEU A 253 -5.79 -15.40 11.52
N THR A 254 -4.88 -16.25 11.08
CA THR A 254 -3.56 -15.78 10.67
C THR A 254 -3.65 -14.79 9.52
N VAL A 255 -4.51 -15.07 8.54
CA VAL A 255 -4.69 -14.12 7.45
C VAL A 255 -5.29 -12.83 7.97
N PHE A 256 -6.26 -12.93 8.88
CA PHE A 256 -6.83 -11.74 9.51
C PHE A 256 -5.77 -10.91 10.20
N LEU A 257 -4.67 -11.54 10.60
CA LEU A 257 -3.53 -10.78 11.10
C LEU A 257 -3.14 -9.65 10.17
N LEU A 258 -3.14 -9.89 8.86
CA LEU A 258 -2.77 -8.83 7.92
C LEU A 258 -3.67 -7.61 8.09
N VAL A 259 -4.99 -7.83 8.05
CA VAL A 259 -5.93 -6.73 8.17
C VAL A 259 -5.74 -6.00 9.50
N ILE A 260 -5.67 -6.76 10.58
CA ILE A 260 -5.58 -6.12 11.89
C ILE A 260 -4.29 -5.32 12.01
N VAL A 261 -3.17 -5.87 11.55
CA VAL A 261 -1.90 -5.15 11.64
C VAL A 261 -1.96 -3.86 10.84
N GLU A 262 -2.54 -3.90 9.64
CA GLU A 262 -2.58 -2.66 8.86
C GLU A 262 -3.54 -1.65 9.48
N LEU A 263 -4.55 -2.10 10.23
CA LEU A 263 -5.54 -1.16 10.77
C LEU A 263 -5.12 -0.60 12.13
N ILE A 264 -4.82 -1.47 13.09
CA ILE A 264 -4.60 -1.05 14.46
C ILE A 264 -3.33 -0.21 14.55
N PRO A 265 -3.16 0.60 15.59
CA PRO A 265 -1.91 1.35 15.74
C PRO A 265 -0.73 0.43 16.00
N SER A 266 0.44 0.87 15.56
CA SER A 266 1.67 0.09 15.64
C SER A 266 2.65 0.67 16.65
N THR A 267 2.13 1.21 17.76
CA THR A 267 3.00 1.74 18.79
C THR A 267 3.48 0.63 19.72
N SER A 268 4.47 0.96 20.54
CA SER A 268 5.02 0.03 21.52
C SER A 268 4.90 0.56 22.94
N SER A 269 4.19 1.67 23.14
CA SER A 269 4.04 2.21 24.48
C SER A 269 3.26 1.24 25.38
N ALA A 270 2.18 0.66 24.86
CA ALA A 270 1.35 -0.23 25.65
C ALA A 270 0.58 -1.14 24.70
N VAL A 271 0.05 -2.23 25.26
CA VAL A 271 -0.69 -3.22 24.48
C VAL A 271 -2.13 -2.75 24.31
N PRO A 272 -2.63 -2.57 23.09
CA PRO A 272 -4.01 -2.14 22.93
C PRO A 272 -4.98 -3.20 23.43
N LEU A 273 -6.19 -2.75 23.75
CA LEU A 273 -7.22 -3.66 24.22
C LEU A 273 -7.52 -4.75 23.19
N ILE A 274 -7.74 -4.34 21.94
CA ILE A 274 -7.95 -5.33 20.89
C ILE A 274 -6.71 -6.17 20.65
N GLY A 275 -5.53 -5.64 20.96
CA GLY A 275 -4.34 -6.48 20.93
C GLY A 275 -4.43 -7.62 21.92
N LYS A 276 -4.87 -7.32 23.15
CA LYS A 276 -5.06 -8.37 24.14
C LYS A 276 -6.12 -9.35 23.67
N TYR A 277 -7.22 -8.84 23.10
CA TYR A 277 -8.28 -9.74 22.66
C TYR A 277 -7.78 -10.67 21.56
N MET A 278 -7.03 -10.13 20.60
CA MET A 278 -6.55 -10.98 19.51
C MET A 278 -5.53 -12.00 20.00
N LEU A 279 -4.64 -11.60 20.91
CA LEU A 279 -3.71 -12.58 21.46
C LEU A 279 -4.46 -13.67 22.19
N PHE A 280 -5.51 -13.30 22.92
CA PHE A 280 -6.33 -14.30 23.60
C PHE A 280 -6.97 -15.24 22.59
N THR A 281 -7.47 -14.70 21.47
CA THR A 281 -8.09 -15.55 20.47
C THR A 281 -7.08 -16.51 19.84
N MET A 282 -5.87 -16.01 19.55
CA MET A 282 -4.85 -16.89 18.99
C MET A 282 -4.51 -18.03 19.95
N ILE A 283 -4.31 -17.71 21.21
CA ILE A 283 -3.99 -18.74 22.19
C ILE A 283 -5.17 -19.71 22.33
N PHE A 284 -6.39 -19.18 22.26
CA PHE A 284 -7.58 -20.02 22.33
C PHE A 284 -7.58 -21.05 21.21
N VAL A 285 -7.37 -20.59 19.97
CA VAL A 285 -7.38 -21.49 18.84
C VAL A 285 -6.27 -22.52 18.95
N ILE A 286 -5.07 -22.09 19.33
CA ILE A 286 -3.95 -23.01 19.41
C ILE A 286 -4.19 -24.07 20.49
N SER A 287 -4.73 -23.65 21.64
CA SER A 287 -5.04 -24.61 22.69
C SER A 287 -6.10 -25.60 22.22
N SER A 288 -7.10 -25.11 21.50
CA SER A 288 -8.11 -26.03 20.98
C SER A 288 -7.48 -27.04 20.04
N ILE A 289 -6.55 -26.61 19.20
CA ILE A 289 -5.90 -27.54 18.26
C ILE A 289 -5.10 -28.58 19.02
N ILE A 290 -4.36 -28.16 20.05
CA ILE A 290 -3.55 -29.12 20.80
C ILE A 290 -4.45 -30.15 21.48
N ILE A 291 -5.50 -29.68 22.14
CA ILE A 291 -6.38 -30.61 22.85
C ILE A 291 -7.10 -31.52 21.86
N THR A 292 -7.45 -30.99 20.69
CA THR A 292 -8.09 -31.83 19.68
C THR A 292 -7.13 -32.90 19.18
N VAL A 293 -5.86 -32.57 19.02
CA VAL A 293 -4.89 -33.59 18.64
C VAL A 293 -4.83 -34.68 19.69
N VAL A 294 -4.82 -34.28 20.97
CA VAL A 294 -4.78 -35.28 22.03
C VAL A 294 -6.02 -36.16 21.99
N VAL A 295 -7.19 -35.57 21.79
CA VAL A 295 -8.43 -36.34 21.74
C VAL A 295 -8.40 -37.32 20.57
N ILE A 296 -7.97 -36.84 19.40
CA ILE A 296 -7.90 -37.71 18.24
C ILE A 296 -6.96 -38.87 18.50
N ASN A 297 -5.82 -38.59 19.11
CA ASN A 297 -4.89 -39.66 19.45
C ASN A 297 -5.55 -40.67 20.37
N THR A 298 -6.30 -40.19 21.36
CA THR A 298 -6.96 -41.10 22.29
C THR A 298 -7.98 -41.97 21.58
N HIS A 299 -8.74 -41.40 20.66
CA HIS A 299 -9.83 -42.14 20.02
C HIS A 299 -9.32 -43.34 19.25
N HIS A 300 -8.09 -43.29 18.75
CA HIS A 300 -7.53 -44.35 17.93
C HIS A 300 -6.59 -45.26 18.70
N ARG A 301 -6.56 -45.16 20.02
CA ARG A 301 -5.68 -46.00 20.82
C ARG A 301 -6.05 -47.46 20.61
N SER A 302 -5.03 -48.30 20.42
CA SER A 302 -5.31 -49.69 20.17
C SER A 302 -5.08 -50.53 21.42
N PRO A 303 -5.91 -51.53 21.69
CA PRO A 303 -5.68 -52.38 22.86
C PRO A 303 -4.42 -53.21 22.74
N SER A 304 -3.91 -53.42 21.53
CA SER A 304 -2.71 -54.22 21.37
C SER A 304 -1.52 -53.61 22.09
N THR A 305 -1.38 -52.28 21.98
CA THR A 305 -0.24 -51.57 22.56
C THR A 305 -0.58 -50.92 23.90
N HIS A 306 -1.64 -50.13 23.95
CA HIS A 306 -2.00 -49.37 25.13
C HIS A 306 -3.07 -50.09 25.93
N THR A 307 -2.90 -50.11 27.26
CA THR A 307 -3.90 -50.62 28.17
C THR A 307 -4.47 -49.47 28.98
N MET A 308 -5.78 -49.46 29.14
CA MET A 308 -6.43 -48.34 29.81
C MET A 308 -6.06 -48.33 31.29
N PRO A 309 -5.48 -47.26 31.82
CA PRO A 309 -5.21 -47.22 33.25
C PRO A 309 -6.50 -47.19 34.05
N GLN A 310 -6.42 -47.68 35.29
CA GLN A 310 -7.62 -47.81 36.11
C GLN A 310 -8.26 -46.45 36.38
N TRP A 311 -7.44 -45.43 36.66
CA TRP A 311 -7.99 -44.13 37.01
C TRP A 311 -8.78 -43.53 35.85
N VAL A 312 -8.31 -43.73 34.62
CA VAL A 312 -9.03 -43.22 33.46
C VAL A 312 -10.41 -43.85 33.38
N ARG A 313 -10.48 -45.17 33.55
CA ARG A 313 -11.76 -45.85 33.53
C ARG A 313 -12.67 -45.35 34.64
N LYS A 314 -12.11 -45.17 35.84
CA LYS A 314 -12.92 -44.72 36.96
C LYS A 314 -13.48 -43.32 36.73
N ILE A 315 -12.67 -42.43 36.16
CA ILE A 315 -13.09 -41.04 36.00
C ILE A 315 -14.01 -40.88 34.81
N PHE A 316 -13.53 -41.22 33.62
CA PHE A 316 -14.21 -40.87 32.38
C PHE A 316 -15.30 -41.84 31.97
N ILE A 317 -15.38 -43.02 32.57
CA ILE A 317 -16.40 -44.00 32.21
C ILE A 317 -17.42 -44.22 33.31
N ASP A 318 -17.11 -43.88 34.56
CA ASP A 318 -18.02 -44.11 35.68
C ASP A 318 -18.46 -42.83 36.35
N THR A 319 -17.53 -41.92 36.64
CA THR A 319 -17.86 -40.72 37.41
C THR A 319 -18.48 -39.63 36.53
N ILE A 320 -17.70 -39.13 35.57
CA ILE A 320 -18.12 -37.92 34.85
C ILE A 320 -19.40 -38.12 34.08
N PRO A 321 -19.59 -39.21 33.32
CA PRO A 321 -20.80 -39.32 32.49
C PRO A 321 -22.08 -39.15 33.28
N ASN A 322 -22.10 -39.57 34.53
CA ASN A 322 -23.33 -39.47 35.33
C ASN A 322 -23.71 -38.02 35.60
N VAL A 323 -22.72 -37.14 35.75
CA VAL A 323 -22.99 -35.76 36.14
C VAL A 323 -23.03 -34.83 34.91
N MET A 324 -23.25 -35.38 33.73
CA MET A 324 -23.36 -34.60 32.50
C MET A 324 -24.83 -34.59 32.09
N PHE A 325 -25.58 -33.63 32.63
CA PHE A 325 -27.02 -33.64 32.44
C PHE A 325 -27.41 -33.24 31.02
N PHE A 326 -26.70 -32.28 30.45
CA PHE A 326 -27.11 -31.73 29.16
C PHE A 326 -27.07 -32.79 28.06
N SER A 327 -26.03 -33.62 28.04
CA SER A 327 -25.87 -34.61 26.99
C SER A 327 -26.80 -35.79 27.19
N THR A 328 -27.11 -36.46 26.07
CA THR A 328 -27.95 -37.65 26.07
C THR A 328 -27.15 -38.93 25.90
N MET A 329 -25.84 -38.88 26.11
CA MET A 329 -25.00 -40.04 25.88
C MET A 329 -25.38 -41.17 26.82
N LYS A 330 -25.08 -42.39 26.40
CA LYS A 330 -25.40 -43.57 27.21
C LYS A 330 -24.54 -43.59 28.48
N ARG A 331 -25.09 -44.22 29.51
CA ARG A 331 -24.39 -44.37 30.78
C ARG A 331 -24.41 -45.81 31.25
N PRO A 370 -8.14 -88.02 8.77
CA PRO A 370 -8.81 -87.51 7.56
C PRO A 370 -9.01 -86.00 7.60
N ASP A 371 -9.80 -85.48 6.66
CA ASP A 371 -10.05 -84.04 6.58
C ASP A 371 -11.06 -83.55 7.60
N VAL A 372 -11.84 -84.45 8.18
CA VAL A 372 -12.84 -84.03 9.17
C VAL A 372 -12.14 -83.41 10.38
N LYS A 373 -11.02 -83.99 10.81
CA LYS A 373 -10.27 -83.41 11.91
C LYS A 373 -9.80 -82.00 11.58
N SER A 374 -9.29 -81.81 10.35
CA SER A 374 -8.84 -80.49 9.96
C SER A 374 -10.00 -79.50 9.95
N ALA A 375 -11.16 -79.94 9.47
CA ALA A 375 -12.32 -79.05 9.45
C ALA A 375 -12.74 -78.65 10.85
N ILE A 376 -12.78 -79.61 11.78
CA ILE A 376 -13.17 -79.29 13.15
C ILE A 376 -12.17 -78.36 13.80
N GLU A 377 -10.87 -78.62 13.59
CA GLU A 377 -9.85 -77.75 14.14
C GLU A 377 -9.97 -76.34 13.57
N GLY A 378 -10.27 -76.24 12.27
CA GLY A 378 -10.44 -74.93 11.68
C GLY A 378 -11.64 -74.19 12.22
N VAL A 379 -12.74 -74.90 12.46
CA VAL A 379 -13.91 -74.25 13.05
C VAL A 379 -13.59 -73.74 14.44
N LYS A 380 -12.89 -74.55 15.24
CA LYS A 380 -12.47 -74.08 16.56
C LYS A 380 -11.57 -72.85 16.46
N TYR A 381 -10.66 -72.87 15.48
CA TYR A 381 -9.77 -71.72 15.29
C TYR A 381 -10.55 -70.48 14.94
N ILE A 382 -11.55 -70.61 14.07
CA ILE A 382 -12.39 -69.46 13.74
C ILE A 382 -13.09 -68.94 14.98
N ALA A 383 -13.64 -69.85 15.79
CA ALA A 383 -14.37 -69.40 16.98
C ALA A 383 -13.45 -68.65 17.94
N GLU A 384 -12.25 -69.18 18.19
CA GLU A 384 -11.35 -68.51 19.12
C GLU A 384 -10.87 -67.18 18.57
N HIS A 385 -10.62 -67.11 17.25
CA HIS A 385 -10.23 -65.84 16.66
C HIS A 385 -11.34 -64.81 16.81
N MET A 386 -12.60 -65.23 16.65
CA MET A 386 -13.70 -64.30 16.82
C MET A 386 -13.81 -63.83 18.28
N LYS A 387 -13.54 -64.73 19.23
CA LYS A 387 -13.50 -64.28 20.63
C LYS A 387 -12.44 -63.20 20.83
N SER A 388 -11.24 -63.43 20.29
CA SER A 388 -10.17 -62.44 20.45
C SER A 388 -10.56 -61.13 19.79
N ASP A 389 -11.17 -61.18 18.61
CA ASP A 389 -11.59 -59.96 17.94
C ASP A 389 -12.63 -59.22 18.76
N GLU A 390 -13.55 -59.95 19.39
CA GLU A 390 -14.54 -59.29 20.23
C GLU A 390 -13.87 -58.58 21.40
N GLU A 391 -12.90 -59.22 22.04
CA GLU A 391 -12.21 -58.57 23.15
C GLU A 391 -11.50 -57.29 22.69
N SER A 392 -10.76 -57.39 21.58
CA SER A 392 -10.05 -56.22 21.07
C SER A 392 -11.03 -55.10 20.72
N SER A 393 -12.13 -55.45 20.07
CA SER A 393 -13.11 -54.44 19.69
C SER A 393 -13.71 -53.77 20.92
N ASN A 394 -13.99 -54.54 21.97
CA ASN A 394 -14.54 -53.94 23.18
C ASN A 394 -13.56 -52.95 23.78
N ALA A 395 -12.28 -53.31 23.84
CA ALA A 395 -11.29 -52.37 24.40
C ALA A 395 -11.19 -51.11 23.56
N ALA A 396 -11.13 -51.25 22.24
CA ALA A 396 -11.06 -50.07 21.38
C ALA A 396 -12.30 -49.21 21.55
N GLU A 397 -13.45 -49.85 21.70
CA GLU A 397 -14.70 -49.14 21.90
C GLU A 397 -14.68 -48.34 23.20
N GLU A 398 -14.09 -48.91 24.25
CA GLU A 398 -13.93 -48.16 25.50
C GLU A 398 -13.07 -46.93 25.29
N TRP A 399 -11.99 -47.07 24.53
CA TRP A 399 -11.15 -45.90 24.25
C TRP A 399 -11.94 -44.82 23.51
N LYS A 400 -12.75 -45.23 22.54
CA LYS A 400 -13.57 -44.26 21.82
C LYS A 400 -14.53 -43.56 22.76
N TYR A 401 -15.13 -44.30 23.69
CA TYR A 401 -16.06 -43.70 24.64
C TYR A 401 -15.35 -42.65 25.50
N VAL A 402 -14.15 -42.97 25.98
CA VAL A 402 -13.39 -42.00 26.76
C VAL A 402 -13.15 -40.74 25.94
N ALA A 403 -12.77 -40.91 24.67
CA ALA A 403 -12.51 -39.75 23.83
C ALA A 403 -13.76 -38.89 23.69
N MET A 404 -14.92 -39.52 23.49
CA MET A 404 -16.15 -38.75 23.35
C MET A 404 -16.48 -37.97 24.62
N VAL A 405 -16.28 -38.59 25.78
CA VAL A 405 -16.54 -37.88 27.03
C VAL A 405 -15.62 -36.69 27.17
N ILE A 406 -14.34 -36.87 26.85
CA ILE A 406 -13.41 -35.74 26.90
C ILE A 406 -13.88 -34.63 25.96
N ASP A 407 -14.37 -35.00 24.78
CA ASP A 407 -14.87 -33.99 23.85
C ASP A 407 -16.00 -33.19 24.46
N HIS A 408 -16.95 -33.87 25.11
CA HIS A 408 -18.08 -33.14 25.70
C HIS A 408 -17.60 -32.17 26.78
N ILE A 409 -16.72 -32.66 27.66
CA ILE A 409 -16.20 -31.80 28.72
C ILE A 409 -15.54 -30.57 28.11
N LEU A 410 -14.69 -30.78 27.11
CA LEU A 410 -13.98 -29.67 26.51
C LEU A 410 -14.91 -28.71 25.80
N LEU A 411 -15.99 -29.23 25.20
CA LEU A 411 -16.96 -28.34 24.57
C LEU A 411 -17.52 -27.36 25.58
N CYS A 412 -18.01 -27.88 26.71
CA CYS A 412 -18.57 -26.98 27.71
C CYS A 412 -17.51 -26.01 28.22
N VAL A 413 -16.32 -26.51 28.55
CA VAL A 413 -15.29 -25.66 29.14
C VAL A 413 -14.89 -24.57 28.15
N PHE A 414 -14.81 -24.88 26.86
CA PHE A 414 -14.32 -23.91 25.91
C PHE A 414 -15.37 -22.86 25.59
N MET A 415 -16.65 -23.23 25.53
CA MET A 415 -17.66 -22.18 25.39
C MET A 415 -17.63 -21.24 26.59
N LEU A 416 -17.51 -21.81 27.80
CA LEU A 416 -17.44 -20.98 29.00
C LEU A 416 -16.24 -20.04 28.93
N ILE A 417 -15.07 -20.56 28.55
CA ILE A 417 -13.86 -19.75 28.50
C ILE A 417 -13.99 -18.65 27.47
N CYS A 418 -14.55 -18.96 26.31
CA CYS A 418 -14.74 -17.92 25.29
C CYS A 418 -15.57 -16.78 25.83
N ILE A 419 -16.74 -17.10 26.42
CA ILE A 419 -17.62 -16.05 26.91
C ILE A 419 -16.91 -15.24 28.00
N ILE A 420 -16.28 -15.93 28.95
CA ILE A 420 -15.67 -15.26 30.08
C ILE A 420 -14.52 -14.36 29.61
N GLY A 421 -13.70 -14.85 28.69
CA GLY A 421 -12.59 -14.05 28.21
C GLY A 421 -13.05 -12.81 27.49
N THR A 422 -14.05 -12.94 26.61
CA THR A 422 -14.55 -11.77 25.91
C THR A 422 -15.07 -10.73 26.90
N VAL A 423 -15.89 -11.17 27.85
CA VAL A 423 -16.45 -10.23 28.83
C VAL A 423 -15.33 -9.59 29.63
N SER A 424 -14.40 -10.39 30.14
CA SER A 424 -13.33 -9.84 30.97
C SER A 424 -12.52 -8.81 30.21
N VAL A 425 -12.26 -9.04 28.92
CA VAL A 425 -11.45 -8.10 28.17
C VAL A 425 -12.21 -6.80 27.95
N PHE A 426 -13.47 -6.87 27.55
CA PHE A 426 -14.16 -5.67 27.08
C PHE A 426 -15.00 -4.97 28.14
N ALA A 427 -15.84 -5.70 28.87
CA ALA A 427 -16.77 -5.06 29.78
C ALA A 427 -16.06 -4.18 30.81
N GLY A 428 -14.83 -4.55 31.19
CA GLY A 428 -14.13 -3.77 32.20
C GLY A 428 -14.01 -2.30 31.80
N ARG A 429 -13.62 -2.06 30.55
CA ARG A 429 -13.59 -0.68 30.04
C ARG A 429 -14.98 -0.19 29.69
N LEU A 430 -15.82 -1.06 29.11
CA LEU A 430 -17.11 -0.58 28.61
C LEU A 430 -18.01 -0.05 29.72
N ILE A 431 -17.85 -0.56 30.95
CA ILE A 431 -18.68 -0.06 32.04
C ILE A 431 -18.30 1.38 32.39
N GLU A 432 -17.00 1.70 32.32
CA GLU A 432 -16.56 3.04 32.67
C GLU A 432 -17.18 4.10 31.75
N LEU A 433 -17.52 3.72 30.53
CA LEU A 433 -18.16 4.65 29.61
C LEU A 433 -19.57 4.98 30.08
N ASN B 2 9.44 56.26 19.69
CA ASN B 2 10.17 54.96 19.81
C ASN B 2 11.61 55.10 19.33
N GLU B 3 12.55 54.93 20.26
CA GLU B 3 13.96 55.04 19.92
C GLU B 3 14.44 53.88 19.05
N GLU B 4 13.75 52.75 19.08
CA GLU B 4 14.20 51.61 18.30
C GLU B 4 14.27 51.96 16.82
N GLU B 5 13.32 52.76 16.34
CA GLU B 5 13.33 53.14 14.93
C GLU B 5 14.58 53.93 14.59
N ARG B 6 14.92 54.92 15.41
CA ARG B 6 16.13 55.70 15.17
C ARG B 6 17.37 54.83 15.23
N LEU B 7 17.44 53.94 16.21
CA LEU B 7 18.62 53.09 16.35
C LEU B 7 18.79 52.17 15.14
N ILE B 8 17.70 51.55 14.70
CA ILE B 8 17.79 50.63 13.56
C ILE B 8 18.11 51.38 12.28
N ASN B 9 17.56 52.59 12.12
CA ASN B 9 17.93 53.39 10.95
C ASN B 9 19.40 53.73 10.97
N ASP B 10 19.95 54.06 12.15
CA ASP B 10 21.37 54.35 12.25
C ASP B 10 22.20 53.12 11.93
N LEU B 11 21.76 51.95 12.39
CA LEU B 11 22.56 50.75 12.23
C LEU B 11 22.56 50.25 10.78
N LEU B 12 21.40 50.27 10.12
CA LEU B 12 21.27 49.64 8.81
C LEU B 12 21.37 50.61 7.65
N ILE B 13 20.90 51.85 7.80
CA ILE B 13 20.85 52.80 6.69
C ILE B 13 21.99 53.81 6.74
N VAL B 14 22.16 54.48 7.87
CA VAL B 14 23.19 55.51 7.97
C VAL B 14 24.57 54.90 7.79
N ASN B 15 24.82 53.75 8.43
CA ASN B 15 26.12 53.11 8.35
C ASN B 15 26.29 52.28 7.08
N LYS B 16 25.26 52.16 6.26
CA LYS B 16 25.32 51.41 5.00
C LYS B 16 25.73 49.96 5.26
N TYR B 17 24.87 49.26 5.99
CA TYR B 17 25.11 47.86 6.31
C TYR B 17 24.91 47.00 5.06
N ASN B 18 25.89 46.14 4.78
CA ASN B 18 25.85 45.24 3.62
C ASN B 18 25.69 43.82 4.15
N LYS B 19 24.54 43.21 3.87
CA LYS B 19 24.24 41.88 4.38
C LYS B 19 24.95 40.79 3.61
N HIS B 20 25.73 41.12 2.58
CA HIS B 20 26.45 40.13 1.79
C HIS B 20 27.94 40.17 2.05
N VAL B 21 28.36 40.71 3.19
CA VAL B 21 29.77 40.83 3.54
C VAL B 21 29.95 40.30 4.96
N ARG B 22 30.98 39.49 5.16
CA ARG B 22 31.20 38.89 6.46
C ARG B 22 31.40 39.98 7.52
N PRO B 23 30.99 39.72 8.76
CA PRO B 23 31.20 40.70 9.83
C PRO B 23 32.60 40.63 10.43
N VAL B 24 33.59 41.13 9.69
CA VAL B 24 34.98 41.13 10.13
C VAL B 24 35.60 42.47 9.79
N LYS B 25 36.43 42.98 10.70
CA LYS B 25 37.07 44.27 10.45
C LYS B 25 38.07 44.18 9.31
N HIS B 26 38.92 43.15 9.32
CA HIS B 26 39.92 42.96 8.28
C HIS B 26 39.72 41.59 7.65
N ASN B 27 39.83 41.53 6.32
CA ASN B 27 39.42 40.34 5.59
C ASN B 27 40.58 39.33 5.61
N ASN B 28 41.01 38.96 6.81
CA ASN B 28 41.73 37.72 7.01
C ASN B 28 41.36 37.05 8.31
N GLU B 29 40.48 37.64 9.12
CA GLU B 29 40.05 37.03 10.37
C GLU B 29 38.99 35.98 10.09
N VAL B 30 38.49 35.36 11.15
CA VAL B 30 37.50 34.30 11.05
C VAL B 30 36.31 34.68 11.91
N VAL B 31 35.12 34.34 11.44
CA VAL B 31 33.89 34.51 12.21
C VAL B 31 33.60 33.18 12.89
N ASN B 32 33.50 33.21 14.21
CA ASN B 32 33.18 32.01 14.98
C ASN B 32 31.67 31.92 15.15
N ILE B 33 31.06 30.91 14.53
CA ILE B 33 29.64 30.64 14.70
C ILE B 33 29.53 29.44 15.62
N ALA B 34 29.00 29.67 16.83
CA ALA B 34 28.77 28.58 17.77
C ALA B 34 27.34 28.09 17.58
N LEU B 35 27.18 26.82 17.25
CA LEU B 35 25.86 26.27 16.98
C LEU B 35 25.57 25.08 17.88
N SER B 36 24.33 25.01 18.34
CA SER B 36 23.83 23.94 19.18
C SER B 36 22.49 23.47 18.64
N LEU B 37 22.07 22.30 19.08
CA LEU B 37 20.84 21.68 18.57
C LEU B 37 19.96 21.25 19.74
N THR B 38 18.67 21.54 19.62
CA THR B 38 17.67 21.12 20.59
C THR B 38 16.66 20.23 19.90
N LEU B 39 16.30 19.12 20.53
CA LEU B 39 15.38 18.15 19.93
C LEU B 39 13.99 18.37 20.51
N SER B 40 13.10 18.98 19.73
CA SER B 40 11.74 19.17 20.20
C SER B 40 11.00 17.86 20.27
N ASN B 41 11.14 17.00 19.28
CA ASN B 41 10.54 15.68 19.34
C ASN B 41 11.03 14.85 18.16
N LEU B 42 11.04 13.53 18.36
CA LEU B 42 11.44 12.58 17.34
C LEU B 42 10.19 12.06 16.65
N ILE B 43 10.01 12.40 15.38
CA ILE B 43 8.76 12.10 14.72
C ILE B 43 8.69 10.64 14.29
N SER B 44 9.60 10.22 13.41
CA SER B 44 9.56 8.86 12.90
C SER B 44 10.94 8.45 12.41
N LEU B 45 11.10 7.15 12.24
CA LEU B 45 12.30 6.58 11.63
C LEU B 45 11.89 5.48 10.64
N LYS B 46 11.00 5.83 9.73
CA LYS B 46 10.51 4.86 8.76
C LYS B 46 11.67 4.09 8.16
N GLU B 47 11.72 2.78 8.43
CA GLU B 47 12.87 1.98 8.05
C GLU B 47 12.87 1.59 6.58
N THR B 48 11.72 1.60 5.92
CA THR B 48 11.70 1.17 4.53
C THR B 48 12.50 2.12 3.64
N ASP B 49 12.37 3.42 3.85
CA ASP B 49 13.12 4.40 3.05
C ASP B 49 14.35 4.93 3.77
N GLU B 50 14.64 4.46 4.98
CA GLU B 50 15.84 4.85 5.70
C GLU B 50 15.90 6.37 5.86
N THR B 51 14.90 6.90 6.55
CA THR B 51 14.75 8.33 6.77
C THR B 51 14.44 8.59 8.23
N LEU B 52 15.12 9.59 8.80
CA LEU B 52 14.85 10.06 10.14
C LEU B 52 14.22 11.45 10.02
N THR B 53 12.98 11.58 10.50
CA THR B 53 12.26 12.85 10.50
C THR B 53 12.28 13.42 11.91
N SER B 54 12.88 14.59 12.07
CA SER B 54 13.09 15.15 13.40
C SER B 54 12.72 16.63 13.42
N ASN B 55 12.16 17.06 14.53
CA ASN B 55 11.83 18.46 14.78
C ASN B 55 12.90 19.02 15.72
N VAL B 56 13.67 19.99 15.23
CA VAL B 56 14.80 20.50 15.99
C VAL B 56 14.76 22.02 16.01
N TRP B 57 15.49 22.60 16.95
CA TRP B 57 15.73 24.03 17.02
C TRP B 57 17.23 24.25 16.93
N MET B 58 17.66 25.06 15.98
CA MET B 58 19.06 25.34 15.77
C MET B 58 19.42 26.65 16.46
N ASP B 59 20.38 26.62 17.36
CA ASP B 59 20.81 27.80 18.09
C ASP B 59 22.15 28.25 17.53
N HIS B 60 22.15 29.36 16.79
CA HIS B 60 23.37 29.95 16.25
C HIS B 60 23.73 31.16 17.09
N ALA B 61 25.02 31.38 17.28
CA ALA B 61 25.48 32.56 18.01
C ALA B 61 26.79 33.05 17.41
N TRP B 62 26.86 34.34 17.09
CA TRP B 62 28.08 34.90 16.53
C TRP B 62 28.18 36.36 16.94
N TYR B 63 29.23 37.03 16.48
CA TYR B 63 29.48 38.43 16.76
C TYR B 63 29.45 39.22 15.47
N ASP B 64 28.89 40.43 15.53
CA ASP B 64 28.85 41.32 14.38
C ASP B 64 29.18 42.72 14.89
N HIS B 65 30.43 43.15 14.68
CA HIS B 65 30.85 44.44 15.21
C HIS B 65 30.06 45.59 14.59
N ARG B 66 29.38 45.36 13.48
CA ARG B 66 28.61 46.43 12.86
C ARG B 66 27.34 46.73 13.63
N LEU B 67 26.74 45.72 14.26
CA LEU B 67 25.52 45.90 15.04
C LEU B 67 25.83 46.15 16.51
N THR B 68 26.66 47.15 16.78
CA THR B 68 26.99 47.56 18.14
C THR B 68 26.55 49.00 18.34
N TRP B 69 26.15 49.33 19.56
CA TRP B 69 25.72 50.68 19.88
C TRP B 69 25.94 50.93 21.36
N ASN B 70 26.04 52.20 21.71
CA ASN B 70 26.21 52.63 23.09
C ASN B 70 24.81 52.79 23.68
N ALA B 71 24.46 51.91 24.62
CA ALA B 71 23.09 51.86 25.12
C ALA B 71 22.66 53.17 25.76
N SER B 72 23.58 53.95 26.29
CA SER B 72 23.21 55.21 26.94
C SER B 72 22.89 56.29 25.91
N GLU B 73 23.60 56.30 24.79
CA GLU B 73 23.38 57.35 23.79
C GLU B 73 21.94 57.33 23.29
N TYR B 74 21.43 56.15 22.99
CA TYR B 74 19.99 55.97 22.81
C TYR B 74 19.38 55.70 24.17
N SER B 75 18.06 55.61 24.21
CA SER B 75 17.43 55.19 25.45
C SER B 75 17.99 53.84 25.86
N ASP B 76 17.70 53.43 27.08
CA ASP B 76 18.36 52.24 27.60
C ASP B 76 17.87 51.00 26.87
N ILE B 77 18.18 50.90 25.58
CA ILE B 77 17.79 49.76 24.76
C ILE B 77 18.88 48.71 24.89
N SER B 78 18.54 47.56 25.46
CA SER B 78 19.51 46.51 25.71
C SER B 78 19.37 45.33 24.77
N ILE B 79 18.45 45.37 23.81
CA ILE B 79 18.27 44.26 22.89
C ILE B 79 17.42 44.69 21.71
N LEU B 80 17.69 44.12 20.53
CA LEU B 80 16.92 44.41 19.33
C LEU B 80 16.53 43.11 18.66
N ARG B 81 15.39 43.11 17.98
CA ARG B 81 14.93 42.01 17.16
C ARG B 81 14.95 42.46 15.71
N LEU B 82 15.70 41.76 14.87
CA LEU B 82 15.82 42.17 13.48
C LEU B 82 15.55 40.98 12.56
N PRO B 83 14.76 41.15 11.51
CA PRO B 83 14.50 40.03 10.62
C PRO B 83 15.78 39.57 9.96
N PRO B 84 15.92 38.27 9.71
CA PRO B 84 17.18 37.76 9.16
C PRO B 84 17.45 38.16 7.72
N GLU B 85 16.48 38.76 7.04
CA GLU B 85 16.70 39.21 5.67
C GLU B 85 17.34 40.59 5.62
N LEU B 86 17.61 41.20 6.77
CA LEU B 86 18.28 42.50 6.82
C LEU B 86 19.74 42.41 7.25
N VAL B 87 20.13 41.33 7.91
CA VAL B 87 21.46 41.20 8.49
C VAL B 87 22.15 39.97 7.90
N TRP B 88 23.46 39.92 8.07
CA TRP B 88 24.22 38.75 7.63
C TRP B 88 23.89 37.56 8.50
N ILE B 89 23.70 36.42 7.87
CA ILE B 89 23.32 35.19 8.56
C ILE B 89 24.24 34.07 8.08
N PRO B 90 24.72 33.21 8.96
CA PRO B 90 25.52 32.05 8.51
C PRO B 90 24.61 30.94 8.01
N ASP B 91 24.71 30.65 6.72
CA ASP B 91 23.89 29.61 6.10
C ASP B 91 24.52 28.26 6.41
N ILE B 92 24.03 27.61 7.45
CA ILE B 92 24.49 26.29 7.85
C ILE B 92 23.42 25.28 7.44
N VAL B 93 23.82 24.27 6.68
CA VAL B 93 22.87 23.39 6.00
C VAL B 93 23.10 21.96 6.46
N LEU B 94 22.01 21.22 6.59
CA LEU B 94 22.06 19.78 6.84
C LEU B 94 22.44 19.08 5.55
N GLN B 95 23.67 18.57 5.48
CA GLN B 95 24.16 18.04 4.21
C GLN B 95 23.55 16.69 3.87
N ASN B 96 23.28 15.87 4.87
CA ASN B 96 22.78 14.51 4.63
C ASN B 96 21.26 14.45 4.78
N ASN B 97 20.56 15.13 3.87
CA ASN B 97 19.11 15.12 3.84
C ASN B 97 18.61 14.31 2.65
N ASN B 98 17.30 14.08 2.62
CA ASN B 98 16.65 13.29 1.58
C ASN B 98 15.77 14.10 0.66
N ASP B 99 14.95 15.00 1.20
CA ASP B 99 13.91 15.65 0.42
C ASP B 99 14.37 16.96 -0.21
N GLY B 100 15.64 17.32 -0.07
CA GLY B 100 16.10 18.58 -0.60
C GLY B 100 15.70 19.78 0.23
N GLN B 101 15.59 19.63 1.53
CA GLN B 101 15.32 20.73 2.45
C GLN B 101 16.58 20.94 3.27
N TYR B 102 17.47 21.79 2.76
CA TYR B 102 18.74 22.05 3.43
C TYR B 102 18.63 23.05 4.58
N HIS B 103 17.59 23.88 4.58
CA HIS B 103 17.53 25.05 5.44
C HIS B 103 16.50 24.87 6.55
N VAL B 104 16.56 25.78 7.51
CA VAL B 104 15.56 25.81 8.57
C VAL B 104 14.21 26.18 8.00
N ALA B 105 13.14 25.73 8.67
CA ALA B 105 11.80 25.90 8.14
C ALA B 105 11.30 27.33 8.28
N TYR B 106 11.50 27.94 9.44
CA TYR B 106 10.97 29.26 9.74
C TYR B 106 12.12 30.20 10.05
N PHE B 107 12.14 31.34 9.36
CA PHE B 107 13.21 32.33 9.53
C PHE B 107 12.73 33.38 10.53
N CYS B 108 12.96 33.09 11.81
CA CYS B 108 12.56 34.01 12.87
C CYS B 108 13.55 35.17 12.95
N ASN B 109 13.22 36.13 13.80
CA ASN B 109 14.10 37.27 13.99
C ASN B 109 15.34 36.87 14.75
N VAL B 110 16.39 37.67 14.61
CA VAL B 110 17.62 37.51 15.38
C VAL B 110 17.61 38.50 16.52
N LEU B 111 18.17 38.09 17.64
CA LEU B 111 18.30 38.93 18.83
C LEU B 111 19.72 39.48 18.89
N VAL B 112 19.84 40.81 18.93
CA VAL B 112 21.13 41.47 18.89
C VAL B 112 21.30 42.26 20.19
N ARG B 113 22.42 42.03 20.86
CA ARG B 113 22.78 42.71 22.09
C ARG B 113 23.64 43.92 21.81
N PRO B 114 23.69 44.90 22.72
CA PRO B 114 24.44 46.13 22.42
C PRO B 114 25.92 45.91 22.20
N ASN B 115 26.47 44.78 22.63
CA ASN B 115 27.87 44.48 22.41
C ASN B 115 28.12 43.78 21.08
N GLY B 116 27.08 43.57 20.27
CA GLY B 116 27.22 42.95 18.98
C GLY B 116 26.94 41.46 18.95
N TYR B 117 26.59 40.86 20.07
CA TYR B 117 26.32 39.44 20.11
C TYR B 117 24.96 39.15 19.47
N VAL B 118 24.95 38.26 18.48
CA VAL B 118 23.74 37.92 17.74
C VAL B 118 23.44 36.45 17.99
N THR B 119 22.20 36.16 18.38
CA THR B 119 21.73 34.80 18.59
C THR B 119 20.48 34.58 17.75
N TRP B 120 20.41 33.42 17.11
CA TRP B 120 19.33 33.11 16.18
C TRP B 120 18.89 31.68 16.43
N LEU B 121 17.60 31.48 16.74
CA LEU B 121 17.09 30.17 17.15
C LEU B 121 15.91 29.78 16.28
N PRO B 122 16.16 29.44 15.02
CA PRO B 122 15.08 29.01 14.15
C PRO B 122 14.72 27.55 14.38
N PRO B 123 13.44 27.19 14.25
CA PRO B 123 13.07 25.78 14.24
C PRO B 123 13.11 25.19 12.84
N ALA B 124 13.21 23.87 12.78
CA ALA B 124 13.38 23.17 11.52
C ALA B 124 12.82 21.77 11.62
N ILE B 125 12.41 21.24 10.47
CA ILE B 125 11.98 19.86 10.33
C ILE B 125 12.91 19.22 9.32
N PHE B 126 13.69 18.25 9.77
CA PHE B 126 14.76 17.68 8.96
C PHE B 126 14.48 16.22 8.69
N ARG B 127 14.58 15.84 7.42
CA ARG B 127 14.45 14.44 6.99
C ARG B 127 15.83 14.00 6.53
N SER B 128 16.60 13.43 7.45
CA SER B 128 17.95 13.01 7.15
C SER B 128 17.99 11.53 6.78
N SER B 129 19.10 11.12 6.21
CA SER B 129 19.31 9.73 5.80
C SER B 129 20.24 9.07 6.81
N CYS B 130 19.74 8.08 7.53
CA CYS B 130 20.58 7.22 8.34
C CYS B 130 20.32 5.77 7.95
N PRO B 131 21.31 5.04 7.45
CA PRO B 131 21.07 3.65 7.06
C PRO B 131 20.68 2.79 8.25
N ILE B 132 19.85 1.79 7.98
CA ILE B 132 19.31 0.92 9.00
C ILE B 132 20.15 -0.34 9.07
N ASN B 133 20.50 -0.75 10.28
CA ASN B 133 21.21 -2.01 10.52
C ASN B 133 20.19 -3.01 11.04
N VAL B 134 19.82 -3.97 10.21
CA VAL B 134 18.73 -4.88 10.50
C VAL B 134 19.23 -6.20 11.08
N LEU B 135 20.47 -6.24 11.56
CA LEU B 135 21.04 -7.50 12.00
C LEU B 135 20.22 -8.14 13.11
N TYR B 136 19.70 -7.35 14.04
CA TYR B 136 19.00 -7.87 15.20
C TYR B 136 17.54 -7.43 15.25
N PHE B 137 16.97 -7.03 14.12
CA PHE B 137 15.57 -6.64 14.12
C PHE B 137 14.72 -7.81 14.61
N PRO B 138 13.71 -7.57 15.46
CA PRO B 138 13.20 -6.31 16.00
C PRO B 138 13.83 -5.86 17.31
N PHE B 139 14.96 -6.46 17.69
CA PHE B 139 15.67 -6.10 18.91
C PHE B 139 16.88 -5.24 18.60
N ASP B 140 16.77 -4.34 17.64
CA ASP B 140 17.89 -3.58 17.14
C ASP B 140 17.95 -2.19 17.76
N TRP B 141 19.10 -1.56 17.64
CA TRP B 141 19.29 -0.16 17.97
C TRP B 141 20.00 0.52 16.82
N GLN B 142 19.59 1.75 16.51
CA GLN B 142 20.11 2.48 15.37
C GLN B 142 20.98 3.63 15.84
N ASN B 143 21.83 4.08 14.92
CA ASN B 143 22.83 5.13 15.14
C ASN B 143 22.69 6.13 14.00
N CYS B 144 21.77 7.07 14.13
CA CYS B 144 21.49 8.05 13.09
C CYS B 144 22.25 9.34 13.36
N SER B 145 22.44 10.13 12.32
CA SER B 145 23.34 11.28 12.39
C SER B 145 22.76 12.45 11.61
N LEU B 146 22.93 13.65 12.17
CA LEU B 146 22.59 14.91 11.50
C LEU B 146 23.90 15.67 11.32
N LYS B 147 24.33 15.84 10.08
CA LYS B 147 25.63 16.41 9.75
C LYS B 147 25.43 17.78 9.14
N PHE B 148 25.85 18.82 9.86
CA PHE B 148 25.67 20.20 9.43
C PHE B 148 27.00 20.75 8.94
N THR B 149 26.97 21.39 7.78
CA THR B 149 28.15 21.98 7.17
C THR B 149 27.84 23.41 6.75
N ALA B 150 28.90 24.19 6.59
CA ALA B 150 28.81 25.57 6.10
C ALA B 150 29.39 25.58 4.69
N LEU B 151 28.52 25.64 3.69
CA LEU B 151 28.94 25.57 2.30
C LEU B 151 29.11 26.94 1.66
N ASN B 152 28.78 28.02 2.36
CA ASN B 152 28.90 29.35 1.80
C ASN B 152 30.27 29.97 2.01
N TYR B 153 31.02 29.51 3.01
CA TYR B 153 32.35 30.02 3.28
C TYR B 153 33.24 28.85 3.66
N ASP B 154 34.54 29.04 3.49
CA ASP B 154 35.52 28.01 3.79
C ASP B 154 36.04 28.18 5.22
N ALA B 155 36.75 27.16 5.69
CA ALA B 155 37.17 27.13 7.07
C ALA B 155 38.08 28.29 7.44
N ASN B 156 38.70 28.93 6.45
CA ASN B 156 39.51 30.10 6.72
C ASN B 156 38.70 31.36 6.90
N GLU B 157 37.39 31.31 6.66
CA GLU B 157 36.53 32.48 6.74
C GLU B 157 35.52 32.40 7.86
N ILE B 158 34.95 31.23 8.14
CA ILE B 158 34.09 31.02 9.31
C ILE B 158 34.46 29.70 9.94
N THR B 159 34.51 29.68 11.26
CA THR B 159 34.84 28.48 12.02
C THR B 159 33.64 28.08 12.87
N MET B 160 33.03 26.95 12.53
CA MET B 160 31.97 26.42 13.35
C MET B 160 32.53 25.92 14.65
N ASP B 161 31.71 25.94 15.70
CA ASP B 161 32.10 25.45 17.02
C ASP B 161 30.85 25.01 17.76
N LEU B 162 31.05 24.19 18.78
CA LEU B 162 29.96 23.82 19.67
C LEU B 162 29.71 24.94 20.66
N MET B 163 28.45 25.21 20.92
CA MET B 163 28.09 26.26 21.87
C MET B 163 28.60 25.92 23.25
N THR B 164 29.01 26.94 23.99
CA THR B 164 29.50 26.77 25.35
C THR B 164 28.45 27.19 26.35
N ASP B 165 28.69 26.81 27.60
CA ASP B 165 27.79 27.14 28.70
C ASP B 165 28.60 27.23 29.98
N THR B 166 28.04 27.94 30.96
CA THR B 166 28.73 28.19 32.22
C THR B 166 27.86 27.73 33.39
N ILE B 167 28.52 27.29 34.45
CA ILE B 167 27.84 26.81 35.65
C ILE B 167 28.34 27.58 36.87
N ASP B 168 29.65 27.56 37.10
CA ASP B 168 30.26 28.19 38.27
C ASP B 168 31.48 29.00 37.85
N GLY B 169 31.32 29.81 36.80
CA GLY B 169 32.38 30.67 36.33
C GLY B 169 33.34 30.02 35.36
N LYS B 170 33.20 28.72 35.11
CA LYS B 170 34.01 28.03 34.12
C LYS B 170 33.12 27.58 32.97
N ASP B 171 33.58 27.80 31.75
CA ASP B 171 32.80 27.49 30.55
C ASP B 171 33.20 26.14 29.99
N TYR B 172 32.21 25.38 29.54
CA TYR B 172 32.42 24.07 28.95
C TYR B 172 31.57 23.95 27.69
N PRO B 173 32.02 23.17 26.71
CA PRO B 173 31.22 22.99 25.51
C PRO B 173 29.97 22.15 25.77
N ILE B 174 28.94 22.41 24.99
CA ILE B 174 27.73 21.59 24.99
C ILE B 174 27.95 20.52 23.94
N GLU B 175 28.29 19.31 24.37
CA GLU B 175 28.59 18.21 23.48
C GLU B 175 27.45 17.21 23.39
N TRP B 176 26.22 17.67 23.43
CA TRP B 176 25.07 16.78 23.37
C TRP B 176 23.89 17.52 22.75
N ILE B 177 22.93 16.75 22.26
CA ILE B 177 21.66 17.34 21.84
C ILE B 177 20.88 17.74 23.08
N ILE B 178 20.40 18.97 23.09
CA ILE B 178 19.67 19.48 24.25
C ILE B 178 18.24 18.98 24.19
N ILE B 179 17.80 18.34 25.26
CA ILE B 179 16.42 17.89 25.40
C ILE B 179 15.85 18.53 26.64
N ASP B 180 14.72 19.21 26.50
CA ASP B 180 14.06 19.82 27.64
C ASP B 180 13.16 18.78 28.29
N PRO B 181 13.49 18.31 29.50
CA PRO B 181 12.74 17.16 30.06
C PRO B 181 11.26 17.44 30.22
N GLU B 182 10.88 18.69 30.50
CA GLU B 182 9.47 19.00 30.73
C GLU B 182 8.69 18.95 29.42
N ALA B 183 9.25 19.51 28.34
CA ALA B 183 8.50 19.61 27.10
C ALA B 183 8.63 18.38 26.22
N PHE B 184 9.72 17.63 26.36
CA PHE B 184 9.96 16.49 25.48
C PHE B 184 9.01 15.35 25.79
N THR B 185 8.41 14.78 24.75
CA THR B 185 7.54 13.62 24.86
C THR B 185 8.22 12.45 24.15
N GLU B 186 8.47 11.38 24.87
CA GLU B 186 9.23 10.27 24.32
C GLU B 186 8.50 9.66 23.13
N ASN B 187 9.26 9.21 22.14
CA ASN B 187 8.68 8.66 20.94
C ASN B 187 7.95 7.35 21.25
N GLY B 188 6.97 7.04 20.40
CA GLY B 188 6.19 5.83 20.64
C GLY B 188 7.01 4.56 20.48
N GLU B 189 7.90 4.52 19.48
CA GLU B 189 8.61 3.31 19.13
C GLU B 189 10.08 3.29 19.48
N TRP B 190 10.70 4.44 19.74
CA TRP B 190 12.13 4.52 19.94
C TRP B 190 12.44 5.20 21.26
N GLU B 191 13.56 4.79 21.86
CA GLU B 191 14.04 5.37 23.11
C GLU B 191 15.45 5.86 22.91
N ILE B 192 15.72 7.10 23.31
CA ILE B 192 17.03 7.69 23.11
C ILE B 192 17.96 7.22 24.21
N ILE B 193 19.13 6.69 23.83
CA ILE B 193 20.13 6.21 24.78
C ILE B 193 21.28 7.20 24.91
N HIS B 194 21.89 7.57 23.79
CA HIS B 194 22.97 8.54 23.76
C HIS B 194 22.64 9.61 22.72
N LYS B 195 23.19 10.81 22.92
CA LYS B 195 23.00 11.91 21.98
C LYS B 195 24.24 12.80 21.99
N PRO B 196 25.35 12.32 21.47
CA PRO B 196 26.57 13.13 21.44
C PRO B 196 26.51 14.21 20.37
N ALA B 197 27.45 15.14 20.48
CA ALA B 197 27.66 16.16 19.46
C ALA B 197 29.15 16.37 19.30
N LYS B 198 29.60 16.43 18.05
CA LYS B 198 31.03 16.49 17.77
C LYS B 198 31.28 17.54 16.70
N LYS B 199 32.45 18.17 16.78
CA LYS B 199 32.98 18.97 15.68
C LYS B 199 34.08 18.15 15.02
N ASN B 200 33.95 17.93 13.72
CA ASN B 200 34.86 17.06 12.99
C ASN B 200 35.73 17.90 12.05
N ILE B 201 37.02 17.63 12.09
CA ILE B 201 37.97 18.14 11.10
C ILE B 201 38.35 16.97 10.20
N TYR B 202 38.68 17.29 8.95
CA TYR B 202 39.13 16.29 7.98
C TYR B 202 40.49 16.74 7.46
N PRO B 203 41.58 16.34 8.13
CA PRO B 203 42.89 16.92 7.80
C PRO B 203 43.34 16.66 6.37
N ASP B 204 42.87 15.60 5.73
CA ASP B 204 43.30 15.34 4.37
C ASP B 204 42.71 16.32 3.36
N LYS B 205 41.77 17.16 3.79
CA LYS B 205 41.27 18.25 2.98
C LYS B 205 42.02 19.53 3.34
N PHE B 206 41.66 20.64 2.67
CA PHE B 206 42.37 21.89 2.86
C PHE B 206 41.46 22.94 3.48
N PRO B 207 41.98 23.78 4.36
CA PRO B 207 41.11 24.80 4.99
C PRO B 207 40.49 25.77 4.01
N ASN B 208 41.08 25.94 2.83
CA ASN B 208 40.48 26.80 1.81
C ASN B 208 39.45 26.04 0.98
N GLY B 209 38.54 25.37 1.68
CA GLY B 209 37.50 24.61 1.02
C GLY B 209 36.35 24.40 2.00
N THR B 210 35.19 24.08 1.45
CA THR B 210 33.98 23.98 2.24
C THR B 210 33.75 22.58 2.81
N ASN B 211 34.60 21.61 2.49
CA ASN B 211 34.45 20.25 2.98
C ASN B 211 35.48 19.92 4.04
N TYR B 212 35.97 20.94 4.75
CA TYR B 212 36.97 20.76 5.79
C TYR B 212 36.36 20.70 7.18
N GLN B 213 35.28 21.44 7.42
CA GLN B 213 34.60 21.48 8.70
C GLN B 213 33.36 20.61 8.68
N ASP B 214 32.81 20.41 9.87
CA ASP B 214 31.59 19.64 10.02
C ASP B 214 31.16 19.68 11.48
N VAL B 215 29.85 19.65 11.74
CA VAL B 215 29.35 19.45 13.09
C VAL B 215 28.27 18.39 13.03
N THR B 216 28.48 17.29 13.75
CA THR B 216 27.59 16.15 13.65
C THR B 216 26.93 15.90 15.00
N PHE B 217 25.61 15.74 14.98
CA PHE B 217 24.83 15.37 16.15
C PHE B 217 24.35 13.94 15.94
N TYR B 218 24.70 13.05 16.85
CA TYR B 218 24.37 11.64 16.73
C TYR B 218 23.23 11.28 17.67
N LEU B 219 22.25 10.54 17.16
CA LEU B 219 21.16 10.01 17.96
C LEU B 219 21.30 8.49 17.95
N ILE B 220 21.55 7.92 19.12
CA ILE B 220 21.56 6.48 19.29
C ILE B 220 20.24 6.10 19.94
N ILE B 221 19.46 5.25 19.28
CA ILE B 221 18.10 4.97 19.69
C ILE B 221 17.89 3.46 19.72
N ARG B 222 17.02 3.02 20.60
CA ARG B 222 16.71 1.62 20.80
C ARG B 222 15.23 1.40 20.56
N ARG B 223 14.90 0.40 19.73
CA ARG B 223 13.52 0.09 19.46
C ARG B 223 12.88 -0.59 20.65
N LYS B 224 11.66 -0.19 20.97
CA LYS B 224 10.91 -0.84 22.04
C LYS B 224 10.15 -2.03 21.45
N PRO B 225 10.63 -3.25 21.66
CA PRO B 225 10.06 -4.39 20.92
C PRO B 225 8.89 -5.04 21.63
N LEU B 226 7.76 -4.35 21.69
CA LEU B 226 6.54 -4.92 22.22
C LEU B 226 5.49 -5.16 21.14
N PHE B 227 5.37 -4.25 20.18
CA PHE B 227 4.46 -4.48 19.07
C PHE B 227 4.82 -5.75 18.32
N TYR B 228 6.10 -5.95 18.04
CA TYR B 228 6.54 -7.10 17.27
C TYR B 228 6.56 -8.36 18.10
N VAL B 229 6.84 -8.26 19.40
CA VAL B 229 6.81 -9.45 20.24
C VAL B 229 5.39 -9.97 20.37
N ILE B 230 4.40 -9.08 20.40
CA ILE B 230 3.00 -9.50 20.59
C ILE B 230 2.36 -9.89 19.27
N ASN B 231 2.65 -9.18 18.18
CA ASN B 231 1.95 -9.40 16.92
C ASN B 231 2.69 -10.27 15.92
N PHE B 232 4.00 -10.46 16.09
CA PHE B 232 4.80 -11.23 15.15
C PHE B 232 5.44 -12.46 15.78
N ILE B 233 6.09 -12.31 16.92
CA ILE B 233 6.97 -13.36 17.41
C ILE B 233 6.17 -14.48 18.06
N THR B 234 5.30 -14.17 19.02
CA THR B 234 4.65 -15.25 19.75
C THR B 234 3.60 -15.98 18.92
N PRO B 235 2.82 -15.34 18.05
CA PRO B 235 1.95 -16.15 17.18
C PRO B 235 2.74 -17.11 16.32
N CYS B 236 3.84 -16.63 15.73
CA CYS B 236 4.65 -17.49 14.88
C CYS B 236 5.26 -18.63 15.67
N VAL B 237 5.73 -18.36 16.88
CA VAL B 237 6.36 -19.40 17.69
C VAL B 237 5.33 -20.47 18.05
N LEU B 238 4.13 -20.06 18.46
CA LEU B 238 3.13 -21.06 18.82
C LEU B 238 2.70 -21.88 17.60
N ILE B 239 2.46 -21.21 16.47
CA ILE B 239 2.04 -21.94 15.28
C ILE B 239 3.15 -22.88 14.83
N SER B 240 4.41 -22.49 15.02
CA SER B 240 5.50 -23.39 14.69
C SER B 240 5.53 -24.61 15.60
N PHE B 241 5.34 -24.39 16.91
CA PHE B 241 5.30 -25.51 17.83
C PHE B 241 4.17 -26.47 17.48
N LEU B 242 3.11 -25.96 16.85
CA LEU B 242 2.05 -26.87 16.41
C LEU B 242 2.57 -27.91 15.45
N ALA B 243 3.70 -27.68 14.80
CA ALA B 243 4.24 -28.66 13.86
C ALA B 243 4.61 -29.95 14.56
N SER B 244 5.17 -29.86 15.76
CA SER B 244 5.57 -31.06 16.48
C SER B 244 4.38 -31.98 16.72
N LEU B 245 3.19 -31.40 16.93
CA LEU B 245 2.02 -32.22 17.20
C LEU B 245 1.65 -33.11 16.00
N ALA B 246 2.16 -32.81 14.81
CA ALA B 246 1.88 -33.65 13.66
C ALA B 246 2.38 -35.08 13.85
N PHE B 247 3.36 -35.28 14.73
CA PHE B 247 3.87 -36.63 14.98
C PHE B 247 3.04 -37.38 16.01
N TYR B 248 2.31 -36.68 16.86
CA TYR B 248 1.42 -37.32 17.83
C TYR B 248 0.08 -37.66 17.24
N LEU B 249 -0.15 -37.34 15.97
CA LEU B 249 -1.43 -37.56 15.33
C LEU B 249 -1.42 -38.91 14.62
N PRO B 250 -2.32 -39.83 14.95
CA PRO B 250 -2.25 -41.17 14.36
C PRO B 250 -2.43 -41.11 12.85
N ALA B 251 -1.78 -42.04 12.15
CA ALA B 251 -1.86 -42.07 10.70
C ALA B 251 -3.23 -42.50 10.20
N GLU B 252 -4.04 -43.14 11.04
CA GLU B 252 -5.39 -43.49 10.62
C GLU B 252 -6.22 -42.25 10.35
N SER B 253 -6.10 -41.24 11.21
CA SER B 253 -6.73 -39.95 10.96
C SER B 253 -6.00 -39.27 9.82
N GLY B 254 -6.58 -39.31 8.63
CA GLY B 254 -5.86 -38.87 7.45
C GLY B 254 -5.65 -37.37 7.44
N GLU B 255 -4.93 -36.86 8.44
CA GLU B 255 -4.81 -35.42 8.61
C GLU B 255 -3.43 -34.96 9.07
N LYS B 256 -2.41 -35.81 8.96
CA LYS B 256 -1.06 -35.37 9.33
C LYS B 256 -0.54 -34.31 8.37
N MET B 257 -0.61 -34.60 7.06
CA MET B 257 -0.05 -33.70 6.08
C MET B 257 -0.78 -32.37 6.11
N SER B 258 -2.09 -32.38 6.32
CA SER B 258 -2.83 -31.12 6.40
C SER B 258 -2.28 -30.25 7.51
N THR B 259 -2.07 -30.82 8.69
CA THR B 259 -1.54 -30.06 9.82
C THR B 259 -0.18 -29.46 9.47
N ALA B 260 0.74 -30.30 8.99
CA ALA B 260 2.09 -29.81 8.74
C ALA B 260 2.10 -28.73 7.66
N ILE B 261 1.35 -28.94 6.58
CA ILE B 261 1.32 -27.99 5.48
C ILE B 261 0.72 -26.67 5.94
N SER B 262 -0.32 -26.73 6.78
CA SER B 262 -0.91 -25.51 7.29
C SER B 262 0.10 -24.73 8.13
N VAL B 263 0.88 -25.43 8.95
CA VAL B 263 1.91 -24.74 9.72
C VAL B 263 2.87 -24.02 8.78
N LEU B 264 3.30 -24.71 7.72
CA LEU B 264 4.22 -24.09 6.77
C LEU B 264 3.60 -22.84 6.14
N LEU B 265 2.33 -22.92 5.78
CA LEU B 265 1.69 -21.78 5.11
C LEU B 265 1.56 -20.58 6.05
N ALA B 266 1.19 -20.81 7.31
CA ALA B 266 1.14 -19.71 8.26
C ALA B 266 2.52 -19.09 8.42
N GLN B 267 3.56 -19.91 8.46
CA GLN B 267 4.91 -19.35 8.56
C GLN B 267 5.23 -18.50 7.34
N ALA B 268 4.76 -18.91 6.17
CA ALA B 268 4.95 -18.09 4.97
C ALA B 268 4.26 -16.74 5.13
N VAL B 269 3.08 -16.73 5.74
CA VAL B 269 2.38 -15.47 6.00
C VAL B 269 3.26 -14.55 6.85
N PHE B 270 3.83 -15.09 7.92
CA PHE B 270 4.65 -14.25 8.79
C PHE B 270 5.89 -13.77 8.05
N LEU B 271 6.44 -14.60 7.17
CA LEU B 271 7.55 -14.17 6.32
C LEU B 271 7.14 -12.98 5.45
N LEU B 272 5.94 -13.03 4.88
CA LEU B 272 5.46 -11.90 4.09
C LEU B 272 5.46 -10.62 4.91
N LEU B 273 4.88 -10.67 6.10
CA LEU B 273 4.86 -9.48 6.94
C LEU B 273 6.28 -8.97 7.20
N THR B 274 7.17 -9.85 7.62
CA THR B 274 8.53 -9.43 7.92
C THR B 274 9.17 -8.76 6.72
N SER B 275 8.98 -9.31 5.53
CA SER B 275 9.51 -8.67 4.33
C SER B 275 8.92 -7.28 4.16
N GLN B 276 7.61 -7.16 4.37
CA GLN B 276 6.94 -5.89 4.14
C GLN B 276 7.44 -4.80 5.08
N ARG B 277 7.96 -5.16 6.26
CA ARG B 277 8.29 -4.18 7.28
C ARG B 277 9.77 -3.77 7.30
N LEU B 278 10.55 -4.14 6.31
CA LEU B 278 11.98 -3.93 6.34
C LEU B 278 12.48 -3.33 5.04
N PRO B 279 13.65 -2.69 5.05
CA PRO B 279 14.25 -2.20 3.82
C PRO B 279 14.93 -3.32 3.04
N GLU B 280 15.26 -3.02 1.79
CA GLU B 280 15.79 -4.00 0.86
C GLU B 280 17.29 -4.22 1.00
N THR B 281 17.92 -3.68 2.03
CA THR B 281 19.36 -3.80 2.17
C THR B 281 19.77 -5.26 2.15
N ALA B 282 21.07 -5.50 1.97
CA ALA B 282 21.61 -6.84 1.89
C ALA B 282 22.85 -7.00 2.75
N LEU B 283 23.05 -6.13 3.74
CA LEU B 283 24.21 -6.27 4.61
C LEU B 283 24.13 -7.55 5.42
N ALA B 284 22.95 -7.88 5.94
CA ALA B 284 22.78 -9.07 6.76
C ALA B 284 21.32 -9.49 6.75
N VAL B 285 21.08 -10.74 7.12
CA VAL B 285 19.74 -11.27 7.22
C VAL B 285 19.20 -10.93 8.61
N PRO B 286 18.02 -10.33 8.73
CA PRO B 286 17.54 -9.95 10.06
C PRO B 286 17.30 -11.15 10.95
N LEU B 287 17.38 -10.91 12.27
CA LEU B 287 17.23 -11.99 13.24
C LEU B 287 15.94 -12.75 13.03
N ILE B 288 14.83 -12.02 12.92
CA ILE B 288 13.55 -12.68 12.69
C ILE B 288 13.56 -13.40 11.35
N GLY B 289 14.27 -12.84 10.36
CA GLY B 289 14.44 -13.55 9.11
C GLY B 289 15.19 -14.85 9.28
N LYS B 290 16.25 -14.84 10.09
CA LYS B 290 16.99 -16.08 10.35
C LYS B 290 16.07 -17.10 11.01
N TYR B 291 15.30 -16.67 12.00
CA TYR B 291 14.40 -17.59 12.69
C TYR B 291 13.37 -18.17 11.72
N LEU B 292 12.81 -17.32 10.86
CA LEU B 292 11.81 -17.80 9.93
C LEU B 292 12.41 -18.80 8.95
N MET B 293 13.61 -18.53 8.44
CA MET B 293 14.25 -19.49 7.55
C MET B 293 14.47 -20.82 8.27
N PHE B 294 14.99 -20.76 9.49
CA PHE B 294 15.28 -21.97 10.24
C PHE B 294 14.00 -22.78 10.48
N ILE B 295 12.95 -22.11 10.93
CA ILE B 295 11.72 -22.83 11.28
C ILE B 295 11.01 -23.33 10.03
N MET B 296 11.07 -22.60 8.93
CA MET B 296 10.45 -23.08 7.70
C MET B 296 11.18 -24.29 7.15
N SER B 297 12.51 -24.28 7.19
CA SER B 297 13.24 -25.48 6.79
C SER B 297 12.92 -26.65 7.69
N LEU B 298 12.82 -26.40 8.99
CA LEU B 298 12.51 -27.48 9.92
C LEU B 298 11.12 -28.04 9.66
N VAL B 299 10.15 -27.18 9.39
CA VAL B 299 8.79 -27.67 9.15
C VAL B 299 8.71 -28.39 7.81
N THR B 300 9.52 -27.98 6.82
CA THR B 300 9.60 -28.75 5.59
C THR B 300 10.14 -30.14 5.86
N GLY B 301 11.17 -30.24 6.69
CA GLY B 301 11.65 -31.54 7.11
C GLY B 301 10.57 -32.35 7.81
N VAL B 302 9.78 -31.69 8.64
CA VAL B 302 8.69 -32.38 9.33
C VAL B 302 7.67 -32.91 8.33
N ILE B 303 7.34 -32.13 7.31
CA ILE B 303 6.40 -32.57 6.29
C ILE B 303 6.95 -33.78 5.56
N VAL B 304 8.22 -33.72 5.18
CA VAL B 304 8.84 -34.85 4.48
C VAL B 304 8.80 -36.10 5.35
N ASN B 305 9.08 -35.93 6.64
CA ASN B 305 9.14 -37.08 7.52
C ASN B 305 7.77 -37.66 7.78
N CYS B 306 6.74 -36.81 7.87
CA CYS B 306 5.38 -37.30 7.95
C CYS B 306 5.00 -38.07 6.70
N GLY B 307 5.44 -37.58 5.54
CA GLY B 307 5.19 -38.33 4.32
C GLY B 307 5.83 -39.71 4.34
N ILE B 308 7.07 -39.79 4.83
CA ILE B 308 7.74 -41.08 4.94
C ILE B 308 6.99 -42.00 5.90
N VAL B 309 6.54 -41.45 7.03
CA VAL B 309 5.80 -42.25 7.99
C VAL B 309 4.54 -42.80 7.35
N LEU B 310 3.81 -41.94 6.63
CA LEU B 310 2.58 -42.40 5.98
C LEU B 310 2.88 -43.46 4.94
N ASN B 311 3.98 -43.32 4.20
CA ASN B 311 4.34 -44.33 3.22
C ASN B 311 4.61 -45.67 3.89
N PHE B 312 5.29 -45.64 5.03
CA PHE B 312 5.54 -46.89 5.75
C PHE B 312 4.23 -47.49 6.27
N HIS B 313 3.32 -46.65 6.77
CA HIS B 313 2.13 -47.15 7.44
C HIS B 313 1.26 -47.97 6.51
N PHE B 314 1.22 -47.62 5.22
CA PHE B 314 0.29 -48.22 4.29
C PHE B 314 0.90 -49.33 3.45
N ARG B 315 2.10 -49.78 3.79
CA ARG B 315 2.68 -50.93 3.11
C ARG B 315 1.90 -52.20 3.46
N THR B 316 1.83 -53.11 2.51
CA THR B 316 1.12 -54.36 2.68
C THR B 316 1.95 -55.50 2.11
N PRO B 317 1.70 -56.74 2.53
CA PRO B 317 2.51 -57.85 2.04
C PRO B 317 2.44 -58.04 0.54
N SER B 318 1.41 -57.50 -0.13
CA SER B 318 1.26 -57.69 -1.56
C SER B 318 2.13 -56.75 -2.38
N THR B 319 2.76 -55.76 -1.75
CA THR B 319 3.61 -54.82 -2.47
C THR B 319 5.00 -54.64 -1.86
N HIS B 320 5.21 -55.03 -0.61
CA HIS B 320 6.49 -54.83 0.05
C HIS B 320 6.83 -56.05 0.88
N VAL B 321 8.11 -56.18 1.22
CA VAL B 321 8.61 -57.26 2.04
C VAL B 321 9.14 -56.66 3.34
N LEU B 322 8.61 -57.12 4.46
CA LEU B 322 9.05 -56.65 5.77
C LEU B 322 10.25 -57.48 6.19
N SER B 323 11.45 -56.94 5.98
CA SER B 323 12.67 -57.68 6.24
C SER B 323 12.88 -57.85 7.74
N THR B 324 13.74 -58.81 8.09
CA THR B 324 14.05 -59.05 9.49
C THR B 324 14.85 -57.91 10.10
N ARG B 325 15.68 -57.24 9.30
CA ARG B 325 16.42 -56.10 9.83
C ARG B 325 15.47 -55.00 10.29
N VAL B 326 14.48 -54.68 9.48
CA VAL B 326 13.52 -53.64 9.86
C VAL B 326 12.75 -54.05 11.10
N LYS B 327 12.33 -55.31 11.17
CA LYS B 327 11.60 -55.78 12.35
C LYS B 327 12.46 -55.62 13.60
N GLN B 328 13.72 -56.06 13.52
CA GLN B 328 14.59 -55.96 14.68
C GLN B 328 14.82 -54.52 15.09
N ILE B 329 15.02 -53.63 14.12
CA ILE B 329 15.35 -52.25 14.46
C ILE B 329 14.14 -51.51 15.03
N PHE B 330 12.96 -51.70 14.42
CA PHE B 330 11.81 -50.85 14.70
C PHE B 330 10.75 -51.51 15.56
N LEU B 331 10.91 -52.78 15.92
CA LEU B 331 9.93 -53.45 16.77
C LEU B 331 10.52 -54.00 18.05
N GLU B 332 11.85 -54.06 18.17
CA GLU B 332 12.50 -54.54 19.38
C GLU B 332 13.37 -53.48 20.04
N LYS B 333 14.27 -52.86 19.29
CA LYS B 333 15.23 -51.93 19.91
C LYS B 333 14.61 -50.58 20.20
N LEU B 334 14.18 -49.87 19.16
CA LEU B 334 13.73 -48.49 19.34
C LEU B 334 12.52 -48.40 20.28
N PRO B 335 11.49 -49.23 20.16
CA PRO B 335 10.38 -49.13 21.12
C PRO B 335 10.83 -49.28 22.56
N ARG B 336 11.88 -50.08 22.81
CA ARG B 336 12.41 -50.18 24.16
C ARG B 336 13.17 -48.92 24.54
N ILE B 337 13.99 -48.41 23.62
CA ILE B 337 14.82 -47.24 23.93
C ILE B 337 13.95 -46.04 24.22
N LEU B 338 12.87 -45.86 23.48
CA LEU B 338 12.02 -44.69 23.59
C LEU B 338 10.90 -44.86 24.62
N HIS B 339 10.91 -45.95 25.38
CA HIS B 339 9.92 -46.17 26.43
C HIS B 339 8.51 -46.18 25.88
N MET B 340 8.36 -46.68 24.65
CA MET B 340 7.04 -46.78 24.05
C MET B 340 6.24 -47.89 24.71
N SER B 341 4.94 -47.67 24.84
CA SER B 341 4.06 -48.68 25.42
C SER B 341 4.03 -49.94 24.56
N HIS B 416 -21.43 -90.72 -1.15
CA HIS B 416 -21.52 -89.65 -0.16
C HIS B 416 -20.67 -88.45 -0.58
N ASP B 417 -20.77 -88.08 -1.86
CA ASP B 417 -20.00 -86.95 -2.35
C ASP B 417 -20.43 -85.65 -1.69
N GLU B 418 -21.68 -85.58 -1.21
CA GLU B 418 -22.17 -84.34 -0.63
C GLU B 418 -21.37 -83.94 0.61
N ILE B 419 -21.12 -84.91 1.50
CA ILE B 419 -20.37 -84.59 2.72
C ILE B 419 -18.92 -84.28 2.38
N LYS B 420 -18.34 -84.97 1.39
CA LYS B 420 -16.98 -84.62 0.99
C LYS B 420 -16.90 -83.20 0.47
N SER B 421 -17.90 -82.79 -0.33
CA SER B 421 -17.93 -81.43 -0.82
C SER B 421 -18.05 -80.45 0.34
N GLY B 422 -18.89 -80.76 1.33
CA GLY B 422 -19.00 -79.90 2.49
C GLY B 422 -17.69 -79.77 3.24
N ILE B 423 -17.01 -80.89 3.47
CA ILE B 423 -15.74 -80.86 4.19
C ILE B 423 -14.71 -80.05 3.41
N ASP B 424 -14.64 -80.26 2.09
CA ASP B 424 -13.68 -79.51 1.29
C ASP B 424 -13.98 -78.03 1.33
N SER B 425 -15.27 -77.66 1.25
CA SER B 425 -15.64 -76.25 1.28
C SER B 425 -15.26 -75.62 2.61
N THR B 426 -15.53 -76.29 3.72
CA THR B 426 -15.17 -75.72 5.01
C THR B 426 -13.65 -75.61 5.17
N ASN B 427 -12.91 -76.60 4.66
CA ASN B 427 -11.46 -76.50 4.69
C ASN B 427 -10.99 -75.28 3.90
N TYR B 428 -11.57 -75.06 2.73
CA TYR B 428 -11.21 -73.89 1.93
C TYR B 428 -11.52 -72.60 2.66
N ILE B 429 -12.68 -72.55 3.34
CA ILE B 429 -13.02 -71.36 4.11
C ILE B 429 -11.98 -71.10 5.19
N VAL B 430 -11.59 -72.16 5.91
CA VAL B 430 -10.60 -71.99 6.97
C VAL B 430 -9.27 -71.50 6.39
N LYS B 431 -8.86 -72.06 5.25
CA LYS B 431 -7.61 -71.62 4.63
C LYS B 431 -7.67 -70.14 4.26
N GLN B 432 -8.78 -69.71 3.67
CA GLN B 432 -8.91 -68.30 3.31
C GLN B 432 -8.86 -67.41 4.55
N ILE B 433 -9.54 -67.81 5.61
CA ILE B 433 -9.56 -66.97 6.81
C ILE B 433 -8.16 -66.89 7.41
N LYS B 434 -7.42 -68.00 7.44
CA LYS B 434 -6.07 -67.97 7.97
C LYS B 434 -5.17 -67.05 7.15
N GLU B 435 -5.28 -67.12 5.81
CA GLU B 435 -4.48 -66.24 4.99
C GLU B 435 -4.82 -64.78 5.25
N LYS B 436 -6.11 -64.48 5.37
CA LYS B 436 -6.51 -63.09 5.64
C LYS B 436 -5.96 -62.63 6.99
N ASN B 437 -5.97 -63.50 7.99
CA ASN B 437 -5.43 -63.13 9.29
C ASN B 437 -3.94 -62.85 9.21
N ALA B 438 -3.20 -63.66 8.47
CA ALA B 438 -1.76 -63.40 8.32
C ALA B 438 -1.52 -62.06 7.63
N TYR B 439 -2.27 -61.79 6.57
CA TYR B 439 -2.20 -60.49 5.91
C TYR B 439 -2.43 -59.37 6.89
N ASP B 440 -3.48 -59.49 7.70
CA ASP B 440 -3.83 -58.41 8.62
C ASP B 440 -2.76 -58.20 9.67
N GLU B 441 -2.16 -59.28 10.18
CA GLU B 441 -1.16 -59.09 11.22
C GLU B 441 0.12 -58.50 10.66
N GLU B 442 0.48 -58.83 9.42
CA GLU B 442 1.62 -58.14 8.81
C GLU B 442 1.32 -56.66 8.60
N VAL B 443 0.08 -56.33 8.20
CA VAL B 443 -0.30 -54.92 8.10
C VAL B 443 -0.15 -54.23 9.44
N GLY B 444 -0.58 -54.89 10.51
CA GLY B 444 -0.43 -54.31 11.83
C GLY B 444 1.04 -54.09 12.20
N ASN B 445 1.90 -55.01 11.80
CA ASN B 445 3.33 -54.83 12.06
C ASN B 445 3.85 -53.58 11.34
N TRP B 446 3.43 -53.38 10.09
CA TRP B 446 3.83 -52.17 9.38
C TRP B 446 3.33 -50.93 10.11
N ASN B 447 2.11 -50.99 10.63
CA ASN B 447 1.57 -49.86 11.38
C ASN B 447 2.42 -49.56 12.61
N LEU B 448 2.85 -50.60 13.31
CA LEU B 448 3.70 -50.39 14.48
C LEU B 448 5.03 -49.76 14.09
N VAL B 449 5.61 -50.21 12.97
CA VAL B 449 6.85 -49.59 12.49
C VAL B 449 6.63 -48.10 12.24
N GLY B 450 5.52 -47.75 11.62
CA GLY B 450 5.22 -46.35 11.40
C GLY B 450 5.14 -45.56 12.69
N GLN B 451 4.47 -46.12 13.70
CA GLN B 451 4.37 -45.42 14.98
C GLN B 451 5.75 -45.21 15.60
N THR B 452 6.61 -46.21 15.50
CA THR B 452 7.96 -46.07 16.05
C THR B 452 8.71 -44.95 15.36
N ILE B 453 8.61 -44.88 14.03
CA ILE B 453 9.30 -43.80 13.32
C ILE B 453 8.73 -42.45 13.75
N ASP B 454 7.41 -42.37 13.92
CA ASP B 454 6.80 -41.13 14.42
C ASP B 454 7.42 -40.71 15.75
N ARG B 455 7.48 -41.64 16.70
CA ARG B 455 7.99 -41.28 18.02
C ARG B 455 9.45 -40.85 17.96
N LEU B 456 10.25 -41.58 17.21
CA LEU B 456 11.67 -41.21 17.08
C LEU B 456 11.81 -39.82 16.49
N SER B 457 11.03 -39.53 15.44
CA SER B 457 11.10 -38.21 14.82
C SER B 457 10.68 -37.12 15.78
N MET B 458 9.62 -37.35 16.55
CA MET B 458 9.18 -36.35 17.51
C MET B 458 10.29 -36.05 18.50
N PHE B 459 10.91 -37.10 19.05
CA PHE B 459 11.97 -36.88 20.03
C PHE B 459 13.16 -36.15 19.43
N ILE B 460 13.53 -36.50 18.19
CA ILE B 460 14.69 -35.83 17.59
C ILE B 460 14.40 -34.38 17.25
N ILE B 461 13.19 -34.06 16.80
CA ILE B 461 12.92 -32.77 16.20
C ILE B 461 12.41 -31.76 17.23
N THR B 462 11.50 -32.15 18.13
CA THR B 462 10.95 -31.16 19.05
C THR B 462 12.02 -30.43 19.84
N PRO B 463 12.97 -31.11 20.50
CA PRO B 463 14.01 -30.36 21.21
C PRO B 463 14.82 -29.46 20.30
N VAL B 464 15.08 -29.87 19.05
CA VAL B 464 15.82 -29.01 18.14
C VAL B 464 15.04 -27.72 17.91
N MET B 465 13.74 -27.84 17.66
CA MET B 465 12.90 -26.65 17.46
C MET B 465 12.95 -25.74 18.67
N VAL B 466 12.73 -26.30 19.86
CA VAL B 466 12.65 -25.48 21.07
C VAL B 466 13.99 -24.80 21.35
N LEU B 467 15.08 -25.56 21.25
CA LEU B 467 16.39 -24.99 21.53
C LEU B 467 16.75 -23.92 20.51
N GLY B 468 16.46 -24.16 19.23
CA GLY B 468 16.75 -23.13 18.24
C GLY B 468 15.99 -21.85 18.51
N THR B 469 14.69 -21.97 18.80
CA THR B 469 13.91 -20.78 19.11
C THR B 469 14.50 -20.03 20.30
N ILE B 470 14.75 -20.75 21.39
CA ILE B 470 15.23 -20.10 22.61
C ILE B 470 16.57 -19.44 22.34
N PHE B 471 17.47 -20.14 21.67
CA PHE B 471 18.81 -19.60 21.43
C PHE B 471 18.73 -18.34 20.59
N ILE B 472 18.00 -18.39 19.48
CA ILE B 472 17.92 -17.22 18.60
C ILE B 472 17.36 -16.03 19.35
N PHE B 473 16.26 -16.24 20.09
CA PHE B 473 15.61 -15.08 20.67
C PHE B 473 16.32 -14.54 21.91
N VAL B 474 17.03 -15.39 22.68
CA VAL B 474 17.84 -14.82 23.75
C VAL B 474 19.04 -14.07 23.18
N MET B 475 19.67 -14.63 22.15
CA MET B 475 20.74 -13.89 21.48
C MET B 475 20.24 -12.53 21.02
N GLY B 476 19.02 -12.47 20.50
CA GLY B 476 18.45 -11.18 20.13
C GLY B 476 18.22 -10.29 21.32
N ASN B 477 17.70 -10.84 22.41
CA ASN B 477 17.38 -10.05 23.60
C ASN B 477 18.61 -9.57 24.34
N PHE B 478 19.80 -10.09 24.00
CA PHE B 478 21.05 -9.68 24.65
C PHE B 478 21.85 -8.71 23.79
N ASN B 479 21.18 -7.76 23.14
CA ASN B 479 21.82 -6.88 22.17
C ASN B 479 21.76 -5.43 22.60
N HIS B 480 22.18 -5.13 23.83
CA HIS B 480 22.10 -3.78 24.34
C HIS B 480 23.02 -2.86 23.56
N PRO B 481 22.75 -1.55 23.58
CA PRO B 481 23.70 -0.59 23.00
C PRO B 481 24.96 -0.54 23.82
N PRO B 482 26.08 -0.07 23.23
CA PRO B 482 27.39 -0.30 23.83
C PRO B 482 27.68 0.49 25.09
N ALA B 483 26.72 1.22 25.65
CA ALA B 483 26.87 1.93 26.92
C ALA B 483 27.84 3.10 26.84
N LYS B 484 28.51 3.30 25.71
CA LYS B 484 29.41 4.42 25.55
C LYS B 484 29.59 4.69 24.06
N PRO B 485 29.14 5.82 23.54
CA PRO B 485 29.38 6.12 22.14
C PRO B 485 30.85 6.38 21.88
N PHE B 486 31.25 6.18 20.62
CA PHE B 486 32.65 6.41 20.24
C PHE B 486 33.57 5.49 21.05
N GLU B 487 33.45 4.19 20.75
CA GLU B 487 34.09 3.14 21.52
C GLU B 487 35.47 3.51 22.05
N GLY B 488 36.29 4.16 21.23
CA GLY B 488 37.63 4.50 21.67
C GLY B 488 37.71 5.66 22.64
N ASP B 489 36.58 6.22 23.04
CA ASP B 489 36.52 7.42 23.87
C ASP B 489 35.94 7.11 25.23
N PRO B 490 36.61 7.49 26.33
CA PRO B 490 36.06 7.23 27.66
C PRO B 490 35.04 8.24 28.17
N PHE B 491 34.64 9.21 27.36
CA PHE B 491 33.71 10.24 27.79
C PHE B 491 32.27 9.81 27.53
N ASP B 492 31.37 10.19 28.45
CA ASP B 492 29.99 9.77 28.39
C ASP B 492 29.11 10.67 27.54
N TYR B 493 29.53 11.90 27.28
CA TYR B 493 28.73 12.85 26.50
C TYR B 493 27.34 13.00 27.09
N SER B 494 27.26 13.06 28.41
CA SER B 494 26.01 13.21 29.12
C SER B 494 25.88 14.64 29.64
N SER B 495 24.66 15.18 29.57
CA SER B 495 24.44 16.55 30.01
C SER B 495 24.67 16.74 31.50
N ASP B 496 24.76 15.64 32.27
CA ASP B 496 24.95 15.73 33.70
C ASP B 496 26.42 15.80 34.11
N HIS B 497 27.35 15.50 33.22
CA HIS B 497 28.77 15.48 33.53
C HIS B 497 29.56 16.18 32.43
N PRO B 498 29.45 17.49 32.33
CA PRO B 498 30.28 18.23 31.37
C PRO B 498 31.76 18.06 31.68
N ARG B 499 32.59 18.12 30.64
CA ARG B 499 34.01 17.90 30.81
C ARG B 499 34.60 18.87 31.83
N CYS B 500 35.48 18.34 32.69
CA CYS B 500 36.16 19.15 33.69
C CYS B 500 35.15 19.80 34.63
N SER C 1 34.22 43.66 5.63
CA SER C 1 35.14 44.79 5.89
C SER C 1 34.81 45.97 4.99
N VAL C 2 35.48 47.09 5.21
CA VAL C 2 35.26 48.27 4.39
C VAL C 2 35.84 48.04 2.99
N MET C 3 37.03 47.46 2.91
CA MET C 3 37.65 47.25 1.60
C MET C 3 36.86 46.25 0.77
N GLU C 4 36.25 45.26 1.40
CA GLU C 4 35.39 44.34 0.67
C GLU C 4 34.20 45.08 0.08
N ASP C 5 33.60 45.99 0.84
CA ASP C 5 32.51 46.80 0.31
C ASP C 5 32.98 47.62 -0.88
N THR C 6 34.15 48.24 -0.77
CA THR C 6 34.66 49.04 -1.88
C THR C 6 34.86 48.18 -3.13
N LEU C 7 35.45 47.00 -2.95
CA LEU C 7 35.69 46.13 -4.09
C LEU C 7 34.39 45.68 -4.72
N LEU C 8 33.40 45.31 -3.91
CA LEU C 8 32.12 44.90 -4.47
C LEU C 8 31.45 46.04 -5.22
N SER C 9 31.49 47.25 -4.65
CA SER C 9 30.89 48.38 -5.34
C SER C 9 31.59 48.64 -6.67
N VAL C 10 32.91 48.45 -6.73
CA VAL C 10 33.62 48.67 -7.98
C VAL C 10 33.27 47.60 -9.00
N LEU C 11 33.14 46.34 -8.56
CA LEU C 11 32.97 45.25 -9.50
C LEU C 11 31.59 45.25 -10.15
N PHE C 12 30.55 45.55 -9.38
CA PHE C 12 29.18 45.37 -9.83
C PHE C 12 28.49 46.70 -10.15
N GLU C 13 29.26 47.71 -10.56
CA GLU C 13 28.66 48.99 -10.88
C GLU C 13 27.87 48.92 -12.18
N THR C 14 28.46 48.32 -13.22
CA THR C 14 27.79 48.15 -14.51
C THR C 14 27.67 46.69 -14.90
N TYR C 15 28.05 45.77 -14.02
CA TYR C 15 27.98 44.35 -14.33
C TYR C 15 26.52 43.92 -14.44
N ASN C 16 26.18 43.30 -15.58
CA ASN C 16 24.83 42.82 -15.83
C ASN C 16 24.84 41.31 -15.79
N PRO C 17 24.22 40.65 -14.79
CA PRO C 17 24.31 39.19 -14.70
C PRO C 17 23.61 38.46 -15.83
N LYS C 18 22.82 39.15 -16.65
CA LYS C 18 22.07 38.49 -17.71
C LYS C 18 22.88 38.33 -18.99
N VAL C 19 24.12 38.83 -19.02
CA VAL C 19 24.92 38.88 -20.24
C VAL C 19 26.07 37.90 -20.09
N ARG C 20 26.17 36.96 -21.02
CA ARG C 20 27.26 36.00 -20.98
C ARG C 20 28.59 36.72 -21.19
N PRO C 21 29.63 36.38 -20.42
CA PRO C 21 30.89 37.12 -20.52
C PRO C 21 31.67 36.69 -21.76
N ALA C 22 31.87 37.62 -22.68
CA ALA C 22 32.62 37.38 -23.91
C ALA C 22 33.45 38.62 -24.18
N GLN C 23 34.77 38.51 -24.02
CA GLN C 23 35.64 39.65 -24.27
C GLN C 23 35.37 40.25 -25.64
N THR C 24 35.34 39.41 -26.67
CA THR C 24 35.10 39.84 -28.03
C THR C 24 33.94 39.05 -28.61
N VAL C 25 33.14 39.71 -29.45
CA VAL C 25 32.01 39.05 -30.06
C VAL C 25 32.50 37.80 -30.78
N GLY C 26 31.89 36.67 -30.47
CA GLY C 26 32.29 35.39 -31.03
C GLY C 26 33.09 34.51 -30.10
N ASP C 27 33.61 35.06 -29.00
CA ASP C 27 34.34 34.25 -28.04
C ASP C 27 33.40 33.27 -27.35
N LYS C 28 33.96 32.13 -26.94
CA LYS C 28 33.23 31.10 -26.23
C LYS C 28 33.73 31.01 -24.81
N VAL C 29 32.83 30.63 -23.90
CA VAL C 29 33.15 30.50 -22.49
C VAL C 29 33.38 29.03 -22.20
N THR C 30 34.58 28.70 -21.72
CA THR C 30 34.90 27.33 -21.37
C THR C 30 34.37 27.03 -19.98
N VAL C 31 33.50 26.03 -19.87
CA VAL C 31 32.88 25.65 -18.61
C VAL C 31 33.31 24.23 -18.27
N ARG C 32 33.88 24.06 -17.08
CA ARG C 32 34.31 22.77 -16.60
C ARG C 32 33.24 22.21 -15.66
N VAL C 33 32.80 20.99 -15.94
CA VAL C 33 31.68 20.36 -15.27
C VAL C 33 32.16 19.04 -14.67
N GLY C 34 32.02 18.90 -13.36
CA GLY C 34 32.29 17.64 -12.69
C GLY C 34 31.19 17.35 -11.69
N LEU C 35 31.18 16.12 -11.19
CA LEU C 35 30.14 15.67 -10.28
C LEU C 35 30.76 15.01 -9.07
N THR C 36 30.15 15.21 -7.91
CA THR C 36 30.54 14.52 -6.69
C THR C 36 29.30 13.88 -6.09
N LEU C 37 29.35 12.57 -5.89
CA LEU C 37 28.19 11.82 -5.40
C LEU C 37 28.31 11.70 -3.89
N THR C 38 27.37 12.32 -3.17
CA THR C 38 27.34 12.22 -1.72
C THR C 38 26.53 11.03 -1.23
N ASN C 39 25.49 10.64 -1.98
CA ASN C 39 24.65 9.53 -1.58
C ASN C 39 23.80 9.07 -2.75
N LEU C 40 23.73 7.76 -2.97
CA LEU C 40 22.86 7.18 -3.99
C LEU C 40 21.61 6.70 -3.26
N LEU C 41 20.61 7.57 -3.16
CA LEU C 41 19.47 7.33 -2.30
C LEU C 41 18.67 6.11 -2.74
N ILE C 42 18.06 6.17 -3.92
CA ILE C 42 17.04 5.22 -4.33
C ILE C 42 17.20 4.93 -5.81
N LEU C 43 16.77 3.75 -6.22
CA LEU C 43 16.70 3.36 -7.62
C LEU C 43 15.35 2.75 -7.92
N ASN C 44 14.28 3.48 -7.60
CA ASN C 44 12.93 3.00 -7.78
C ASN C 44 12.75 2.38 -9.16
N GLU C 45 12.50 1.07 -9.18
CA GLU C 45 12.32 0.37 -10.44
C GLU C 45 10.90 0.45 -10.96
N LYS C 46 9.95 0.88 -10.13
CA LYS C 46 8.57 0.97 -10.57
C LYS C 46 8.36 2.17 -11.49
N ILE C 47 9.10 3.26 -11.25
CA ILE C 47 9.00 4.46 -12.05
C ILE C 47 10.28 4.75 -12.81
N GLU C 48 11.24 3.82 -12.80
CA GLU C 48 12.47 3.95 -13.57
C GLU C 48 13.15 5.28 -13.30
N GLU C 49 13.43 5.53 -12.02
CA GLU C 49 13.93 6.81 -11.56
C GLU C 49 15.00 6.59 -10.51
N MET C 50 16.15 7.24 -10.68
CA MET C 50 17.25 7.16 -9.73
C MET C 50 17.36 8.48 -8.99
N THR C 51 17.32 8.43 -7.67
CA THR C 51 17.49 9.59 -6.82
C THR C 51 18.91 9.64 -6.30
N THR C 52 19.57 10.78 -6.46
CA THR C 52 20.93 10.96 -6.01
C THR C 52 21.07 12.31 -5.31
N ASN C 53 22.02 12.36 -4.39
CA ASN C 53 22.43 13.60 -3.75
C ASN C 53 23.82 13.92 -4.26
N VAL C 54 24.00 15.09 -4.88
CA VAL C 54 25.23 15.39 -5.59
C VAL C 54 25.64 16.84 -5.38
N PHE C 55 26.93 17.08 -5.60
CA PHE C 55 27.48 18.41 -5.81
C PHE C 55 27.89 18.54 -7.27
N LEU C 56 27.64 19.69 -7.86
CA LEU C 56 28.10 20.02 -9.20
C LEU C 56 29.33 20.92 -9.08
N ASN C 57 30.48 20.45 -9.56
CA ASN C 57 31.68 21.28 -9.60
C ASN C 57 31.70 21.99 -10.93
N LEU C 58 31.31 23.27 -10.93
CA LEU C 58 31.29 24.09 -12.13
C LEU C 58 32.36 25.15 -12.03
N ALA C 59 33.07 25.39 -13.12
CA ALA C 59 34.10 26.42 -13.14
C ALA C 59 34.12 27.12 -14.48
N TRP C 60 34.26 28.44 -14.46
CA TRP C 60 34.39 29.20 -15.69
C TRP C 60 35.22 30.45 -15.40
N THR C 61 35.38 31.28 -16.43
CA THR C 61 36.16 32.50 -16.32
C THR C 61 35.31 33.67 -16.79
N ASP C 62 35.22 34.70 -15.97
CA ASP C 62 34.43 35.89 -16.27
C ASP C 62 35.37 37.09 -16.22
N TYR C 63 35.73 37.61 -17.39
CA TYR C 63 36.73 38.67 -17.46
C TYR C 63 36.29 39.93 -16.75
N ARG C 64 34.99 40.10 -16.47
CA ARG C 64 34.54 41.32 -15.83
C ARG C 64 34.90 41.36 -14.36
N LEU C 65 35.00 40.20 -13.71
CA LEU C 65 35.26 40.14 -12.27
C LEU C 65 36.76 40.03 -12.01
N GLN C 66 37.50 41.03 -12.48
CA GLN C 66 38.94 41.10 -12.33
C GLN C 66 39.29 42.32 -11.50
N TRP C 67 40.31 42.17 -10.65
CA TRP C 67 40.80 43.28 -9.85
C TRP C 67 42.24 42.98 -9.46
N ASP C 68 42.93 44.01 -8.98
CA ASP C 68 44.31 43.88 -8.58
C ASP C 68 44.37 43.81 -7.06
N PRO C 69 44.78 42.70 -6.46
CA PRO C 69 44.72 42.60 -4.99
C PRO C 69 45.54 43.67 -4.29
N ALA C 70 46.65 44.12 -4.89
CA ALA C 70 47.50 45.08 -4.22
C ALA C 70 46.74 46.35 -3.86
N ALA C 71 45.68 46.67 -4.59
CA ALA C 71 44.92 47.89 -4.37
C ALA C 71 43.80 47.72 -3.34
N TYR C 72 43.59 46.51 -2.82
CA TYR C 72 42.49 46.26 -1.91
C TYR C 72 42.96 45.44 -0.71
N GLU C 73 44.11 45.80 -0.16
CA GLU C 73 44.65 45.12 1.02
C GLU C 73 44.82 43.63 0.78
N GLY C 74 45.23 43.28 -0.43
CA GLY C 74 45.57 41.89 -0.72
C GLY C 74 44.41 40.93 -0.56
N ILE C 75 43.23 41.31 -1.02
CA ILE C 75 42.11 40.38 -1.09
C ILE C 75 42.28 39.52 -2.33
N LYS C 76 42.52 38.23 -2.13
CA LYS C 76 42.76 37.34 -3.26
C LYS C 76 41.48 36.81 -3.88
N ASP C 77 40.39 36.73 -3.12
CA ASP C 77 39.17 36.15 -3.64
C ASP C 77 37.99 36.58 -2.78
N LEU C 78 36.80 36.41 -3.34
CA LEU C 78 35.55 36.82 -2.71
C LEU C 78 34.53 35.69 -2.77
N ARG C 79 33.63 35.68 -1.81
CA ARG C 79 32.46 34.82 -1.82
C ARG C 79 31.26 35.70 -2.12
N ILE C 80 30.70 35.53 -3.31
CA ILE C 80 29.63 36.42 -3.79
C ILE C 80 28.36 35.61 -3.98
N PRO C 81 27.19 36.09 -3.55
CA PRO C 81 25.98 35.30 -3.74
C PRO C 81 25.78 34.93 -5.20
N SER C 82 25.34 33.68 -5.42
CA SER C 82 25.32 33.12 -6.77
C SER C 82 24.38 33.84 -7.71
N SER C 83 23.39 34.55 -7.18
CA SER C 83 22.43 35.24 -8.03
C SER C 83 22.94 36.59 -8.51
N ASP C 84 24.13 37.01 -8.09
CA ASP C 84 24.69 38.29 -8.49
C ASP C 84 25.59 38.20 -9.71
N VAL C 85 25.94 37.00 -10.15
CA VAL C 85 26.89 36.83 -11.25
C VAL C 85 26.24 36.00 -12.34
N TRP C 86 26.81 36.07 -13.53
CA TRP C 86 26.36 35.22 -14.62
C TRP C 86 26.81 33.79 -14.38
N GLN C 87 25.92 32.85 -14.64
CA GLN C 87 26.26 31.44 -14.55
C GLN C 87 25.66 30.72 -15.74
N PRO C 88 26.33 29.67 -16.23
CA PRO C 88 25.74 28.88 -17.31
C PRO C 88 24.62 28.03 -16.75
N ASP C 89 23.52 27.97 -17.49
CA ASP C 89 22.32 27.28 -17.00
C ASP C 89 22.52 25.77 -17.11
N ILE C 90 23.55 25.28 -16.41
CA ILE C 90 23.85 23.86 -16.43
C ILE C 90 22.73 23.13 -15.69
N VAL C 91 22.06 22.22 -16.39
CA VAL C 91 20.93 21.50 -15.85
C VAL C 91 21.08 20.02 -16.20
N LEU C 92 20.38 19.20 -15.43
CA LEU C 92 20.24 17.77 -15.70
C LEU C 92 19.12 17.58 -16.70
N MET C 93 19.46 17.16 -17.91
CA MET C 93 18.46 17.10 -18.96
C MET C 93 17.51 15.93 -18.77
N ASN C 94 18.03 14.76 -18.43
CA ASN C 94 17.21 13.56 -18.35
C ASN C 94 16.65 13.35 -16.95
N ASN C 95 16.02 14.38 -16.40
CA ASN C 95 15.34 14.22 -15.13
C ASN C 95 13.98 13.57 -15.34
N ASN C 96 13.45 13.00 -14.27
CA ASN C 96 12.14 12.36 -14.34
C ASN C 96 11.03 13.33 -13.97
N ASP C 97 11.16 14.02 -12.85
CA ASP C 97 10.26 15.10 -12.51
C ASP C 97 10.67 16.34 -13.31
N GLY C 98 10.06 17.47 -13.04
CA GLY C 98 10.34 18.66 -13.80
C GLY C 98 11.50 19.49 -13.31
N SER C 99 12.21 19.05 -12.28
CA SER C 99 13.26 19.86 -11.67
C SER C 99 14.52 19.75 -12.51
N PHE C 100 14.83 20.81 -13.24
CA PHE C 100 16.05 20.87 -14.04
C PHE C 100 17.20 21.46 -13.25
N GLU C 101 16.95 22.50 -12.47
CA GLU C 101 17.98 23.29 -11.83
C GLU C 101 18.39 22.69 -10.50
N ILE C 102 19.49 23.22 -9.96
CA ILE C 102 20.00 22.83 -8.65
C ILE C 102 19.01 23.22 -7.57
N THR C 103 19.20 22.69 -6.37
CA THR C 103 18.34 22.98 -5.23
C THR C 103 18.95 24.01 -4.28
N LEU C 104 20.22 23.85 -3.91
CA LEU C 104 20.87 24.72 -2.95
C LEU C 104 21.75 25.71 -3.69
N HIS C 105 21.45 27.00 -3.53
CA HIS C 105 22.19 28.05 -4.23
C HIS C 105 23.27 28.62 -3.32
N VAL C 106 24.31 27.81 -3.12
CA VAL C 106 25.47 28.29 -2.39
C VAL C 106 26.14 29.40 -3.19
N ASN C 107 26.80 30.30 -2.48
CA ASN C 107 27.39 31.45 -3.15
C ASN C 107 28.70 31.06 -3.82
N VAL C 108 28.99 31.73 -4.94
CA VAL C 108 30.13 31.39 -5.76
C VAL C 108 31.41 31.95 -5.15
N LEU C 109 32.54 31.42 -5.59
CA LEU C 109 33.86 31.90 -5.22
C LEU C 109 34.51 32.50 -6.45
N VAL C 110 34.99 33.74 -6.33
CA VAL C 110 35.60 34.47 -7.44
C VAL C 110 37.01 34.82 -7.05
N GLN C 111 37.96 34.53 -7.94
CA GLN C 111 39.37 34.85 -7.71
C GLN C 111 39.77 36.07 -8.51
N HIS C 112 40.83 36.74 -8.06
CA HIS C 112 41.19 38.03 -8.64
C HIS C 112 41.51 37.91 -10.12
N THR C 113 41.81 36.71 -10.61
CA THR C 113 42.07 36.51 -12.03
C THR C 113 40.79 36.39 -12.83
N GLY C 114 39.63 36.37 -12.18
CA GLY C 114 38.37 36.22 -12.88
C GLY C 114 37.85 34.80 -12.95
N ALA C 115 38.41 33.87 -12.20
CA ALA C 115 38.01 32.47 -12.24
C ALA C 115 36.88 32.26 -11.25
N VAL C 116 35.68 31.97 -11.75
CA VAL C 116 34.51 31.73 -10.92
C VAL C 116 34.34 30.24 -10.74
N SER C 117 34.14 29.82 -9.50
CA SER C 117 33.91 28.42 -9.15
C SER C 117 32.63 28.33 -8.35
N TRP C 118 31.81 27.32 -8.65
CA TRP C 118 30.51 27.16 -8.02
C TRP C 118 30.29 25.68 -7.75
N GLN C 119 29.87 25.35 -6.54
CA GLN C 119 29.67 23.96 -6.12
C GLN C 119 28.32 23.81 -5.47
N PRO C 120 27.24 23.97 -6.22
CA PRO C 120 25.90 23.82 -5.64
C PRO C 120 25.58 22.36 -5.37
N SER C 121 24.69 22.15 -4.41
CA SER C 121 24.20 20.83 -4.06
C SER C 121 22.82 20.61 -4.68
N ALA C 122 22.44 19.35 -4.83
CA ALA C 122 21.15 19.05 -5.42
C ALA C 122 20.72 17.64 -5.08
N ILE C 123 19.41 17.45 -4.98
CA ILE C 123 18.78 16.15 -4.90
C ILE C 123 18.10 15.94 -6.25
N TYR C 124 18.71 15.12 -7.09
CA TYR C 124 18.29 14.95 -8.47
C TYR C 124 17.56 13.63 -8.63
N ARG C 125 16.48 13.64 -9.42
CA ARG C 125 15.71 12.46 -9.73
C ARG C 125 15.81 12.23 -11.23
N SER C 126 16.84 11.52 -11.66
CA SER C 126 17.06 11.22 -13.06
C SER C 126 16.25 9.99 -13.46
N SER C 127 16.21 9.73 -14.77
CA SER C 127 15.45 8.62 -15.32
C SER C 127 16.38 7.72 -16.11
N CYS C 128 16.54 6.48 -15.66
CA CYS C 128 17.33 5.49 -16.37
C CYS C 128 16.47 4.27 -16.64
N THR C 129 16.48 3.81 -17.89
CA THR C 129 15.75 2.61 -18.26
C THR C 129 16.35 1.39 -17.57
N ILE C 130 15.48 0.52 -17.07
CA ILE C 130 15.89 -0.67 -16.34
C ILE C 130 15.87 -1.86 -17.29
N LYS C 131 16.95 -2.64 -17.28
CA LYS C 131 17.02 -3.87 -18.08
C LYS C 131 16.55 -5.02 -17.19
N VAL C 132 15.29 -5.39 -17.34
CA VAL C 132 14.69 -6.41 -16.46
C VAL C 132 14.74 -7.72 -17.23
N MET C 133 15.88 -8.40 -17.11
CA MET C 133 15.99 -9.74 -17.67
C MET C 133 16.65 -10.66 -16.65
N TYR C 134 17.46 -10.08 -15.77
CA TYR C 134 18.12 -10.83 -14.72
C TYR C 134 17.75 -10.33 -13.34
N PHE C 135 16.73 -9.49 -13.23
CA PHE C 135 16.28 -9.03 -11.94
C PHE C 135 15.90 -10.24 -11.09
N PRO C 136 16.34 -10.31 -9.82
CA PRO C 136 17.13 -9.34 -9.06
C PRO C 136 18.63 -9.51 -9.18
N PHE C 137 19.09 -10.43 -10.02
CA PHE C 137 20.53 -10.61 -10.24
C PHE C 137 21.02 -9.76 -11.41
N ASP C 138 20.69 -8.47 -11.38
CA ASP C 138 20.92 -7.58 -12.49
C ASP C 138 21.87 -6.47 -12.10
N TRP C 139 22.49 -5.87 -13.11
CA TRP C 139 23.27 -4.65 -12.96
C TRP C 139 22.68 -3.59 -13.87
N GLN C 140 22.51 -2.39 -13.32
CA GLN C 140 21.93 -1.28 -14.05
C GLN C 140 23.01 -0.30 -14.46
N ASN C 141 22.70 0.47 -15.50
CA ASN C 141 23.61 1.42 -16.12
C ASN C 141 22.86 2.74 -16.24
N CYS C 142 22.88 3.54 -15.19
CA CYS C 142 22.06 4.74 -15.11
C CYS C 142 22.93 5.97 -15.37
N THR C 143 22.47 6.84 -16.26
CA THR C 143 23.25 7.99 -16.69
C THR C 143 22.61 9.28 -16.22
N MET C 144 23.46 10.27 -15.95
CA MET C 144 23.04 11.62 -15.63
C MET C 144 23.64 12.54 -16.68
N VAL C 145 22.80 13.24 -17.43
CA VAL C 145 23.22 14.05 -18.56
C VAL C 145 23.12 15.51 -18.17
N PHE C 146 24.25 16.22 -18.18
CA PHE C 146 24.30 17.62 -17.79
C PHE C 146 24.70 18.45 -18.98
N LYS C 147 23.98 19.55 -19.20
CA LYS C 147 24.39 20.50 -20.23
C LYS C 147 23.69 21.82 -19.98
N SER C 148 24.11 22.84 -20.70
CA SER C 148 23.49 24.14 -20.59
C SER C 148 22.14 24.12 -21.29
N TYR C 149 21.09 24.52 -20.58
CA TYR C 149 19.76 24.49 -21.18
C TYR C 149 19.64 25.52 -22.30
N THR C 150 20.35 26.63 -22.19
CA THR C 150 20.21 27.75 -23.12
C THR C 150 21.34 27.82 -24.13
N TYR C 151 22.58 27.87 -23.67
CA TYR C 151 23.72 28.09 -24.55
C TYR C 151 24.12 26.80 -25.24
N ASP C 152 24.55 26.93 -26.49
CA ASP C 152 24.97 25.81 -27.32
C ASP C 152 26.47 25.90 -27.60
N THR C 153 26.97 24.98 -28.43
CA THR C 153 28.40 24.87 -28.63
C THR C 153 28.99 26.11 -29.26
N SER C 154 28.17 26.98 -29.85
CA SER C 154 28.66 28.24 -30.37
C SER C 154 28.78 29.31 -29.31
N GLU C 155 28.42 29.01 -28.06
CA GLU C 155 28.46 29.97 -26.97
C GLU C 155 29.27 29.49 -25.78
N VAL C 156 29.21 28.21 -25.43
CA VAL C 156 29.99 27.66 -24.33
C VAL C 156 30.63 26.36 -24.79
N THR C 157 31.78 26.05 -24.19
CA THR C 157 32.51 24.82 -24.48
C THR C 157 32.63 24.05 -23.18
N LEU C 158 31.94 22.91 -23.09
CA LEU C 158 31.99 22.10 -21.89
C LEU C 158 33.26 21.27 -21.87
N GLN C 159 33.85 21.15 -20.68
CA GLN C 159 35.04 20.35 -20.48
C GLN C 159 34.91 19.61 -19.15
N HIS C 160 35.76 18.61 -18.95
CA HIS C 160 35.80 17.90 -17.69
C HIS C 160 36.40 18.79 -16.60
N ALA C 161 36.16 18.39 -15.36
CA ALA C 161 36.72 19.12 -14.23
C ALA C 161 38.18 18.74 -14.04
N LEU C 162 38.86 19.50 -13.17
CA LEU C 162 40.23 19.22 -12.80
C LEU C 162 40.28 18.65 -11.40
N ASP C 163 41.35 17.91 -11.10
CA ASP C 163 41.48 17.28 -9.80
C ASP C 163 41.76 18.33 -8.73
N ALA C 164 41.98 17.86 -7.49
CA ALA C 164 42.13 18.77 -6.37
C ALA C 164 43.23 19.80 -6.63
N LYS C 165 44.41 19.33 -7.00
CA LYS C 165 45.50 20.20 -7.45
C LYS C 165 45.43 20.21 -8.97
N GLY C 166 44.74 21.19 -9.53
CA GLY C 166 44.38 21.11 -10.93
C GLY C 166 45.60 20.96 -11.82
N GLU C 167 45.84 19.75 -12.26
CA GLU C 167 46.89 19.42 -13.21
C GLU C 167 46.39 18.58 -14.38
N ARG C 168 45.45 17.68 -14.13
CA ARG C 168 44.89 16.82 -15.17
C ARG C 168 43.39 16.72 -14.98
N GLU C 169 42.69 16.45 -16.07
CA GLU C 169 41.25 16.35 -16.02
C GLU C 169 40.82 15.11 -15.24
N VAL C 170 39.67 15.23 -14.59
CA VAL C 170 39.05 14.11 -13.87
C VAL C 170 37.89 13.62 -14.71
N LYS C 171 37.94 12.34 -15.09
CA LYS C 171 36.94 11.73 -15.97
C LYS C 171 36.09 10.72 -15.22
N GLU C 172 35.72 11.05 -13.99
CA GLU C 172 34.94 10.13 -13.16
C GLU C 172 34.07 10.94 -12.21
N ILE C 173 33.07 10.28 -11.64
CA ILE C 173 32.36 10.84 -10.51
C ILE C 173 33.28 10.80 -9.30
N VAL C 174 33.39 11.93 -8.61
CA VAL C 174 34.24 12.01 -7.42
C VAL C 174 33.45 11.50 -6.22
N ILE C 175 34.09 10.66 -5.42
CA ILE C 175 33.49 10.15 -4.19
C ILE C 175 34.40 10.55 -3.04
N ASN C 176 33.85 11.30 -2.10
CA ASN C 176 34.58 11.76 -0.93
C ASN C 176 34.34 10.77 0.21
N LYS C 177 35.37 10.01 0.55
CA LYS C 177 35.20 8.95 1.54
C LYS C 177 34.67 9.49 2.86
N ASP C 178 35.01 10.73 3.19
CA ASP C 178 34.54 11.31 4.45
C ASP C 178 33.03 11.48 4.46
N ALA C 179 32.45 11.88 3.33
CA ALA C 179 31.01 12.11 3.21
C ALA C 179 30.49 11.26 2.05
N PHE C 180 30.16 10.01 2.34
CA PHE C 180 29.55 9.14 1.36
C PHE C 180 28.95 7.93 2.07
N THR C 181 27.68 7.68 1.83
CA THR C 181 26.95 6.60 2.48
C THR C 181 26.72 5.48 1.47
N GLU C 182 27.19 4.28 1.79
CA GLU C 182 26.94 3.13 0.93
C GLU C 182 25.45 2.81 0.89
N ASN C 183 24.96 2.46 -0.29
CA ASN C 183 23.53 2.25 -0.45
C ASN C 183 23.05 1.07 0.37
N GLY C 184 23.77 -0.04 0.32
CA GLY C 184 23.36 -1.25 0.99
C GLY C 184 22.57 -2.22 0.12
N GLN C 185 22.01 -1.75 -0.98
CA GLN C 185 21.40 -2.61 -1.97
C GLN C 185 22.12 -2.59 -3.30
N TRP C 186 22.97 -1.60 -3.54
CA TRP C 186 23.70 -1.46 -4.80
C TRP C 186 25.16 -1.23 -4.49
N SER C 187 26.03 -1.73 -5.37
CA SER C 187 27.46 -1.48 -5.28
C SER C 187 27.92 -0.85 -6.60
N ILE C 188 28.70 0.22 -6.50
CA ILE C 188 29.14 0.97 -7.67
C ILE C 188 30.38 0.29 -8.22
N GLU C 189 30.31 -0.17 -9.47
CA GLU C 189 31.44 -0.84 -10.10
C GLU C 189 32.26 0.12 -10.95
N HIS C 190 31.59 0.92 -11.78
CA HIS C 190 32.25 1.92 -12.60
C HIS C 190 31.50 3.24 -12.47
N LYS C 191 32.24 4.33 -12.63
CA LYS C 191 31.63 5.65 -12.58
C LYS C 191 32.35 6.60 -13.52
N PRO C 192 32.33 6.36 -14.82
CA PRO C 192 33.04 7.23 -15.76
C PRO C 192 32.23 8.48 -16.11
N SER C 193 32.89 9.37 -16.82
CA SER C 193 32.25 10.56 -17.37
C SER C 193 32.75 10.75 -18.79
N ARG C 194 31.92 11.38 -19.62
CA ARG C 194 32.34 11.55 -21.00
C ARG C 194 31.50 12.62 -21.68
N LYS C 195 32.10 13.32 -22.63
CA LYS C 195 31.40 14.30 -23.42
C LYS C 195 30.76 13.61 -24.61
N ASN C 196 29.51 13.96 -24.90
CA ASN C 196 28.78 13.37 -26.02
C ASN C 196 28.31 14.47 -26.97
N TRP C 197 28.40 14.17 -28.26
CA TRP C 197 27.94 14.99 -29.36
C TRP C 197 26.84 14.26 -30.10
N ARG C 198 26.24 14.95 -31.07
CA ARG C 198 25.25 14.35 -31.96
C ARG C 198 25.60 14.71 -33.39
N SER C 199 25.66 13.70 -34.25
CA SER C 199 26.14 13.92 -35.61
C SER C 199 25.21 14.86 -36.37
N ASP C 200 23.90 14.63 -36.28
CA ASP C 200 22.97 15.43 -37.07
C ASP C 200 22.94 16.87 -36.63
N ASP C 201 23.11 17.12 -35.33
CA ASP C 201 23.03 18.47 -34.77
C ASP C 201 24.40 18.92 -34.30
N PRO C 202 25.05 19.86 -34.98
CA PRO C 202 26.39 20.29 -34.54
C PRO C 202 26.37 21.30 -33.40
N SER C 203 25.21 21.73 -32.95
CA SER C 203 25.09 22.67 -31.85
C SER C 203 24.87 21.98 -30.51
N TYR C 204 24.92 20.65 -30.48
CA TYR C 204 24.65 19.90 -29.26
C TYR C 204 25.95 19.39 -28.67
N GLU C 205 26.00 19.35 -27.33
CA GLU C 205 27.12 18.80 -26.60
C GLU C 205 26.72 18.69 -25.15
N ASP C 206 27.08 17.60 -24.49
CA ASP C 206 26.76 17.45 -23.08
C ASP C 206 27.85 16.66 -22.40
N VAL C 207 27.82 16.65 -21.07
CA VAL C 207 28.71 15.84 -20.25
C VAL C 207 27.83 14.86 -19.49
N THR C 208 28.10 13.57 -19.66
CA THR C 208 27.29 12.52 -19.07
C THR C 208 28.14 11.75 -18.06
N PHE C 209 27.55 11.51 -16.90
CA PHE C 209 28.17 10.69 -15.86
C PHE C 209 27.41 9.38 -15.76
N TYR C 210 28.11 8.27 -15.89
CA TYR C 210 27.51 6.95 -15.90
C TYR C 210 27.76 6.26 -14.57
N LEU C 211 26.73 5.61 -14.05
CA LEU C 211 26.83 4.79 -12.84
C LEU C 211 26.46 3.38 -13.22
N ILE C 212 27.44 2.48 -13.18
CA ILE C 212 27.21 1.05 -13.32
C ILE C 212 27.09 0.49 -11.91
N ILE C 213 25.91 -0.02 -11.57
CA ILE C 213 25.61 -0.44 -10.20
C ILE C 213 25.11 -1.87 -10.23
N GLN C 214 25.65 -2.71 -9.35
CA GLN C 214 25.26 -4.11 -9.26
C GLN C 214 24.42 -4.31 -8.00
N ARG C 215 23.29 -4.99 -8.15
CA ARG C 215 22.40 -5.23 -7.03
C ARG C 215 22.93 -6.35 -6.15
N LYS C 216 22.65 -6.25 -4.86
CA LYS C 216 22.93 -7.31 -3.92
C LYS C 216 21.62 -8.03 -3.63
N PRO C 217 21.42 -9.26 -4.11
CA PRO C 217 20.08 -9.87 -4.09
C PRO C 217 19.72 -10.63 -2.82
N LEU C 218 20.45 -10.47 -1.73
CA LEU C 218 20.19 -11.28 -0.54
C LEU C 218 18.73 -11.21 -0.12
N PHE C 219 18.15 -10.01 -0.10
CA PHE C 219 16.76 -9.87 0.30
C PHE C 219 15.85 -10.76 -0.54
N TYR C 220 15.97 -10.65 -1.86
CA TYR C 220 15.13 -11.44 -2.73
C TYR C 220 15.44 -12.93 -2.61
N ILE C 221 16.74 -13.28 -2.58
CA ILE C 221 17.08 -14.68 -2.39
C ILE C 221 16.29 -15.25 -1.22
N VAL C 222 16.51 -14.70 -0.03
CA VAL C 222 15.82 -15.25 1.13
C VAL C 222 14.34 -15.28 0.83
N TYR C 223 13.74 -14.09 0.76
CA TYR C 223 12.30 -13.92 0.97
C TYR C 223 11.46 -14.46 -0.17
N THR C 224 12.04 -14.76 -1.33
CA THR C 224 11.27 -15.36 -2.41
C THR C 224 11.83 -16.70 -2.83
N ILE C 225 13.15 -16.81 -3.03
CA ILE C 225 13.68 -18.03 -3.59
C ILE C 225 13.62 -19.17 -2.57
N ILE C 226 13.98 -18.94 -1.30
CA ILE C 226 14.05 -20.07 -0.37
C ILE C 226 12.68 -20.72 -0.19
N PRO C 227 11.60 -19.98 0.09
CA PRO C 227 10.29 -20.63 0.16
C PRO C 227 9.92 -21.36 -1.11
N CYS C 228 10.31 -20.84 -2.28
CA CYS C 228 9.97 -21.50 -3.53
C CYS C 228 10.68 -22.85 -3.64
N ILE C 229 11.94 -22.91 -3.21
CA ILE C 229 12.65 -24.19 -3.21
C ILE C 229 11.97 -25.18 -2.28
N LEU C 230 11.55 -24.72 -1.10
CA LEU C 230 10.84 -25.62 -0.19
C LEU C 230 9.54 -26.12 -0.81
N ILE C 231 8.80 -25.24 -1.46
CA ILE C 231 7.54 -25.63 -2.10
C ILE C 231 7.81 -26.66 -3.19
N SER C 232 8.87 -26.47 -3.98
CA SER C 232 9.19 -27.43 -5.01
C SER C 232 9.56 -28.79 -4.41
N ILE C 233 10.25 -28.78 -3.27
CA ILE C 233 10.53 -30.04 -2.58
C ILE C 233 9.23 -30.75 -2.23
N LEU C 234 8.27 -30.01 -1.68
CA LEU C 234 6.99 -30.63 -1.35
C LEU C 234 6.31 -31.19 -2.60
N ALA C 235 6.38 -30.44 -3.71
CA ALA C 235 5.76 -30.90 -4.94
C ALA C 235 6.36 -32.22 -5.39
N ILE C 236 7.68 -32.35 -5.29
CA ILE C 236 8.31 -33.63 -5.61
C ILE C 236 7.85 -34.70 -4.64
N LEU C 237 7.77 -34.37 -3.36
CA LEU C 237 7.42 -35.36 -2.35
C LEU C 237 6.04 -35.94 -2.58
N VAL C 238 5.12 -35.17 -3.14
CA VAL C 238 3.75 -35.65 -3.30
C VAL C 238 3.70 -37.04 -3.91
N PHE C 239 4.72 -37.40 -4.69
CA PHE C 239 4.72 -38.68 -5.39
C PHE C 239 5.29 -39.83 -4.57
N TYR C 240 5.75 -39.57 -3.34
CA TYR C 240 6.11 -40.65 -2.44
C TYR C 240 4.98 -41.05 -1.52
N LEU C 241 3.97 -40.20 -1.36
CA LEU C 241 2.84 -40.52 -0.52
C LEU C 241 2.06 -41.69 -1.11
N PRO C 242 1.49 -42.55 -0.27
CA PRO C 242 0.64 -43.62 -0.80
C PRO C 242 -0.73 -43.07 -1.14
N PRO C 243 -1.37 -43.58 -2.21
CA PRO C 243 -2.69 -43.07 -2.57
C PRO C 243 -3.75 -43.29 -1.50
N ASP C 244 -3.55 -44.23 -0.58
CA ASP C 244 -4.55 -44.50 0.44
C ASP C 244 -4.59 -43.44 1.53
N ALA C 245 -3.52 -42.66 1.70
CA ALA C 245 -3.50 -41.66 2.75
C ALA C 245 -4.53 -40.56 2.53
N GLY C 246 -5.04 -40.43 1.31
CA GLY C 246 -6.02 -39.40 1.05
C GLY C 246 -5.52 -38.00 1.30
N GLU C 247 -4.26 -37.74 0.98
CA GLU C 247 -3.70 -36.41 1.20
C GLU C 247 -2.80 -35.97 0.05
N LYS C 248 -2.89 -36.63 -1.12
CA LYS C 248 -2.11 -36.18 -2.26
C LYS C 248 -2.61 -34.85 -2.79
N MET C 249 -3.94 -34.73 -2.94
CA MET C 249 -4.49 -33.49 -3.47
C MET C 249 -4.23 -32.33 -2.54
N SER C 250 -4.38 -32.54 -1.23
CA SER C 250 -4.10 -31.47 -0.29
C SER C 250 -2.69 -30.93 -0.49
N LEU C 251 -1.70 -31.82 -0.48
CA LEU C 251 -0.31 -31.39 -0.59
C LEU C 251 -0.04 -30.69 -1.91
N SER C 252 -0.44 -31.30 -3.02
CA SER C 252 -0.12 -30.73 -4.31
C SER C 252 -0.82 -29.38 -4.52
N ILE C 253 -2.10 -29.30 -4.17
CA ILE C 253 -2.82 -28.05 -4.37
C ILE C 253 -2.31 -26.97 -3.44
N SER C 254 -1.92 -27.34 -2.22
CA SER C 254 -1.32 -26.36 -1.33
C SER C 254 -0.03 -25.81 -1.92
N ALA C 255 0.81 -26.67 -2.48
CA ALA C 255 2.02 -26.18 -3.13
C ALA C 255 1.69 -25.24 -4.27
N LEU C 256 0.72 -25.61 -5.10
CA LEU C 256 0.37 -24.77 -6.25
C LEU C 256 -0.10 -23.40 -5.79
N LEU C 257 -0.99 -23.37 -4.79
CA LEU C 257 -1.50 -22.10 -4.32
C LEU C 257 -0.40 -21.27 -3.67
N ALA C 258 0.48 -21.90 -2.92
CA ALA C 258 1.58 -21.16 -2.29
C ALA C 258 2.46 -20.50 -3.34
N VAL C 259 2.84 -21.25 -4.37
CA VAL C 259 3.72 -20.67 -5.37
C VAL C 259 3.00 -19.58 -6.17
N THR C 260 1.71 -19.78 -6.45
CA THR C 260 0.96 -18.74 -7.14
C THR C 260 0.88 -17.46 -6.30
N VAL C 261 0.68 -17.59 -5.00
CA VAL C 261 0.63 -16.42 -4.14
C VAL C 261 1.98 -15.75 -4.07
N PHE C 262 3.06 -16.53 -4.09
CA PHE C 262 4.39 -15.95 -4.11
C PHE C 262 4.61 -15.15 -5.39
N LEU C 263 4.09 -15.65 -6.52
CA LEU C 263 4.17 -14.88 -7.76
C LEU C 263 3.35 -13.60 -7.66
N LEU C 264 2.14 -13.68 -7.10
CA LEU C 264 1.29 -12.50 -6.99
C LEU C 264 1.94 -11.44 -6.12
N LEU C 265 2.49 -11.84 -4.97
CA LEU C 265 3.12 -10.88 -4.08
C LEU C 265 4.55 -10.61 -4.53
N LEU C 266 4.71 -10.35 -5.82
CA LEU C 266 6.00 -9.93 -6.35
C LEU C 266 5.84 -8.83 -7.39
N ALA C 267 4.62 -8.60 -7.90
CA ALA C 267 4.37 -7.46 -8.77
C ALA C 267 4.55 -6.15 -8.03
N ASP C 268 4.46 -6.16 -6.70
CA ASP C 268 4.72 -4.96 -5.92
C ASP C 268 6.18 -4.54 -6.00
N LYS C 269 7.06 -5.41 -6.48
CA LYS C 269 8.49 -5.13 -6.50
C LYS C 269 9.10 -5.18 -7.89
N VAL C 270 8.74 -6.17 -8.71
CA VAL C 270 9.36 -6.31 -10.02
C VAL C 270 8.96 -5.13 -10.89
N PRO C 271 9.77 -4.72 -11.84
CA PRO C 271 9.40 -3.59 -12.70
C PRO C 271 8.30 -3.97 -13.68
N GLU C 272 7.63 -2.95 -14.21
CA GLU C 272 6.42 -3.14 -14.99
C GLU C 272 6.64 -3.03 -16.49
N THR C 273 7.88 -3.02 -16.95
CA THR C 273 8.11 -2.96 -18.38
C THR C 273 7.77 -4.30 -19.02
N SER C 274 7.85 -4.35 -20.35
CA SER C 274 7.42 -5.52 -21.11
C SER C 274 8.41 -5.93 -22.18
N LEU C 275 9.67 -5.52 -22.06
CA LEU C 275 10.67 -5.92 -23.05
C LEU C 275 11.28 -7.28 -22.74
N SER C 276 11.03 -7.84 -21.56
CA SER C 276 11.56 -9.14 -21.19
C SER C 276 10.86 -9.57 -19.90
N VAL C 277 11.08 -10.81 -19.52
CA VAL C 277 10.51 -11.37 -18.30
C VAL C 277 11.65 -11.60 -17.31
N PRO C 278 11.62 -11.01 -16.12
CA PRO C 278 12.76 -11.16 -15.21
C PRO C 278 12.96 -12.61 -14.78
N ILE C 279 14.21 -12.94 -14.45
CA ILE C 279 14.58 -14.33 -14.19
C ILE C 279 13.80 -14.89 -13.02
N ILE C 280 13.52 -14.06 -12.02
CA ILE C 280 12.75 -14.53 -10.86
C ILE C 280 11.36 -14.95 -11.30
N ILE C 281 10.72 -14.16 -12.16
CA ILE C 281 9.39 -14.51 -12.63
C ILE C 281 9.44 -15.77 -13.48
N ARG C 282 10.48 -15.94 -14.28
CA ARG C 282 10.60 -17.16 -15.06
C ARG C 282 10.74 -18.38 -14.16
N TYR C 283 11.53 -18.26 -13.10
CA TYR C 283 11.66 -19.37 -12.17
C TYR C 283 10.33 -19.67 -11.49
N LEU C 284 9.60 -18.63 -11.08
CA LEU C 284 8.31 -18.86 -10.45
C LEU C 284 7.34 -19.52 -11.42
N MET C 285 7.31 -19.08 -12.68
CA MET C 285 6.44 -19.71 -13.65
C MET C 285 6.83 -21.16 -13.88
N PHE C 286 8.12 -21.45 -13.92
CA PHE C 286 8.57 -22.82 -14.10
C PHE C 286 8.08 -23.69 -12.95
N ILE C 287 8.26 -23.22 -11.71
CA ILE C 287 7.79 -23.99 -10.57
C ILE C 287 6.27 -24.14 -10.58
N MET C 288 5.56 -23.08 -10.98
CA MET C 288 4.11 -23.14 -11.01
C MET C 288 3.61 -24.19 -11.99
N ILE C 289 4.20 -24.21 -13.19
CA ILE C 289 3.79 -25.20 -14.18
C ILE C 289 4.18 -26.60 -13.73
N LEU C 290 5.36 -26.74 -13.12
CA LEU C 290 5.76 -28.05 -12.62
C LEU C 290 4.79 -28.56 -11.58
N VAL C 291 4.36 -27.70 -10.66
CA VAL C 291 3.43 -28.11 -9.62
C VAL C 291 2.06 -28.41 -10.21
N ALA C 292 1.64 -27.66 -11.23
CA ALA C 292 0.38 -27.96 -11.88
C ALA C 292 0.42 -29.34 -12.53
N PHE C 293 1.52 -29.67 -13.20
CA PHE C 293 1.65 -31.00 -13.77
C PHE C 293 1.72 -32.06 -12.69
N SER C 294 2.30 -31.72 -11.53
CA SER C 294 2.27 -32.63 -10.40
C SER C 294 0.84 -32.91 -9.95
N VAL C 295 0.01 -31.87 -9.90
CA VAL C 295 -1.39 -32.05 -9.57
C VAL C 295 -2.06 -32.98 -10.59
N ILE C 296 -1.80 -32.74 -11.88
CA ILE C 296 -2.43 -33.54 -12.92
C ILE C 296 -2.04 -35.01 -12.78
N LEU C 297 -0.76 -35.28 -12.60
CA LEU C 297 -0.33 -36.67 -12.51
C LEU C 297 -0.73 -37.30 -11.19
N SER C 298 -0.88 -36.53 -10.12
CA SER C 298 -1.42 -37.09 -8.90
C SER C 298 -2.87 -37.53 -9.11
N VAL C 299 -3.65 -36.71 -9.82
CA VAL C 299 -5.01 -37.10 -10.14
C VAL C 299 -5.00 -38.38 -10.96
N VAL C 300 -4.10 -38.47 -11.93
CA VAL C 300 -4.03 -39.67 -12.77
C VAL C 300 -3.69 -40.89 -11.91
N VAL C 301 -2.73 -40.76 -11.00
CA VAL C 301 -2.32 -41.88 -10.17
C VAL C 301 -3.48 -42.34 -9.29
N LEU C 302 -4.21 -41.38 -8.70
CA LEU C 302 -5.35 -41.76 -7.88
C LEU C 302 -6.40 -42.49 -8.70
N ASN C 303 -6.68 -41.98 -9.90
CA ASN C 303 -7.66 -42.63 -10.76
C ASN C 303 -7.25 -44.06 -11.07
N LEU C 304 -5.96 -44.26 -11.35
CA LEU C 304 -5.48 -45.63 -11.58
C LEU C 304 -5.66 -46.47 -10.32
N HIS C 305 -5.35 -45.91 -9.15
CA HIS C 305 -5.34 -46.69 -7.94
C HIS C 305 -6.74 -47.13 -7.52
N HIS C 306 -7.77 -46.36 -7.86
CA HIS C 306 -9.11 -46.65 -7.38
C HIS C 306 -9.97 -47.39 -8.39
N ARG C 307 -9.36 -48.14 -9.31
CA ARG C 307 -10.11 -48.91 -10.29
C ARG C 307 -10.37 -50.32 -9.78
N SER C 308 -11.32 -51.00 -10.43
CA SER C 308 -11.72 -52.34 -10.02
C SER C 308 -12.34 -53.05 -11.22
N PRO C 309 -12.37 -54.38 -11.21
CA PRO C 309 -12.95 -55.11 -12.34
C PRO C 309 -14.41 -54.78 -12.63
N ASN C 310 -15.18 -54.37 -11.62
CA ASN C 310 -16.56 -53.99 -11.89
C ASN C 310 -16.65 -52.76 -12.79
N THR C 311 -15.55 -52.06 -13.01
CA THR C 311 -15.59 -50.75 -13.63
C THR C 311 -14.69 -50.67 -14.85
N HIS C 312 -13.51 -51.30 -14.80
CA HIS C 312 -12.54 -51.20 -15.86
C HIS C 312 -11.94 -52.56 -16.14
N THR C 313 -11.38 -52.71 -17.34
CA THR C 313 -10.66 -53.92 -17.75
C THR C 313 -9.27 -53.51 -18.19
N MET C 314 -8.25 -54.07 -17.54
CA MET C 314 -6.90 -53.63 -17.80
C MET C 314 -6.48 -54.03 -19.21
N PRO C 315 -6.11 -53.09 -20.07
CA PRO C 315 -5.65 -53.45 -21.41
C PRO C 315 -4.24 -54.00 -21.38
N ASN C 316 -3.87 -54.66 -22.48
CA ASN C 316 -2.59 -55.37 -22.53
C ASN C 316 -1.41 -54.41 -22.39
N TRP C 317 -1.48 -53.25 -23.03
CA TRP C 317 -0.29 -52.38 -23.07
C TRP C 317 0.07 -51.85 -21.69
N ILE C 318 -0.92 -51.51 -20.87
CA ILE C 318 -0.63 -51.07 -19.51
C ILE C 318 0.03 -52.19 -18.72
N ARG C 319 -0.47 -53.41 -18.86
CA ARG C 319 0.16 -54.53 -18.17
C ARG C 319 1.60 -54.73 -18.63
N GLN C 320 1.83 -54.62 -19.94
CA GLN C 320 3.17 -54.85 -20.47
C GLN C 320 4.13 -53.78 -20.00
N ILE C 321 3.69 -52.52 -19.94
CA ILE C 321 4.60 -51.42 -19.62
C ILE C 321 4.82 -51.32 -18.12
N PHE C 322 3.77 -51.50 -17.32
CA PHE C 322 3.84 -51.18 -15.91
C PHE C 322 3.98 -52.40 -15.00
N ILE C 323 3.62 -53.59 -15.47
CA ILE C 323 3.71 -54.78 -14.63
C ILE C 323 4.97 -55.58 -14.97
N GLU C 324 5.45 -55.44 -16.21
CA GLU C 324 6.55 -56.25 -16.70
C GLU C 324 7.83 -55.45 -16.91
N THR C 325 7.76 -54.33 -17.62
CA THR C 325 8.96 -53.66 -18.10
C THR C 325 9.51 -52.64 -17.11
N LEU C 326 8.67 -51.72 -16.64
CA LEU C 326 9.17 -50.64 -15.78
C LEU C 326 9.65 -51.13 -14.43
N PRO C 327 8.95 -52.00 -13.72
CA PRO C 327 9.29 -52.28 -12.32
C PRO C 327 10.75 -52.67 -12.13
N PRO C 328 11.31 -53.57 -12.95
CA PRO C 328 12.73 -53.90 -12.76
C PRO C 328 13.66 -52.70 -12.91
N PHE C 329 13.34 -51.76 -13.79
CA PHE C 329 14.21 -50.59 -13.96
C PHE C 329 14.17 -49.67 -12.75
N LEU C 330 13.02 -49.59 -12.07
CA LEU C 330 12.85 -48.66 -10.96
C LEU C 330 13.15 -49.28 -9.60
N TRP C 331 13.61 -50.53 -9.56
CA TRP C 331 13.92 -51.22 -8.31
C TRP C 331 12.72 -51.21 -7.38
N ILE C 332 11.55 -51.54 -7.93
CA ILE C 332 10.30 -51.52 -7.17
C ILE C 332 9.59 -52.86 -7.33
N GLN C 333 10.34 -53.93 -7.54
CA GLN C 333 9.76 -55.27 -7.69
C GLN C 333 8.89 -55.62 -6.50
N ARG C 334 7.97 -56.57 -6.67
CA ARG C 334 7.09 -57.00 -5.59
C ARG C 334 7.21 -58.50 -5.34
N PRO C 398 -30.93 -86.53 4.43
CA PRO C 398 -31.83 -85.58 5.11
C PRO C 398 -31.74 -84.18 4.50
N GLN C 399 -32.85 -83.44 4.52
CA GLN C 399 -32.87 -82.14 3.85
C GLN C 399 -32.11 -81.09 4.65
N ASP C 400 -32.10 -81.19 5.98
CA ASP C 400 -31.40 -80.20 6.79
C ASP C 400 -29.91 -80.19 6.49
N LEU C 401 -29.30 -81.38 6.43
CA LEU C 401 -27.89 -81.45 6.09
C LEU C 401 -27.64 -80.95 4.67
N LYS C 402 -28.57 -81.22 3.75
CA LYS C 402 -28.42 -80.71 2.39
C LYS C 402 -28.41 -79.19 2.39
N GLU C 403 -29.31 -78.57 3.15
CA GLU C 403 -29.32 -77.11 3.26
C GLU C 403 -28.01 -76.61 3.86
N ALA C 404 -27.51 -77.27 4.90
CA ALA C 404 -26.26 -76.85 5.51
C ALA C 404 -25.11 -76.91 4.52
N VAL C 405 -25.04 -78.02 3.76
CA VAL C 405 -23.94 -78.17 2.80
C VAL C 405 -24.07 -77.12 1.70
N GLU C 406 -25.29 -76.84 1.26
CA GLU C 406 -25.48 -75.80 0.24
C GLU C 406 -25.04 -74.44 0.76
N ALA C 407 -25.37 -74.13 2.02
CA ALA C 407 -24.92 -72.86 2.59
C ALA C 407 -23.40 -72.79 2.64
N ILE C 408 -22.76 -73.87 3.07
CA ILE C 408 -21.29 -73.87 3.14
C ILE C 408 -20.70 -73.68 1.75
N LYS C 409 -21.25 -74.37 0.75
CA LYS C 409 -20.74 -74.23 -0.61
C LYS C 409 -20.91 -72.81 -1.11
N TYR C 410 -22.05 -72.19 -0.82
CA TYR C 410 -22.26 -70.80 -1.23
C TYR C 410 -21.23 -69.89 -0.58
N ILE C 411 -20.96 -70.09 0.71
CA ILE C 411 -19.97 -69.27 1.40
C ILE C 411 -18.61 -69.41 0.72
N ALA C 412 -18.21 -70.65 0.43
CA ALA C 412 -16.91 -70.87 -0.19
C ALA C 412 -16.83 -70.23 -1.55
N GLU C 413 -17.89 -70.36 -2.36
CA GLU C 413 -17.88 -69.74 -3.69
C GLU C 413 -17.76 -68.23 -3.59
N GLN C 414 -18.48 -67.64 -2.64
CA GLN C 414 -18.40 -66.19 -2.46
C GLN C 414 -16.97 -65.78 -2.09
N LEU C 415 -16.34 -66.52 -1.19
CA LEU C 415 -14.98 -66.16 -0.80
C LEU C 415 -14.01 -66.27 -1.97
N GLU C 416 -14.16 -67.33 -2.78
CA GLU C 416 -13.27 -67.47 -3.94
C GLU C 416 -13.47 -66.32 -4.93
N SER C 417 -14.72 -65.95 -5.19
CA SER C 417 -14.98 -64.84 -6.11
C SER C 417 -14.36 -63.55 -5.57
N ALA C 418 -14.51 -63.31 -4.26
CA ALA C 418 -13.91 -62.13 -3.66
C ALA C 418 -12.39 -62.16 -3.81
N SER C 419 -11.79 -63.33 -3.67
CA SER C 419 -10.34 -63.43 -3.82
C SER C 419 -9.90 -63.04 -5.21
N GLU C 420 -10.60 -63.54 -6.23
CA GLU C 420 -10.23 -63.17 -7.61
C GLU C 420 -10.40 -61.68 -7.83
N PHE C 421 -11.52 -61.13 -7.38
CA PHE C 421 -11.75 -59.69 -7.47
C PHE C 421 -10.61 -58.91 -6.83
N ASP C 422 -10.19 -59.33 -5.64
CA ASP C 422 -9.15 -58.61 -4.93
C ASP C 422 -7.82 -58.73 -5.64
N ASP C 423 -7.52 -59.88 -6.27
CA ASP C 423 -6.28 -59.98 -7.03
C ASP C 423 -6.26 -58.98 -8.19
N LEU C 424 -7.37 -58.87 -8.91
CA LEU C 424 -7.39 -57.90 -10.00
C LEU C 424 -7.23 -56.47 -9.48
N LYS C 425 -7.93 -56.16 -8.39
CA LYS C 425 -7.82 -54.81 -7.81
C LYS C 425 -6.39 -54.53 -7.37
N LYS C 426 -5.72 -55.52 -6.79
CA LYS C 426 -4.34 -55.34 -6.38
C LYS C 426 -3.43 -55.12 -7.58
N ASP C 427 -3.72 -55.77 -8.71
CA ASP C 427 -2.94 -55.50 -9.91
C ASP C 427 -3.08 -54.04 -10.33
N TRP C 428 -4.31 -53.51 -10.29
CA TRP C 428 -4.49 -52.09 -10.60
C TRP C 428 -3.70 -51.20 -9.64
N GLN C 429 -3.77 -51.51 -8.35
CA GLN C 429 -3.07 -50.70 -7.36
C GLN C 429 -1.56 -50.74 -7.59
N TYR C 430 -1.03 -51.90 -7.98
CA TYR C 430 0.39 -52.00 -8.27
C TYR C 430 0.76 -51.16 -9.47
N VAL C 431 -0.08 -51.15 -10.50
CA VAL C 431 0.17 -50.28 -11.65
C VAL C 431 0.27 -48.83 -11.18
N ALA C 432 -0.65 -48.43 -10.31
CA ALA C 432 -0.62 -47.06 -9.80
C ALA C 432 0.68 -46.79 -9.05
N MET C 433 1.11 -47.75 -8.23
CA MET C 433 2.35 -47.57 -7.47
C MET C 433 3.55 -47.38 -8.40
N VAL C 434 3.64 -48.18 -9.45
CA VAL C 434 4.77 -48.08 -10.36
C VAL C 434 4.75 -46.75 -11.10
N ALA C 435 3.57 -46.33 -11.57
CA ALA C 435 3.48 -45.04 -12.24
C ALA C 435 3.89 -43.91 -11.30
N ASP C 436 3.48 -44.01 -10.03
CA ASP C 436 3.85 -42.99 -9.06
C ASP C 436 5.36 -42.92 -8.89
N ARG C 437 6.02 -44.07 -8.80
CA ARG C 437 7.48 -44.08 -8.64
C ARG C 437 8.16 -43.48 -9.86
N LEU C 438 7.70 -43.84 -11.05
CA LEU C 438 8.29 -43.28 -12.26
C LEU C 438 8.18 -41.77 -12.27
N PHE C 439 6.99 -41.26 -11.94
CA PHE C 439 6.81 -39.81 -11.91
C PHE C 439 7.71 -39.18 -10.86
N LEU C 440 7.88 -39.83 -9.72
CA LEU C 440 8.78 -39.31 -8.69
C LEU C 440 10.16 -39.09 -9.25
N TYR C 441 10.73 -40.10 -9.88
CA TYR C 441 12.08 -39.94 -10.42
C TYR C 441 12.12 -38.85 -11.50
N VAL C 442 11.13 -38.85 -12.39
CA VAL C 442 11.15 -37.91 -13.51
C VAL C 442 11.13 -36.48 -12.99
N PHE C 443 10.24 -36.18 -12.05
CA PHE C 443 10.17 -34.81 -11.56
C PHE C 443 11.35 -34.44 -10.67
N PHE C 444 11.91 -35.39 -9.92
CA PHE C 444 13.13 -35.02 -9.19
C PHE C 444 14.19 -34.56 -10.18
N VAL C 445 14.38 -35.33 -11.26
CA VAL C 445 15.38 -34.95 -12.26
C VAL C 445 15.03 -33.60 -12.87
N ILE C 446 13.78 -33.43 -13.28
CA ILE C 446 13.40 -32.21 -13.99
C ILE C 446 13.57 -30.99 -13.09
N CYS C 447 13.07 -31.06 -11.87
CA CYS C 447 13.15 -29.92 -10.97
C CYS C 447 14.60 -29.58 -10.66
N SER C 448 15.42 -30.58 -10.36
CA SER C 448 16.82 -30.30 -10.06
C SER C 448 17.51 -29.65 -11.25
N ILE C 449 17.35 -30.23 -12.44
CA ILE C 449 18.04 -29.71 -13.62
C ILE C 449 17.58 -28.29 -13.91
N GLY C 450 16.27 -28.06 -13.87
CA GLY C 450 15.75 -26.74 -14.21
C GLY C 450 16.19 -25.68 -13.22
N THR C 451 16.08 -25.97 -11.93
CA THR C 451 16.50 -25.01 -10.92
C THR C 451 17.98 -24.70 -11.06
N PHE C 452 18.80 -25.74 -11.20
CA PHE C 452 20.23 -25.51 -11.31
C PHE C 452 20.56 -24.69 -12.55
N SER C 453 19.93 -25.00 -13.67
CA SER C 453 20.20 -24.26 -14.90
C SER C 453 19.82 -22.80 -14.75
N ILE C 454 18.63 -22.52 -14.21
CA ILE C 454 18.18 -21.14 -14.10
C ILE C 454 19.11 -20.35 -13.19
N PHE C 455 19.46 -20.91 -12.03
CA PHE C 455 20.27 -20.13 -11.11
C PHE C 455 21.73 -20.06 -11.54
N LEU C 456 22.23 -21.04 -12.28
CA LEU C 456 23.55 -20.90 -12.87
C LEU C 456 23.57 -19.79 -13.91
N ASP C 457 22.53 -19.71 -14.74
CA ASP C 457 22.44 -18.63 -15.71
C ASP C 457 22.38 -17.28 -15.00
N ALA C 458 21.61 -17.21 -13.91
CA ALA C 458 21.54 -15.96 -13.15
C ALA C 458 22.90 -15.59 -12.58
N SER C 459 23.64 -16.58 -12.07
CA SER C 459 24.90 -16.29 -11.41
C SER C 459 25.91 -15.65 -12.36
N HIS C 460 25.98 -16.15 -13.59
CA HIS C 460 26.95 -15.66 -14.57
C HIS C 460 26.40 -14.42 -15.29
N ASN C 461 26.15 -13.37 -14.51
CA ASN C 461 25.67 -12.10 -15.03
C ASN C 461 26.37 -10.99 -14.26
N VAL C 462 27.46 -10.47 -14.81
CA VAL C 462 28.27 -9.47 -14.13
C VAL C 462 28.49 -8.30 -15.08
N PRO C 463 28.70 -7.09 -14.55
CA PRO C 463 28.96 -5.96 -15.44
C PRO C 463 30.28 -6.12 -16.15
N PRO C 464 30.43 -5.57 -17.36
CA PRO C 464 31.69 -5.74 -18.08
C PRO C 464 32.83 -5.04 -17.37
N ASP C 465 34.05 -5.55 -17.59
CA ASP C 465 35.24 -4.93 -17.02
C ASP C 465 35.53 -3.58 -17.66
N ASN C 466 35.03 -3.34 -18.86
CA ASN C 466 35.21 -2.07 -19.55
C ASN C 466 33.89 -1.31 -19.58
N PRO C 467 33.78 -0.14 -18.95
CA PRO C 467 32.49 0.56 -18.92
C PRO C 467 31.99 0.98 -20.28
N PHE C 468 32.86 1.04 -21.30
CA PHE C 468 32.48 1.48 -22.64
C PHE C 468 32.04 2.94 -22.65
N ALA C 469 32.56 3.74 -21.73
CA ALA C 469 32.21 5.15 -21.66
C ALA C 469 33.06 5.85 -20.59
N SER D 1 30.29 40.98 -21.95
CA SER D 1 30.54 41.77 -23.19
C SER D 1 30.00 43.19 -23.04
N GLU D 2 30.85 44.18 -23.26
CA GLU D 2 30.39 45.56 -23.16
C GLU D 2 29.34 45.85 -24.21
N HIS D 3 29.55 45.38 -25.44
CA HIS D 3 28.59 45.61 -26.51
C HIS D 3 27.23 45.01 -26.17
N GLU D 4 27.23 43.77 -25.69
CA GLU D 4 25.96 43.14 -25.35
C GLU D 4 25.33 43.78 -24.13
N THR D 5 26.14 44.24 -23.17
CA THR D 5 25.58 44.94 -22.03
C THR D 5 24.84 46.20 -22.48
N ARG D 6 25.46 46.98 -23.36
CA ARG D 6 24.81 48.17 -23.86
C ARG D 6 23.56 47.82 -24.66
N LEU D 7 23.63 46.76 -25.47
CA LEU D 7 22.48 46.37 -26.27
C LEU D 7 21.30 46.00 -25.38
N VAL D 8 21.54 45.20 -24.35
CA VAL D 8 20.47 44.79 -23.45
C VAL D 8 19.93 45.99 -22.68
N ALA D 9 20.81 46.92 -22.31
CA ALA D 9 20.36 48.11 -21.63
C ALA D 9 19.43 48.93 -22.51
N ASN D 10 19.76 49.06 -23.79
CA ASN D 10 18.91 49.87 -24.67
C ASN D 10 17.61 49.15 -25.01
N LEU D 11 17.65 47.83 -25.18
CA LEU D 11 16.45 47.12 -25.61
C LEU D 11 15.33 47.24 -24.59
N LEU D 12 15.64 47.12 -23.31
CA LEU D 12 14.64 47.05 -22.26
C LEU D 12 14.43 48.39 -21.56
N GLU D 13 14.96 49.48 -22.10
CA GLU D 13 14.86 50.77 -21.41
C GLU D 13 13.43 51.27 -21.38
N ASN D 14 12.76 51.27 -22.53
CA ASN D 14 11.39 51.78 -22.63
C ASN D 14 10.46 50.67 -23.12
N TYR D 15 10.60 49.49 -22.54
CA TYR D 15 9.87 48.31 -22.99
C TYR D 15 8.88 47.89 -21.93
N ASN D 16 7.62 47.75 -22.33
CA ASN D 16 6.55 47.31 -21.43
C ASN D 16 6.15 45.89 -21.82
N LYS D 17 6.30 44.96 -20.89
CA LYS D 17 6.02 43.56 -21.17
C LYS D 17 4.54 43.22 -21.11
N VAL D 18 3.69 44.19 -20.75
CA VAL D 18 2.25 43.93 -20.68
C VAL D 18 1.54 44.14 -22.01
N ILE D 19 2.20 44.75 -22.98
CA ILE D 19 1.57 45.16 -24.23
C ILE D 19 1.88 44.15 -25.32
N ARG D 20 0.91 43.90 -26.19
CA ARG D 20 1.12 42.98 -27.28
C ARG D 20 2.22 43.49 -28.21
N PRO D 21 3.01 42.60 -28.79
CA PRO D 21 4.09 43.03 -29.69
C PRO D 21 3.63 43.19 -31.14
N VAL D 22 2.81 44.22 -31.37
CA VAL D 22 2.34 44.55 -32.70
C VAL D 22 2.59 46.04 -32.94
N GLU D 23 2.70 46.40 -34.21
CA GLU D 23 2.91 47.79 -34.58
C GLU D 23 1.62 48.56 -34.76
N HIS D 24 0.47 47.89 -34.73
CA HIS D 24 -0.83 48.54 -34.75
C HIS D 24 -1.82 47.61 -34.09
N HIS D 25 -2.71 48.16 -33.26
CA HIS D 25 -3.57 47.30 -32.46
C HIS D 25 -4.49 46.46 -33.32
N THR D 26 -4.65 46.81 -34.60
CA THR D 26 -5.50 46.03 -35.50
C THR D 26 -4.82 44.75 -35.95
N HIS D 27 -3.50 44.74 -36.07
CA HIS D 27 -2.78 43.55 -36.53
C HIS D 27 -2.89 42.44 -35.48
N PHE D 28 -2.31 41.30 -35.79
CA PHE D 28 -2.27 40.17 -34.87
C PHE D 28 -0.86 39.60 -34.81
N VAL D 29 -0.56 38.96 -33.68
CA VAL D 29 0.73 38.30 -33.48
C VAL D 29 0.62 36.88 -34.02
N ASP D 30 1.53 36.53 -34.91
CA ASP D 30 1.55 35.20 -35.52
C ASP D 30 2.58 34.35 -34.79
N ILE D 31 2.11 33.36 -34.05
CA ILE D 31 2.96 32.51 -33.21
C ILE D 31 2.97 31.12 -33.81
N THR D 32 4.16 30.61 -34.08
CA THR D 32 4.34 29.25 -34.56
C THR D 32 4.61 28.34 -33.37
N VAL D 33 3.74 27.36 -33.16
CA VAL D 33 3.77 26.49 -32.00
C VAL D 33 4.08 25.08 -32.45
N GLY D 34 5.07 24.46 -31.81
CA GLY D 34 5.39 23.07 -32.05
C GLY D 34 5.56 22.33 -30.75
N LEU D 35 5.11 21.08 -30.69
CA LEU D 35 5.23 20.27 -29.50
C LEU D 35 6.24 19.17 -29.77
N GLN D 36 7.19 19.00 -28.86
CA GLN D 36 8.23 17.99 -28.99
C GLN D 36 8.16 17.08 -27.78
N LEU D 37 7.83 15.81 -28.01
CA LEU D 37 7.61 14.86 -26.94
C LEU D 37 8.93 14.20 -26.58
N ILE D 38 9.38 14.39 -25.34
CA ILE D 38 10.67 13.86 -24.91
C ILE D 38 10.52 12.50 -24.26
N GLN D 39 9.40 12.24 -23.60
CA GLN D 39 9.23 11.01 -22.83
C GLN D 39 7.78 10.87 -22.43
N LEU D 40 7.32 9.64 -22.35
CA LEU D 40 5.97 9.32 -21.90
C LEU D 40 6.07 8.80 -20.48
N ILE D 41 5.88 9.71 -19.52
CA ILE D 41 6.16 9.37 -18.13
C ILE D 41 5.25 8.26 -17.65
N SER D 42 3.95 8.38 -17.89
CA SER D 42 3.06 7.38 -17.35
C SER D 42 1.67 7.50 -17.97
N VAL D 43 0.92 6.40 -17.89
CA VAL D 43 -0.48 6.37 -18.29
C VAL D 43 -1.23 5.70 -17.13
N ASP D 44 -1.88 6.51 -16.30
CA ASP D 44 -2.64 6.02 -15.16
C ASP D 44 -4.04 5.67 -15.66
N GLU D 45 -4.30 4.37 -15.78
CA GLU D 45 -5.57 3.92 -16.32
C GLU D 45 -6.70 4.09 -15.32
N VAL D 46 -6.46 3.79 -14.05
CA VAL D 46 -7.52 3.90 -13.05
C VAL D 46 -7.94 5.36 -12.90
N ASN D 47 -6.97 6.28 -12.87
CA ASN D 47 -7.27 7.69 -12.76
C ASN D 47 -7.46 8.37 -14.11
N GLN D 48 -7.06 7.72 -15.20
CA GLN D 48 -7.26 8.23 -16.55
C GLN D 48 -6.47 9.53 -16.78
N ILE D 49 -5.17 9.47 -16.52
CA ILE D 49 -4.32 10.64 -16.66
C ILE D 49 -3.03 10.22 -17.35
N VAL D 50 -2.65 10.96 -18.38
CA VAL D 50 -1.43 10.69 -19.13
C VAL D 50 -0.42 11.77 -18.78
N GLU D 51 0.69 11.38 -18.18
CA GLU D 51 1.77 12.29 -17.83
C GLU D 51 2.86 12.17 -18.88
N THR D 52 3.15 13.28 -19.56
CA THR D 52 4.16 13.33 -20.59
C THR D 52 5.14 14.45 -20.31
N ASN D 53 6.37 14.25 -20.73
CA ASN D 53 7.42 15.25 -20.62
C ASN D 53 7.62 15.83 -22.01
N VAL D 54 7.48 17.16 -22.13
CA VAL D 54 7.45 17.80 -23.45
C VAL D 54 8.24 19.09 -23.43
N ARG D 55 8.58 19.55 -24.62
CA ARG D 55 9.08 20.90 -24.87
C ARG D 55 8.11 21.61 -25.80
N LEU D 56 7.84 22.87 -25.51
CA LEU D 56 6.82 23.63 -26.22
C LEU D 56 7.48 24.76 -26.99
N ARG D 57 7.94 24.47 -28.20
CA ARG D 57 8.63 25.46 -29.00
C ARG D 57 7.64 26.50 -29.51
N GLN D 58 7.94 27.77 -29.30
CA GLN D 58 7.09 28.86 -29.74
C GLN D 58 7.95 29.94 -30.37
N GLN D 59 7.57 30.38 -31.56
CA GLN D 59 8.33 31.41 -32.26
C GLN D 59 7.41 32.55 -32.66
N TRP D 60 7.87 33.78 -32.51
CA TRP D 60 7.09 34.94 -32.94
C TRP D 60 8.04 36.10 -33.19
N ILE D 61 7.46 37.27 -33.48
CA ILE D 61 8.22 38.46 -33.86
C ILE D 61 7.83 39.59 -32.92
N ASP D 62 8.83 40.28 -32.38
CA ASP D 62 8.61 41.46 -31.54
C ASP D 62 9.46 42.59 -32.13
N VAL D 63 8.83 43.46 -32.90
CA VAL D 63 9.55 44.56 -33.55
C VAL D 63 10.11 45.57 -32.56
N ARG D 64 9.72 45.50 -31.30
CA ARG D 64 10.27 46.40 -30.30
C ARG D 64 11.65 45.97 -29.83
N LEU D 65 12.11 44.79 -30.22
CA LEU D 65 13.37 44.23 -29.74
C LEU D 65 14.37 44.04 -30.87
N ARG D 66 14.23 44.80 -31.95
CA ARG D 66 15.17 44.73 -33.05
C ARG D 66 16.27 45.76 -32.88
N TRP D 67 17.43 45.47 -33.46
CA TRP D 67 18.58 46.36 -33.37
C TRP D 67 19.43 46.18 -34.62
N ASN D 68 20.35 47.12 -34.83
CA ASN D 68 21.23 47.09 -35.98
C ASN D 68 22.57 46.52 -35.57
N PRO D 69 22.98 45.36 -36.09
CA PRO D 69 24.24 44.76 -35.59
C PRO D 69 25.45 45.65 -35.75
N ALA D 70 25.49 46.47 -36.81
CA ALA D 70 26.68 47.28 -37.04
C ALA D 70 26.99 48.20 -35.87
N ASP D 71 25.96 48.59 -35.10
CA ASP D 71 26.14 49.51 -33.98
C ASP D 71 26.54 48.80 -32.70
N TYR D 72 26.63 47.47 -32.70
CA TYR D 72 26.91 46.71 -31.48
C TYR D 72 27.95 45.63 -31.75
N GLY D 73 28.98 45.97 -32.53
CA GLY D 73 30.08 45.04 -32.73
C GLY D 73 29.73 43.81 -33.52
N GLY D 74 28.58 43.76 -34.17
CA GLY D 74 28.20 42.62 -34.97
C GLY D 74 27.45 41.54 -34.24
N ILE D 75 26.86 41.84 -33.09
CA ILE D 75 26.07 40.84 -32.37
C ILE D 75 24.78 40.59 -33.12
N LYS D 76 24.50 39.32 -33.40
CA LYS D 76 23.32 38.94 -34.17
C LYS D 76 22.32 38.10 -33.41
N LYS D 77 22.65 37.66 -32.19
CA LYS D 77 21.74 36.86 -31.38
C LYS D 77 22.07 37.08 -29.92
N ILE D 78 21.05 37.07 -29.08
CA ILE D 78 21.25 37.15 -27.64
C ILE D 78 20.25 36.23 -26.94
N ARG D 79 20.49 36.01 -25.66
CA ARG D 79 19.59 35.25 -24.80
C ARG D 79 19.04 36.18 -23.74
N LEU D 80 17.72 36.19 -23.57
CA LEU D 80 17.09 37.06 -22.60
C LEU D 80 16.21 36.24 -21.67
N PRO D 81 16.11 36.63 -20.41
CA PRO D 81 15.16 35.95 -19.52
C PRO D 81 13.74 36.11 -20.03
N SER D 82 13.02 35.00 -20.11
CA SER D 82 11.66 35.05 -20.61
C SER D 82 10.77 35.96 -19.77
N ASP D 83 11.14 36.18 -18.51
CA ASP D 83 10.34 37.07 -17.66
C ASP D 83 10.44 38.52 -18.07
N ASP D 84 11.36 38.88 -18.97
CA ASP D 84 11.59 40.27 -19.33
C ASP D 84 10.76 40.75 -20.50
N VAL D 85 10.24 39.84 -21.33
CA VAL D 85 9.54 40.20 -22.55
C VAL D 85 8.12 39.65 -22.50
N TRP D 86 7.31 40.08 -23.45
CA TRP D 86 5.94 39.60 -23.55
C TRP D 86 5.94 38.15 -24.02
N LEU D 87 5.21 37.30 -23.32
CA LEU D 87 5.11 35.90 -23.68
C LEU D 87 3.65 35.53 -23.94
N PRO D 88 3.39 34.67 -24.90
CA PRO D 88 2.00 34.23 -25.13
C PRO D 88 1.54 33.27 -24.04
N ASP D 89 0.35 33.53 -23.52
CA ASP D 89 -0.21 32.72 -22.44
C ASP D 89 -0.87 31.48 -23.05
N LEU D 90 -0.01 30.53 -23.42
CA LEU D 90 -0.47 29.28 -23.99
C LEU D 90 -0.86 28.33 -22.87
N VAL D 91 -2.06 27.77 -22.93
CA VAL D 91 -2.64 26.98 -21.86
C VAL D 91 -3.09 25.64 -22.40
N LEU D 92 -2.98 24.62 -21.56
CA LEU D 92 -3.41 23.27 -21.90
C LEU D 92 -4.85 23.09 -21.42
N TYR D 93 -5.77 22.99 -22.38
CA TYR D 93 -7.19 23.05 -22.04
C TYR D 93 -7.62 21.87 -21.19
N ASN D 94 -7.15 20.67 -21.52
CA ASN D 94 -7.60 19.45 -20.86
C ASN D 94 -6.66 19.03 -19.75
N ASN D 95 -6.07 19.98 -19.04
CA ASN D 95 -5.26 19.65 -17.89
C ASN D 95 -6.10 18.92 -16.85
N ALA D 96 -5.49 17.95 -16.18
CA ALA D 96 -6.20 17.14 -15.21
C ALA D 96 -5.61 17.21 -13.81
N ASP D 97 -4.30 17.16 -13.68
CA ASP D 97 -3.68 17.13 -12.36
C ASP D 97 -2.43 17.98 -12.26
N GLY D 98 -2.06 18.71 -13.29
CA GLY D 98 -0.81 19.46 -13.30
C GLY D 98 -1.00 20.96 -13.36
N ASP D 99 -0.07 21.65 -14.01
CA ASP D 99 -0.11 23.09 -14.16
C ASP D 99 -0.66 23.46 -15.52
N PHE D 100 -1.56 24.44 -15.55
CA PHE D 100 -2.23 24.78 -16.79
C PHE D 100 -1.26 25.35 -17.82
N ALA D 101 -0.38 26.24 -17.39
CA ALA D 101 0.51 26.96 -18.29
C ALA D 101 1.97 26.58 -18.00
N ILE D 102 2.88 27.25 -18.68
CA ILE D 102 4.30 27.04 -18.49
C ILE D 102 4.74 27.74 -17.21
N VAL D 103 5.49 27.03 -16.38
CA VAL D 103 5.98 27.57 -15.12
C VAL D 103 7.49 27.64 -15.05
N HIS D 104 8.21 27.02 -15.98
CA HIS D 104 9.67 27.05 -16.00
C HIS D 104 10.11 28.13 -16.97
N MET D 105 10.30 29.35 -16.44
CA MET D 105 10.59 30.51 -17.27
C MET D 105 12.06 30.50 -17.64
N THR D 106 12.38 29.68 -18.64
CA THR D 106 13.75 29.59 -19.15
C THR D 106 14.06 30.81 -20.01
N LYS D 107 15.31 30.89 -20.45
CA LYS D 107 15.72 31.98 -21.33
C LYS D 107 15.27 31.71 -22.76
N LEU D 108 15.18 32.79 -23.54
CA LEU D 108 14.74 32.71 -24.92
C LEU D 108 15.76 33.37 -25.83
N LEU D 109 15.78 32.93 -27.08
CA LEU D 109 16.75 33.38 -28.07
C LEU D 109 16.11 34.48 -28.91
N LEU D 110 16.87 35.55 -29.13
CA LEU D 110 16.36 36.73 -29.83
C LEU D 110 17.35 37.12 -30.92
N ASP D 111 16.85 37.25 -32.15
CA ASP D 111 17.62 37.69 -33.30
C ASP D 111 17.63 39.21 -33.39
N TYR D 112 18.45 39.73 -34.29
CA TYR D 112 18.49 41.16 -34.52
C TYR D 112 17.29 41.67 -35.30
N THR D 113 16.50 40.79 -35.89
CA THR D 113 15.28 41.18 -36.60
C THR D 113 14.05 41.11 -35.71
N GLY D 114 14.20 40.73 -34.45
CA GLY D 114 13.07 40.59 -33.55
C GLY D 114 12.52 39.20 -33.44
N LYS D 115 13.10 38.22 -34.11
CA LYS D 115 12.56 36.87 -34.08
C LYS D 115 12.90 36.21 -32.75
N ILE D 116 11.87 35.81 -32.01
CA ILE D 116 12.01 35.19 -30.69
C ILE D 116 11.65 33.73 -30.83
N MET D 117 12.54 32.87 -30.33
CA MET D 117 12.28 31.44 -30.21
C MET D 117 12.41 31.05 -28.75
N TRP D 118 11.40 30.38 -28.22
CA TRP D 118 11.34 30.05 -26.80
C TRP D 118 10.84 28.61 -26.67
N THR D 119 11.64 27.74 -26.08
CA THR D 119 11.33 26.32 -26.00
C THR D 119 11.39 25.86 -24.55
N PRO D 120 10.40 26.24 -23.75
CA PRO D 120 10.37 25.83 -22.36
C PRO D 120 9.96 24.38 -22.21
N PRO D 121 10.33 23.74 -21.09
CA PRO D 121 9.88 22.38 -20.83
C PRO D 121 8.58 22.36 -20.04
N ALA D 122 7.97 21.19 -19.98
CA ALA D 122 6.76 21.05 -19.20
C ALA D 122 6.47 19.58 -18.95
N ILE D 123 5.73 19.40 -17.84
CA ILE D 123 5.12 18.10 -17.58
C ILE D 123 3.62 18.27 -17.73
N PHE D 124 3.06 17.69 -18.79
CA PHE D 124 1.64 17.80 -19.06
C PHE D 124 0.93 16.57 -18.49
N LYS D 125 0.01 16.78 -17.55
CA LYS D 125 -0.82 15.72 -17.01
C LYS D 125 -2.23 15.93 -17.53
N SER D 126 -2.48 15.42 -18.73
CA SER D 126 -3.73 15.67 -19.44
C SER D 126 -4.71 14.52 -19.26
N TYR D 127 -6.00 14.84 -19.38
CA TYR D 127 -7.03 13.82 -19.27
C TYR D 127 -7.03 12.90 -20.47
N CYS D 128 -7.17 11.60 -20.21
CA CYS D 128 -7.10 10.56 -21.23
C CYS D 128 -8.30 9.64 -21.04
N GLU D 129 -9.23 9.64 -21.98
CA GLU D 129 -10.35 8.71 -21.93
C GLU D 129 -9.84 7.31 -22.23
N ILE D 130 -9.66 6.49 -21.21
CA ILE D 130 -9.10 5.16 -21.36
C ILE D 130 -10.20 4.17 -21.72
N ILE D 131 -10.05 3.50 -22.85
CA ILE D 131 -11.03 2.53 -23.34
C ILE D 131 -10.53 1.14 -22.94
N VAL D 132 -10.95 0.67 -21.78
CA VAL D 132 -10.60 -0.69 -21.33
C VAL D 132 -11.68 -1.62 -21.85
N THR D 133 -11.50 -2.05 -23.08
CA THR D 133 -12.35 -3.07 -23.69
C THR D 133 -11.56 -4.18 -24.36
N HIS D 134 -10.30 -3.93 -24.72
CA HIS D 134 -9.42 -4.96 -25.23
C HIS D 134 -8.19 -5.12 -24.33
N PHE D 135 -8.26 -4.61 -23.10
CA PHE D 135 -7.16 -4.73 -22.18
C PHE D 135 -6.81 -6.20 -21.98
N PRO D 136 -5.52 -6.55 -21.96
CA PRO D 136 -4.32 -5.72 -22.07
C PRO D 136 -3.83 -5.56 -23.49
N PHE D 137 -4.65 -5.84 -24.50
CA PHE D 137 -4.26 -5.67 -25.91
C PHE D 137 -4.84 -4.42 -26.52
N ASP D 138 -5.10 -3.40 -25.71
CA ASP D 138 -5.78 -2.20 -26.14
C ASP D 138 -4.82 -1.18 -26.73
N GLN D 139 -5.36 -0.27 -27.52
CA GLN D 139 -4.64 0.91 -27.99
C GLN D 139 -5.40 2.15 -27.54
N GLN D 140 -4.65 3.17 -27.13
CA GLN D 140 -5.23 4.39 -26.58
C GLN D 140 -5.00 5.58 -27.51
N ASN D 141 -5.99 6.46 -27.59
CA ASN D 141 -5.93 7.71 -28.36
C ASN D 141 -6.35 8.85 -27.44
N CYS D 142 -5.39 9.47 -26.76
CA CYS D 142 -5.69 10.65 -25.96
C CYS D 142 -4.67 11.75 -26.23
N THR D 143 -5.13 12.99 -26.06
CA THR D 143 -4.64 14.15 -26.78
C THR D 143 -4.12 15.21 -25.82
N MET D 144 -3.73 16.35 -26.41
CA MET D 144 -3.33 17.54 -25.66
C MET D 144 -3.81 18.77 -26.40
N LYS D 145 -4.86 19.42 -25.89
CA LYS D 145 -5.47 20.57 -26.53
C LYS D 145 -4.82 21.85 -26.01
N LEU D 146 -4.02 22.51 -26.84
CA LEU D 146 -3.33 23.74 -26.49
C LEU D 146 -3.95 24.94 -27.18
N GLY D 147 -4.08 26.05 -26.46
CA GLY D 147 -4.63 27.26 -27.06
C GLY D 147 -4.35 28.49 -26.22
N ILE D 148 -4.29 29.63 -26.89
CA ILE D 148 -4.12 30.90 -26.21
C ILE D 148 -5.38 31.22 -25.43
N TRP D 149 -5.22 31.61 -24.16
CA TRP D 149 -6.37 31.73 -23.28
C TRP D 149 -7.14 33.03 -23.50
N THR D 150 -6.49 34.17 -23.33
CA THR D 150 -7.21 35.44 -23.24
C THR D 150 -7.25 36.24 -24.53
N TYR D 151 -6.67 35.75 -25.62
CA TYR D 151 -6.63 36.46 -26.89
C TYR D 151 -7.35 35.65 -27.94
N ASP D 152 -8.19 36.29 -28.77
CA ASP D 152 -8.90 35.60 -29.84
C ASP D 152 -8.05 35.59 -31.10
N GLY D 153 -8.55 34.90 -32.13
CA GLY D 153 -7.76 34.69 -33.33
C GLY D 153 -7.43 35.97 -34.08
N THR D 154 -8.14 37.05 -33.80
CA THR D 154 -7.86 38.32 -34.47
C THR D 154 -6.78 39.13 -33.77
N LYS D 155 -6.33 38.70 -32.59
CA LYS D 155 -5.28 39.38 -31.86
C LYS D 155 -4.00 38.56 -31.78
N VAL D 156 -4.11 37.29 -31.39
CA VAL D 156 -2.97 36.38 -31.34
C VAL D 156 -3.35 35.13 -32.11
N SER D 157 -2.58 34.81 -33.14
CA SER D 157 -2.83 33.66 -33.99
C SER D 157 -1.77 32.61 -33.74
N ILE D 158 -2.19 31.36 -33.61
CA ILE D 158 -1.28 30.24 -33.42
C ILE D 158 -1.44 29.29 -34.60
N SER D 159 -0.32 28.78 -35.09
CA SER D 159 -0.30 27.80 -36.16
C SER D 159 0.67 26.70 -35.80
N PRO D 160 0.38 25.45 -36.15
CA PRO D 160 1.33 24.39 -35.85
C PRO D 160 2.58 24.51 -36.69
N GLU D 161 3.72 24.19 -36.08
CA GLU D 161 4.99 24.25 -36.79
C GLU D 161 5.05 23.22 -37.90
N SER D 162 4.46 22.05 -37.68
CA SER D 162 4.48 20.97 -38.65
C SER D 162 3.26 20.10 -38.43
N ASP D 163 3.00 19.24 -39.42
CA ASP D 163 1.80 18.42 -39.37
C ASP D 163 1.76 17.54 -38.14
N ARG D 164 2.92 17.10 -37.65
CA ARG D 164 3.00 16.14 -36.56
C ARG D 164 3.93 16.66 -35.49
N PRO D 165 3.71 16.28 -34.23
CA PRO D 165 4.67 16.62 -33.18
C PRO D 165 6.00 15.95 -33.41
N ASP D 166 7.05 16.58 -32.89
CA ASP D 166 8.41 16.11 -33.10
C ASP D 166 8.75 15.02 -32.09
N LEU D 167 9.04 13.82 -32.59
CA LEU D 167 9.49 12.70 -31.76
C LEU D 167 10.86 12.22 -32.21
N SER D 168 11.72 13.15 -32.61
CA SER D 168 13.07 12.78 -33.01
C SER D 168 13.87 12.25 -31.82
N THR D 169 13.69 12.85 -30.65
CA THR D 169 14.43 12.47 -29.46
C THR D 169 13.55 11.73 -28.45
N PHE D 170 12.46 11.14 -28.90
CA PHE D 170 11.56 10.42 -28.02
C PHE D 170 12.27 9.24 -27.39
N MET D 171 12.10 9.08 -26.09
CA MET D 171 12.69 7.97 -25.35
C MET D 171 11.72 6.79 -25.38
N GLU D 172 12.18 5.66 -25.93
CA GLU D 172 11.30 4.51 -26.07
C GLU D 172 10.73 4.09 -24.72
N SER D 173 9.43 3.76 -24.73
CA SER D 173 8.69 3.64 -23.48
C SER D 173 9.02 2.35 -22.74
N GLY D 174 8.87 1.21 -23.41
CA GLY D 174 8.95 -0.07 -22.74
C GLY D 174 7.61 -0.59 -22.25
N GLU D 175 6.58 0.26 -22.22
CA GLU D 175 5.22 -0.18 -21.97
C GLU D 175 4.25 0.16 -23.09
N TRP D 176 4.56 1.14 -23.94
CA TRP D 176 3.68 1.55 -25.02
C TRP D 176 4.50 1.73 -26.29
N VAL D 177 3.81 1.64 -27.43
CA VAL D 177 4.41 1.86 -28.73
C VAL D 177 3.63 2.97 -29.42
N MET D 178 4.33 3.98 -29.93
CA MET D 178 3.68 5.06 -30.65
C MET D 178 3.39 4.61 -32.07
N LYS D 179 2.11 4.36 -32.36
CA LYS D 179 1.70 3.97 -33.70
C LYS D 179 1.57 5.16 -34.62
N ASP D 180 0.99 6.25 -34.14
CA ASP D 180 0.75 7.42 -34.97
C ASP D 180 0.68 8.64 -34.07
N TYR D 181 0.85 9.81 -34.67
CA TYR D 181 0.78 11.06 -33.93
C TYR D 181 0.58 12.20 -34.90
N ARG D 182 -0.31 13.13 -34.54
CA ARG D 182 -0.66 14.19 -35.47
C ARG D 182 -1.25 15.38 -34.72
N GLY D 183 -1.13 16.55 -35.31
CA GLY D 183 -1.69 17.76 -34.72
C GLY D 183 -2.61 18.48 -35.68
N TRP D 184 -3.75 18.95 -35.18
CA TRP D 184 -4.76 19.61 -35.99
C TRP D 184 -5.12 20.96 -35.38
N LYS D 185 -5.28 21.97 -36.23
CA LYS D 185 -5.71 23.29 -35.80
C LYS D 185 -7.20 23.44 -35.99
N HIS D 186 -7.90 23.90 -34.97
CA HIS D 186 -9.34 24.07 -34.99
C HIS D 186 -9.70 25.54 -34.81
N TRP D 187 -10.54 26.04 -35.71
CA TRP D 187 -11.23 27.30 -35.55
C TRP D 187 -12.59 27.05 -34.91
N VAL D 188 -12.98 27.92 -33.98
CA VAL D 188 -14.25 27.79 -33.28
C VAL D 188 -14.94 29.15 -33.30
N TYR D 189 -16.25 29.12 -33.56
CA TYR D 189 -17.06 30.33 -33.61
C TYR D 189 -18.21 30.20 -32.63
N TYR D 190 -18.84 31.33 -32.33
CA TYR D 190 -19.92 31.42 -31.37
C TYR D 190 -21.07 32.21 -31.98
N THR D 191 -22.28 31.96 -31.45
CA THR D 191 -23.46 32.64 -31.95
C THR D 191 -23.39 34.14 -31.72
N CYS D 192 -22.54 34.60 -30.79
CA CYS D 192 -22.26 36.02 -30.66
C CYS D 192 -22.12 36.68 -32.02
N CYS D 193 -21.14 36.21 -32.74
CA CYS D 193 -20.45 37.01 -33.73
C CYS D 193 -19.51 36.13 -34.54
N PRO D 194 -19.59 36.15 -35.87
CA PRO D 194 -18.77 35.23 -36.68
C PRO D 194 -17.42 35.79 -37.12
N ASP D 195 -17.04 36.98 -36.66
CA ASP D 195 -15.80 37.61 -37.07
C ASP D 195 -14.69 37.47 -36.04
N THR D 196 -14.88 36.62 -35.03
CA THR D 196 -13.91 36.45 -33.94
C THR D 196 -13.62 34.97 -33.77
N PRO D 197 -12.76 34.41 -34.59
CA PRO D 197 -12.40 33.00 -34.42
C PRO D 197 -11.62 32.77 -33.14
N TYR D 198 -11.80 31.59 -32.57
CA TYR D 198 -11.02 31.14 -31.43
C TYR D 198 -10.27 29.89 -31.83
N LEU D 199 -8.94 29.95 -31.76
CA LEU D 199 -8.10 28.91 -32.31
C LEU D 199 -7.55 28.01 -31.22
N ASP D 200 -7.36 26.74 -31.57
CA ASP D 200 -6.62 25.84 -30.70
C ASP D 200 -5.94 24.80 -31.55
N ILE D 201 -4.93 24.14 -30.98
CA ILE D 201 -4.22 23.06 -31.64
C ILE D 201 -4.32 21.84 -30.76
N THR D 202 -4.81 20.74 -31.32
CA THR D 202 -4.92 19.49 -30.59
C THR D 202 -3.92 18.50 -31.18
N TYR D 203 -3.01 18.03 -30.34
CA TYR D 203 -2.09 16.96 -30.69
C TYR D 203 -2.65 15.67 -30.15
N HIS D 204 -2.48 14.59 -30.90
CA HIS D 204 -2.93 13.28 -30.43
C HIS D 204 -1.92 12.22 -30.81
N PHE D 205 -1.77 11.25 -29.91
CA PHE D 205 -0.86 10.14 -30.06
C PHE D 205 -1.65 8.84 -29.92
N ILE D 206 -1.44 7.91 -30.83
CA ILE D 206 -2.03 6.58 -30.75
C ILE D 206 -0.99 5.66 -30.15
N MET D 207 -1.28 5.14 -28.96
CA MET D 207 -0.33 4.32 -28.22
C MET D 207 -0.84 2.89 -28.15
N GLN D 208 0.00 1.94 -28.56
CA GLN D 208 -0.33 0.52 -28.52
C GLN D 208 0.41 -0.12 -27.37
N ARG D 209 -0.34 -0.66 -26.41
CA ARG D 209 0.28 -1.27 -25.24
C ARG D 209 1.04 -2.52 -25.64
N ILE D 210 2.15 -2.77 -24.96
CA ILE D 210 2.91 -4.01 -25.12
C ILE D 210 2.38 -4.99 -24.07
N PRO D 211 1.81 -6.13 -24.47
CA PRO D 211 1.07 -6.96 -23.53
C PRO D 211 1.87 -8.01 -22.78
N LEU D 212 3.18 -8.11 -23.01
CA LEU D 212 3.93 -9.23 -22.44
C LEU D 212 3.80 -9.26 -20.92
N TYR D 213 3.97 -8.12 -20.27
CA TYR D 213 3.97 -8.10 -18.81
C TYR D 213 2.65 -8.61 -18.25
N PHE D 214 1.54 -8.01 -18.71
CA PHE D 214 0.24 -8.40 -18.19
C PHE D 214 -0.08 -9.84 -18.56
N VAL D 215 0.24 -10.26 -19.78
CA VAL D 215 0.02 -11.66 -20.15
C VAL D 215 0.70 -12.56 -19.13
N VAL D 216 2.02 -12.45 -19.02
CA VAL D 216 2.78 -13.37 -18.19
C VAL D 216 2.32 -13.32 -16.74
N ASN D 217 2.04 -12.13 -16.22
CA ASN D 217 1.79 -12.00 -14.79
C ASN D 217 0.32 -12.19 -14.39
N VAL D 218 -0.61 -12.21 -15.35
CA VAL D 218 -2.02 -12.32 -15.00
C VAL D 218 -2.69 -13.43 -15.78
N ILE D 219 -2.56 -13.42 -17.11
CA ILE D 219 -3.36 -14.31 -17.93
C ILE D 219 -2.91 -15.76 -17.78
N ILE D 220 -1.58 -15.99 -17.80
CA ILE D 220 -1.10 -17.37 -17.73
C ILE D 220 -1.60 -18.09 -16.50
N PRO D 221 -1.47 -17.56 -15.29
CA PRO D 221 -2.03 -18.27 -14.13
C PRO D 221 -3.53 -18.50 -14.23
N CYS D 222 -4.27 -17.52 -14.73
CA CYS D 222 -5.72 -17.68 -14.84
C CYS D 222 -6.05 -18.81 -15.81
N LEU D 223 -5.35 -18.88 -16.95
CA LEU D 223 -5.57 -19.99 -17.86
C LEU D 223 -5.19 -21.31 -17.22
N LEU D 224 -4.11 -21.32 -16.43
CA LEU D 224 -3.68 -22.56 -15.78
C LEU D 224 -4.76 -23.09 -14.86
N PHE D 225 -5.33 -22.21 -14.03
CA PHE D 225 -6.37 -22.66 -13.10
C PHE D 225 -7.66 -23.00 -13.84
N SER D 226 -7.99 -22.27 -14.91
CA SER D 226 -9.16 -22.63 -15.70
C SER D 226 -8.99 -24.03 -16.28
N PHE D 227 -7.81 -24.34 -16.78
CA PHE D 227 -7.55 -25.68 -17.29
C PHE D 227 -7.67 -26.72 -16.18
N LEU D 228 -7.13 -26.43 -15.00
CA LEU D 228 -7.26 -27.36 -13.89
C LEU D 228 -8.70 -27.55 -13.48
N THR D 229 -9.59 -26.62 -13.82
CA THR D 229 -10.99 -26.74 -13.42
C THR D 229 -11.57 -28.07 -13.83
N GLY D 230 -11.46 -28.42 -15.10
CA GLY D 230 -12.12 -29.62 -15.59
C GLY D 230 -11.47 -30.91 -15.15
N LEU D 231 -10.28 -30.83 -14.56
CA LEU D 231 -9.58 -32.03 -14.14
C LEU D 231 -10.32 -32.77 -13.03
N VAL D 232 -11.22 -32.10 -12.33
CA VAL D 232 -11.89 -32.71 -11.19
C VAL D 232 -12.73 -33.90 -11.61
N PHE D 233 -13.11 -33.99 -12.89
CA PHE D 233 -13.96 -35.06 -13.34
C PHE D 233 -13.20 -36.35 -13.60
N TYR D 234 -11.88 -36.34 -13.50
CA TYR D 234 -11.10 -37.55 -13.58
C TYR D 234 -10.75 -38.13 -12.22
N LEU D 235 -10.90 -37.34 -11.16
CA LEU D 235 -10.60 -37.81 -9.81
C LEU D 235 -11.72 -38.74 -9.36
N PRO D 236 -11.41 -39.98 -8.96
CA PRO D 236 -12.47 -40.88 -8.52
C PRO D 236 -13.12 -40.39 -7.25
N THR D 237 -14.40 -40.73 -7.09
CA THR D 237 -15.13 -40.27 -5.92
C THR D 237 -14.64 -40.93 -4.64
N ASP D 238 -14.07 -42.13 -4.74
CA ASP D 238 -13.60 -42.83 -3.54
C ASP D 238 -12.43 -42.13 -2.89
N SER D 239 -11.64 -41.36 -3.64
CA SER D 239 -10.50 -40.68 -3.04
C SER D 239 -10.92 -39.69 -1.98
N GLY D 240 -12.17 -39.24 -2.02
CA GLY D 240 -12.65 -38.28 -1.05
C GLY D 240 -11.87 -36.99 -1.10
N GLU D 241 -11.62 -36.47 -2.30
CA GLU D 241 -10.88 -35.22 -2.42
C GLU D 241 -11.38 -34.32 -3.54
N LYS D 242 -12.52 -34.59 -4.17
CA LYS D 242 -12.96 -33.76 -5.27
C LYS D 242 -13.19 -32.32 -4.84
N MET D 243 -13.85 -32.15 -3.69
CA MET D 243 -14.21 -30.81 -3.27
C MET D 243 -12.98 -29.97 -2.98
N THR D 244 -11.93 -30.60 -2.43
CA THR D 244 -10.69 -29.87 -2.20
C THR D 244 -10.20 -29.21 -3.47
N LEU D 245 -10.07 -30.00 -4.55
CA LEU D 245 -9.55 -29.48 -5.80
C LEU D 245 -10.46 -28.40 -6.37
N SER D 246 -11.77 -28.68 -6.43
CA SER D 246 -12.67 -27.72 -7.05
C SER D 246 -12.66 -26.40 -6.30
N ILE D 247 -12.72 -26.45 -4.97
CA ILE D 247 -12.80 -25.23 -4.20
C ILE D 247 -11.48 -24.47 -4.25
N SER D 248 -10.34 -25.17 -4.30
CA SER D 248 -9.08 -24.47 -4.47
C SER D 248 -9.06 -23.70 -5.79
N VAL D 249 -9.54 -24.32 -6.86
CA VAL D 249 -9.60 -23.61 -8.14
C VAL D 249 -10.49 -22.38 -8.01
N LEU D 250 -11.64 -22.53 -7.34
CA LEU D 250 -12.54 -21.40 -7.18
C LEU D 250 -11.86 -20.25 -6.46
N LEU D 251 -11.18 -20.54 -5.36
CA LEU D 251 -10.52 -19.49 -4.59
C LEU D 251 -9.44 -18.80 -5.42
N SER D 252 -8.65 -19.57 -6.16
CA SER D 252 -7.63 -18.95 -6.98
C SER D 252 -8.24 -18.01 -8.01
N LEU D 253 -9.30 -18.46 -8.67
CA LEU D 253 -9.91 -17.62 -9.69
C LEU D 253 -10.48 -16.35 -9.10
N THR D 254 -11.10 -16.43 -7.92
CA THR D 254 -11.65 -15.21 -7.33
C THR D 254 -10.54 -14.25 -6.93
N VAL D 255 -9.41 -14.76 -6.44
CA VAL D 255 -8.29 -13.87 -6.15
C VAL D 255 -7.83 -13.16 -7.42
N PHE D 256 -7.72 -13.89 -8.52
CA PHE D 256 -7.29 -13.24 -9.75
C PHE D 256 -8.33 -12.24 -10.25
N LEU D 257 -9.61 -12.49 -9.99
CA LEU D 257 -10.63 -11.50 -10.30
C LEU D 257 -10.43 -10.23 -9.49
N LEU D 258 -10.09 -10.38 -8.21
CA LEU D 258 -9.74 -9.20 -7.41
C LEU D 258 -8.63 -8.40 -8.08
N VAL D 259 -7.57 -9.10 -8.50
CA VAL D 259 -6.46 -8.41 -9.15
C VAL D 259 -6.96 -7.66 -10.39
N ILE D 260 -7.71 -8.35 -11.25
CA ILE D 260 -8.20 -7.70 -12.47
C ILE D 260 -8.98 -6.44 -12.13
N VAL D 261 -9.91 -6.53 -11.19
CA VAL D 261 -10.77 -5.39 -10.93
C VAL D 261 -9.96 -4.22 -10.40
N GLU D 262 -8.91 -4.49 -9.61
CA GLU D 262 -8.11 -3.36 -9.16
C GLU D 262 -7.06 -2.95 -10.19
N LEU D 263 -7.01 -3.60 -11.35
CA LEU D 263 -6.07 -3.21 -12.40
C LEU D 263 -6.65 -2.27 -13.45
N ILE D 264 -7.96 -2.12 -13.54
CA ILE D 264 -8.59 -1.37 -14.63
C ILE D 264 -9.48 -0.29 -14.02
N PRO D 265 -9.84 0.73 -14.80
CA PRO D 265 -10.74 1.76 -14.28
C PRO D 265 -12.14 1.23 -14.08
N SER D 266 -12.90 1.93 -13.24
CA SER D 266 -14.24 1.53 -12.87
C SER D 266 -15.30 1.94 -13.88
N THR D 267 -14.92 2.53 -15.01
CA THR D 267 -15.89 3.04 -15.95
C THR D 267 -16.84 1.95 -16.44
N SER D 268 -18.09 2.34 -16.63
CA SER D 268 -19.12 1.47 -17.15
C SER D 268 -19.40 1.70 -18.63
N SER D 269 -18.57 2.49 -19.31
CA SER D 269 -18.84 2.78 -20.71
C SER D 269 -18.82 1.51 -21.55
N ALA D 270 -17.88 0.62 -21.28
CA ALA D 270 -17.81 -0.66 -21.97
C ALA D 270 -17.39 -1.74 -20.97
N VAL D 271 -17.76 -2.97 -21.27
CA VAL D 271 -17.43 -4.11 -20.44
C VAL D 271 -16.08 -4.66 -20.89
N PRO D 272 -15.07 -4.68 -20.03
CA PRO D 272 -13.77 -5.21 -20.46
C PRO D 272 -13.89 -6.67 -20.85
N LEU D 273 -13.18 -7.05 -21.91
CA LEU D 273 -13.22 -8.44 -22.35
C LEU D 273 -12.61 -9.36 -21.31
N ILE D 274 -11.53 -8.92 -20.66
CA ILE D 274 -10.89 -9.74 -19.64
C ILE D 274 -11.87 -10.02 -18.51
N GLY D 275 -12.60 -9.00 -18.08
CA GLY D 275 -13.59 -9.20 -17.02
C GLY D 275 -14.71 -10.11 -17.44
N LYS D 276 -15.19 -9.97 -18.66
CA LYS D 276 -16.26 -10.84 -19.15
C LYS D 276 -15.82 -12.29 -19.16
N TYR D 277 -14.61 -12.54 -19.68
CA TYR D 277 -14.12 -13.91 -19.73
C TYR D 277 -13.84 -14.46 -18.34
N MET D 278 -13.38 -13.63 -17.42
CA MET D 278 -13.20 -14.10 -16.05
C MET D 278 -14.53 -14.46 -15.41
N LEU D 279 -15.57 -13.65 -15.65
CA LEU D 279 -16.89 -14.00 -15.12
C LEU D 279 -17.39 -15.31 -15.73
N PHE D 280 -17.18 -15.50 -17.03
CA PHE D 280 -17.60 -16.74 -17.65
C PHE D 280 -16.85 -17.93 -17.06
N THR D 281 -15.54 -17.78 -16.81
CA THR D 281 -14.80 -18.88 -16.20
C THR D 281 -15.29 -19.14 -14.78
N MET D 282 -15.66 -18.09 -14.06
CA MET D 282 -16.20 -18.31 -12.71
C MET D 282 -17.52 -19.08 -12.77
N ILE D 283 -18.39 -18.72 -13.70
CA ILE D 283 -19.62 -19.48 -13.90
C ILE D 283 -19.27 -20.92 -14.25
N PHE D 284 -18.23 -21.10 -15.06
CA PHE D 284 -17.78 -22.42 -15.47
C PHE D 284 -17.38 -23.26 -14.26
N VAL D 285 -16.60 -22.66 -13.36
CA VAL D 285 -16.15 -23.39 -12.17
C VAL D 285 -17.33 -23.66 -11.23
N ILE D 286 -18.26 -22.72 -11.11
CA ILE D 286 -19.42 -22.94 -10.26
C ILE D 286 -20.24 -24.11 -10.78
N SER D 287 -20.44 -24.16 -12.10
CA SER D 287 -21.12 -25.30 -12.68
C SER D 287 -20.35 -26.59 -12.43
N SER D 288 -19.03 -26.51 -12.51
CA SER D 288 -18.20 -27.68 -12.19
C SER D 288 -18.49 -28.17 -10.79
N ILE D 289 -18.53 -27.26 -9.82
CA ILE D 289 -18.75 -27.65 -8.43
C ILE D 289 -20.14 -28.26 -8.26
N ILE D 290 -21.16 -27.65 -8.86
CA ILE D 290 -22.51 -28.17 -8.69
C ILE D 290 -22.61 -29.57 -9.29
N ILE D 291 -22.10 -29.73 -10.52
CA ILE D 291 -22.25 -31.02 -11.18
C ILE D 291 -21.41 -32.09 -10.49
N THR D 292 -20.24 -31.73 -9.96
CA THR D 292 -19.46 -32.74 -9.26
C THR D 292 -20.08 -33.09 -7.91
N VAL D 293 -20.77 -32.15 -7.28
CA VAL D 293 -21.53 -32.50 -6.08
C VAL D 293 -22.65 -33.47 -6.45
N VAL D 294 -23.30 -33.26 -7.59
CA VAL D 294 -24.31 -34.20 -8.04
C VAL D 294 -23.70 -35.57 -8.26
N VAL D 295 -22.52 -35.62 -8.87
CA VAL D 295 -21.85 -36.90 -9.10
C VAL D 295 -21.56 -37.58 -7.77
N ILE D 296 -21.04 -36.82 -6.81
CA ILE D 296 -20.72 -37.40 -5.51
C ILE D 296 -21.97 -37.95 -4.85
N ASN D 297 -23.08 -37.20 -4.92
CA ASN D 297 -24.32 -37.67 -4.34
C ASN D 297 -24.78 -38.96 -5.00
N THR D 298 -24.65 -39.05 -6.33
CA THR D 298 -25.01 -40.28 -7.02
C THR D 298 -24.15 -41.44 -6.57
N HIS D 299 -22.84 -41.21 -6.42
CA HIS D 299 -21.93 -42.32 -6.16
C HIS D 299 -22.23 -42.99 -4.83
N HIS D 300 -22.64 -42.22 -3.83
CA HIS D 300 -22.91 -42.74 -2.50
C HIS D 300 -24.38 -43.06 -2.27
N ARG D 301 -25.19 -43.02 -3.34
CA ARG D 301 -26.59 -43.34 -3.20
C ARG D 301 -26.77 -44.71 -2.56
N SER D 302 -27.54 -44.76 -1.50
CA SER D 302 -27.73 -46.02 -0.77
C SER D 302 -28.77 -46.87 -1.48
N PRO D 303 -28.47 -48.14 -1.79
CA PRO D 303 -29.44 -48.96 -2.52
C PRO D 303 -30.71 -49.24 -1.73
N SER D 304 -30.67 -49.08 -0.40
CA SER D 304 -31.84 -49.42 0.41
C SER D 304 -32.99 -48.48 0.11
N THR D 305 -32.74 -47.17 0.16
CA THR D 305 -33.81 -46.17 0.03
C THR D 305 -33.98 -45.68 -1.40
N HIS D 306 -33.10 -46.05 -2.32
CA HIS D 306 -33.18 -45.62 -3.71
C HIS D 306 -33.06 -46.83 -4.62
N THR D 307 -33.92 -46.90 -5.62
CA THR D 307 -33.86 -47.93 -6.65
C THR D 307 -33.71 -47.27 -8.00
N MET D 308 -32.82 -47.81 -8.82
CA MET D 308 -32.44 -47.14 -10.06
C MET D 308 -33.61 -47.08 -11.02
N PRO D 309 -34.03 -45.91 -11.48
CA PRO D 309 -35.07 -45.85 -12.52
C PRO D 309 -34.60 -46.49 -13.81
N GLN D 310 -35.56 -47.00 -14.58
CA GLN D 310 -35.23 -47.73 -15.80
C GLN D 310 -34.49 -46.85 -16.79
N TRP D 311 -34.93 -45.60 -16.93
CA TRP D 311 -34.30 -44.71 -17.91
C TRP D 311 -32.83 -44.48 -17.59
N VAL D 312 -32.52 -44.28 -16.30
CA VAL D 312 -31.12 -44.10 -15.91
C VAL D 312 -30.31 -45.33 -16.28
N ARG D 313 -30.82 -46.52 -15.95
CA ARG D 313 -30.09 -47.73 -16.27
C ARG D 313 -29.84 -47.83 -17.76
N LYS D 314 -30.88 -47.66 -18.56
CA LYS D 314 -30.71 -47.76 -20.01
C LYS D 314 -29.66 -46.77 -20.50
N ILE D 315 -29.86 -45.48 -20.20
CA ILE D 315 -29.00 -44.44 -20.77
C ILE D 315 -27.55 -44.66 -20.35
N PHE D 316 -27.32 -44.94 -19.08
CA PHE D 316 -25.98 -44.87 -18.52
C PHE D 316 -25.31 -46.23 -18.34
N ILE D 317 -25.96 -47.33 -18.74
CA ILE D 317 -25.31 -48.64 -18.62
C ILE D 317 -25.47 -49.44 -19.91
N ASP D 318 -26.38 -49.03 -20.79
CA ASP D 318 -26.69 -49.81 -21.97
C ASP D 318 -26.27 -49.17 -23.28
N THR D 319 -26.25 -47.84 -23.36
CA THR D 319 -25.94 -47.15 -24.61
C THR D 319 -24.69 -46.30 -24.55
N ILE D 320 -24.57 -45.39 -23.60
CA ILE D 320 -23.43 -44.47 -23.58
C ILE D 320 -22.10 -45.21 -23.47
N PRO D 321 -21.94 -46.19 -22.58
CA PRO D 321 -20.60 -46.80 -22.43
C PRO D 321 -20.06 -47.37 -23.73
N ASN D 322 -20.92 -47.80 -24.66
CA ASN D 322 -20.42 -48.30 -25.94
C ASN D 322 -19.90 -47.17 -26.81
N VAL D 323 -20.45 -45.95 -26.65
CA VAL D 323 -20.04 -44.84 -27.49
C VAL D 323 -18.59 -44.44 -27.21
N MET D 324 -18.18 -44.45 -25.94
CA MET D 324 -16.81 -44.08 -25.58
C MET D 324 -15.86 -45.14 -26.12
N PHE D 325 -15.17 -44.81 -27.21
CA PHE D 325 -14.26 -45.77 -27.82
C PHE D 325 -12.87 -45.74 -27.17
N PHE D 326 -12.30 -44.55 -27.03
CA PHE D 326 -10.93 -44.43 -26.53
C PHE D 326 -10.81 -44.76 -25.04
N SER D 327 -11.93 -44.84 -24.32
CA SER D 327 -11.88 -45.14 -22.90
C SER D 327 -11.58 -46.61 -22.67
N THR D 328 -11.48 -46.98 -21.40
CA THR D 328 -11.18 -48.34 -21.00
C THR D 328 -12.22 -48.86 -20.01
N MET D 329 -13.44 -48.36 -20.09
CA MET D 329 -14.51 -48.83 -19.22
C MET D 329 -14.83 -50.29 -19.53
N LYS D 330 -15.67 -50.88 -18.69
CA LYS D 330 -16.20 -52.21 -18.91
C LYS D 330 -17.57 -52.09 -19.56
N ARG D 331 -17.87 -53.00 -20.47
CA ARG D 331 -19.14 -52.97 -21.18
C ARG D 331 -19.64 -54.38 -21.48
N PRO D 370 -31.63 -81.45 19.27
CA PRO D 370 -30.66 -80.76 20.13
C PRO D 370 -30.31 -79.38 19.60
N ASP D 371 -29.07 -78.95 19.82
CA ASP D 371 -28.58 -77.68 19.31
C ASP D 371 -27.89 -77.80 17.95
N VAL D 372 -27.78 -79.02 17.42
CA VAL D 372 -27.29 -79.18 16.06
C VAL D 372 -28.22 -78.47 15.09
N LYS D 373 -29.52 -78.51 15.36
CA LYS D 373 -30.48 -77.73 14.58
C LYS D 373 -30.16 -76.25 14.67
N SER D 374 -29.79 -75.77 15.87
CA SER D 374 -29.43 -74.37 16.02
C SER D 374 -28.20 -74.02 15.20
N ALA D 375 -27.19 -74.91 15.19
CA ALA D 375 -25.99 -74.65 14.40
C ALA D 375 -26.32 -74.61 12.91
N ILE D 376 -27.16 -75.53 12.44
CA ILE D 376 -27.55 -75.53 11.03
C ILE D 376 -28.29 -74.25 10.69
N GLU D 377 -29.21 -73.83 11.56
CA GLU D 377 -29.94 -72.59 11.31
C GLU D 377 -29.00 -71.39 11.30
N GLY D 378 -27.98 -71.40 12.15
CA GLY D 378 -27.00 -70.33 12.13
C GLY D 378 -26.22 -70.27 10.84
N VAL D 379 -25.81 -71.44 10.34
CA VAL D 379 -25.09 -71.47 9.06
C VAL D 379 -25.98 -70.95 7.93
N LYS D 380 -27.25 -71.38 7.92
CA LYS D 380 -28.17 -70.88 6.91
C LYS D 380 -28.37 -69.38 7.02
N TYR D 381 -28.44 -68.87 8.26
CA TYR D 381 -28.56 -67.43 8.46
C TYR D 381 -27.35 -66.69 7.91
N ILE D 382 -26.15 -67.22 8.13
CA ILE D 382 -24.95 -66.59 7.60
C ILE D 382 -25.00 -66.55 6.08
N ALA D 383 -25.41 -67.67 5.46
CA ALA D 383 -25.50 -67.70 4.01
C ALA D 383 -26.52 -66.68 3.49
N GLU D 384 -27.68 -66.59 4.13
CA GLU D 384 -28.70 -65.65 3.68
C GLU D 384 -28.23 -64.21 3.84
N HIS D 385 -27.55 -63.92 4.95
CA HIS D 385 -27.03 -62.57 5.13
C HIS D 385 -26.01 -62.22 4.06
N MET D 386 -25.14 -63.16 3.72
CA MET D 386 -24.20 -62.91 2.64
C MET D 386 -24.91 -62.68 1.31
N LYS D 387 -25.99 -63.44 1.06
CA LYS D 387 -26.75 -63.24 -0.17
C LYS D 387 -27.33 -61.84 -0.24
N SER D 388 -27.97 -61.39 0.84
CA SER D 388 -28.55 -60.05 0.85
C SER D 388 -27.47 -58.99 0.72
N ASP D 389 -26.33 -59.18 1.39
CA ASP D 389 -25.25 -58.21 1.28
C ASP D 389 -24.72 -58.14 -0.15
N GLU D 390 -24.64 -59.29 -0.83
CA GLU D 390 -24.20 -59.29 -2.22
C GLU D 390 -25.19 -58.53 -3.11
N GLU D 391 -26.49 -58.70 -2.87
CA GLU D 391 -27.47 -57.96 -3.66
C GLU D 391 -27.31 -56.46 -3.45
N SER D 392 -27.21 -56.03 -2.18
CA SER D 392 -27.05 -54.61 -1.90
C SER D 392 -25.77 -54.07 -2.51
N SER D 393 -24.68 -54.84 -2.43
CA SER D 393 -23.44 -54.42 -3.06
C SER D 393 -23.64 -54.22 -4.56
N ASN D 394 -24.17 -55.23 -5.25
CA ASN D 394 -24.36 -55.12 -6.69
C ASN D 394 -25.13 -53.86 -7.05
N ALA D 395 -26.16 -53.53 -6.27
CA ALA D 395 -26.86 -52.26 -6.52
C ALA D 395 -25.92 -51.07 -6.33
N ALA D 396 -25.09 -51.12 -5.28
CA ALA D 396 -24.18 -50.00 -5.03
C ALA D 396 -23.18 -49.81 -6.17
N GLU D 397 -22.61 -50.90 -6.67
CA GLU D 397 -21.70 -50.78 -7.81
C GLU D 397 -22.41 -50.37 -9.09
N GLU D 398 -23.69 -50.70 -9.25
CA GLU D 398 -24.41 -50.11 -10.38
C GLU D 398 -24.47 -48.60 -10.26
N TRP D 399 -24.77 -48.09 -9.07
CA TRP D 399 -24.79 -46.64 -8.87
C TRP D 399 -23.41 -46.04 -9.13
N LYS D 400 -22.37 -46.69 -8.62
CA LYS D 400 -21.02 -46.18 -8.83
C LYS D 400 -20.64 -46.17 -10.31
N TYR D 401 -21.06 -47.19 -11.05
CA TYR D 401 -20.81 -47.23 -12.48
C TYR D 401 -21.50 -46.08 -13.19
N VAL D 402 -22.74 -45.78 -12.79
CA VAL D 402 -23.45 -44.64 -13.36
C VAL D 402 -22.67 -43.36 -13.10
N ALA D 403 -22.20 -43.17 -11.87
CA ALA D 403 -21.45 -41.97 -11.54
C ALA D 403 -20.18 -41.87 -12.37
N MET D 404 -19.48 -42.98 -12.55
CA MET D 404 -18.24 -42.96 -13.34
C MET D 404 -18.53 -42.60 -14.80
N VAL D 405 -19.63 -43.11 -15.34
CA VAL D 405 -19.99 -42.78 -16.72
C VAL D 405 -20.27 -41.30 -16.85
N ILE D 406 -21.01 -40.73 -15.88
CA ILE D 406 -21.25 -39.28 -15.91
C ILE D 406 -19.94 -38.52 -15.86
N ASP D 407 -18.99 -39.00 -15.05
CA ASP D 407 -17.70 -38.33 -14.96
C ASP D 407 -16.98 -38.33 -16.31
N HIS D 408 -16.99 -39.46 -17.02
CA HIS D 408 -16.35 -39.49 -18.32
C HIS D 408 -17.04 -38.57 -19.32
N ILE D 409 -18.38 -38.51 -19.27
CA ILE D 409 -19.09 -37.60 -20.18
C ILE D 409 -18.67 -36.17 -19.93
N LEU D 410 -18.61 -35.76 -18.66
CA LEU D 410 -18.23 -34.39 -18.35
C LEU D 410 -16.77 -34.11 -18.72
N LEU D 411 -15.90 -35.10 -18.55
CA LEU D 411 -14.51 -34.91 -18.96
C LEU D 411 -14.40 -34.70 -20.47
N CYS D 412 -15.15 -35.48 -21.25
CA CYS D 412 -15.15 -35.29 -22.70
C CYS D 412 -15.69 -33.92 -23.07
N VAL D 413 -16.75 -33.47 -22.40
CA VAL D 413 -17.29 -32.14 -22.67
C VAL D 413 -16.24 -31.07 -22.37
N PHE D 414 -15.52 -31.22 -21.26
CA PHE D 414 -14.50 -30.25 -20.89
C PHE D 414 -13.38 -30.21 -21.93
N MET D 415 -12.94 -31.38 -22.40
CA MET D 415 -11.89 -31.39 -23.42
C MET D 415 -12.38 -30.78 -24.73
N LEU D 416 -13.66 -30.99 -25.06
CA LEU D 416 -14.22 -30.36 -26.25
C LEU D 416 -14.22 -28.84 -26.11
N ILE D 417 -14.62 -28.33 -24.94
CA ILE D 417 -14.58 -26.88 -24.73
C ILE D 417 -13.15 -26.37 -24.79
N CYS D 418 -12.20 -27.16 -24.28
CA CYS D 418 -10.80 -26.74 -24.34
C CYS D 418 -10.31 -26.63 -25.77
N ILE D 419 -10.59 -27.63 -26.61
CA ILE D 419 -10.09 -27.60 -27.98
C ILE D 419 -10.83 -26.55 -28.79
N ILE D 420 -12.05 -26.21 -28.38
CA ILE D 420 -12.70 -25.04 -29.01
C ILE D 420 -12.01 -23.76 -28.57
N GLY D 421 -11.64 -23.64 -27.30
CA GLY D 421 -11.01 -22.42 -26.83
C GLY D 421 -9.65 -22.19 -27.45
N THR D 422 -8.86 -23.25 -27.63
CA THR D 422 -7.53 -23.09 -28.19
C THR D 422 -7.55 -22.62 -29.63
N VAL D 423 -8.67 -22.82 -30.34
CA VAL D 423 -8.77 -22.30 -31.70
C VAL D 423 -9.15 -20.83 -31.69
N SER D 424 -9.83 -20.38 -30.62
CA SER D 424 -10.26 -18.99 -30.56
C SER D 424 -9.08 -18.03 -30.57
N VAL D 425 -8.00 -18.37 -29.85
CA VAL D 425 -6.83 -17.50 -29.82
C VAL D 425 -6.17 -17.44 -31.19
N PHE D 426 -6.28 -18.50 -31.98
CA PHE D 426 -5.67 -18.54 -33.30
C PHE D 426 -6.53 -17.79 -34.32
N GLU E 1 2.48 51.98 -34.07
CA GLU E 1 2.74 52.11 -32.61
C GLU E 1 1.48 51.72 -31.84
N ASN E 2 1.57 50.62 -31.10
CA ASN E 2 0.41 50.10 -30.38
C ASN E 2 -0.15 51.12 -29.41
N GLU E 3 -1.39 51.57 -29.65
CA GLU E 3 -2.03 52.49 -28.73
C GLU E 3 -2.42 51.82 -27.42
N GLU E 4 -2.60 50.51 -27.42
CA GLU E 4 -2.88 49.80 -26.18
C GLU E 4 -1.81 50.09 -25.15
N GLY E 5 -0.57 50.29 -25.59
CA GLY E 5 0.50 50.56 -24.64
C GLY E 5 0.25 51.83 -23.86
N ARG E 6 -0.02 52.93 -24.56
CA ARG E 6 -0.22 54.20 -23.85
C ARG E 6 -1.53 54.19 -23.10
N LEU E 7 -2.56 53.51 -23.62
CA LEU E 7 -3.80 53.40 -22.87
C LEU E 7 -3.58 52.70 -21.54
N ILE E 8 -2.89 51.56 -21.56
CA ILE E 8 -2.68 50.79 -20.34
C ILE E 8 -1.75 51.54 -19.39
N GLU E 9 -0.75 52.24 -19.93
CA GLU E 9 0.11 53.04 -19.08
C GLU E 9 -0.67 54.14 -18.38
N LYS E 10 -1.60 54.77 -19.11
CA LYS E 10 -2.46 55.78 -18.48
C LYS E 10 -3.32 55.14 -17.39
N LEU E 11 -3.91 53.98 -17.68
CA LEU E 11 -4.82 53.37 -16.72
C LEU E 11 -4.09 52.97 -15.45
N LEU E 12 -3.01 52.21 -15.57
CA LEU E 12 -2.34 51.65 -14.40
C LEU E 12 -1.49 52.67 -13.67
N GLY E 13 -0.97 53.69 -14.35
CA GLY E 13 -0.30 54.76 -13.64
C GLY E 13 -1.27 55.45 -12.70
N ASP E 14 -0.86 55.60 -11.44
CA ASP E 14 -1.72 56.19 -10.41
C ASP E 14 -2.92 55.30 -10.12
N TYR E 15 -2.65 54.00 -9.92
CA TYR E 15 -3.68 53.03 -9.60
C TYR E 15 -3.15 52.12 -8.50
N ASP E 16 -3.90 52.02 -7.40
CA ASP E 16 -3.51 51.22 -6.25
C ASP E 16 -4.37 49.96 -6.21
N LYS E 17 -3.75 48.80 -6.33
CA LYS E 17 -4.46 47.54 -6.37
C LYS E 17 -4.88 47.05 -4.99
N ARG E 18 -4.56 47.77 -3.93
CA ARG E 18 -4.96 47.38 -2.59
C ARG E 18 -6.28 48.02 -2.17
N ILE E 19 -6.87 48.87 -3.00
CA ILE E 19 -8.04 49.65 -2.63
C ILE E 19 -9.24 49.10 -3.38
N ILE E 20 -10.29 48.75 -2.63
CA ILE E 20 -11.52 48.28 -3.26
C ILE E 20 -12.11 49.42 -4.08
N PRO E 21 -12.55 49.19 -5.33
CA PRO E 21 -13.02 50.31 -6.16
C PRO E 21 -14.44 50.74 -5.81
N ALA E 22 -14.56 51.44 -4.69
CA ALA E 22 -15.85 51.95 -4.23
C ALA E 22 -15.93 53.43 -4.55
N LYS E 23 -16.90 53.81 -5.38
CA LYS E 23 -17.00 55.21 -5.80
C LYS E 23 -17.28 56.13 -4.62
N THR E 24 -18.17 55.73 -3.73
CA THR E 24 -18.55 56.53 -2.57
C THR E 24 -18.50 55.65 -1.32
N LEU E 25 -18.95 56.22 -0.20
CA LEU E 25 -18.80 55.53 1.08
C LEU E 25 -19.76 54.35 1.21
N ASP E 26 -20.92 54.42 0.57
CA ASP E 26 -21.94 53.38 0.69
C ASP E 26 -22.04 52.49 -0.53
N HIS E 27 -21.08 52.59 -1.46
CA HIS E 27 -21.14 51.76 -2.65
C HIS E 27 -20.74 50.33 -2.33
N ILE E 28 -21.45 49.38 -2.91
CA ILE E 28 -21.20 47.95 -2.72
C ILE E 28 -20.93 47.33 -4.08
N ILE E 29 -19.81 46.63 -4.20
CA ILE E 29 -19.37 46.11 -5.48
C ILE E 29 -20.13 44.83 -5.80
N ASP E 30 -20.78 44.80 -6.95
CA ASP E 30 -21.51 43.62 -7.40
C ASP E 30 -20.53 42.66 -8.06
N VAL E 31 -20.27 41.54 -7.41
CA VAL E 31 -19.37 40.51 -7.94
C VAL E 31 -20.21 39.35 -8.40
N THR E 32 -20.08 39.00 -9.67
CA THR E 32 -20.96 38.03 -10.33
C THR E 32 -20.18 36.77 -10.64
N LEU E 33 -20.75 35.63 -10.27
CA LEU E 33 -20.07 34.34 -10.38
C LEU E 33 -20.81 33.42 -11.34
N LYS E 34 -20.05 32.63 -12.09
CA LYS E 34 -20.59 31.57 -12.92
C LYS E 34 -19.55 30.45 -12.97
N LEU E 35 -20.02 29.22 -13.11
CA LEU E 35 -19.15 28.06 -13.10
C LEU E 35 -19.38 27.25 -14.36
N THR E 36 -18.30 26.84 -15.02
CA THR E 36 -18.36 25.98 -16.19
C THR E 36 -17.55 24.73 -15.89
N LEU E 37 -18.24 23.59 -15.73
CA LEU E 37 -17.57 22.32 -15.49
C LEU E 37 -17.13 21.74 -16.82
N THR E 38 -15.83 21.45 -16.95
CA THR E 38 -15.33 20.86 -18.18
C THR E 38 -14.99 19.39 -18.03
N ASN E 39 -14.71 18.93 -16.81
CA ASN E 39 -14.36 17.54 -16.60
C ASN E 39 -14.49 17.18 -15.13
N LEU E 40 -15.31 16.17 -14.83
CA LEU E 40 -15.47 15.67 -13.46
C LEU E 40 -14.38 14.63 -13.25
N ILE E 41 -13.24 15.07 -12.72
CA ILE E 41 -12.05 14.21 -12.73
C ILE E 41 -12.27 12.97 -11.89
N SER E 42 -12.70 13.14 -10.63
CA SER E 42 -12.79 11.97 -9.77
C SER E 42 -13.58 12.30 -8.52
N LEU E 43 -13.95 11.24 -7.80
CA LEU E 43 -14.58 11.35 -6.49
C LEU E 43 -13.94 10.29 -5.59
N ASN E 44 -12.90 10.68 -4.85
CA ASN E 44 -12.15 9.78 -4.00
C ASN E 44 -12.93 9.56 -2.71
N GLU E 45 -13.37 8.32 -2.49
CA GLU E 45 -14.13 8.00 -1.28
C GLU E 45 -13.23 7.96 -0.06
N LYS E 46 -12.02 7.41 -0.21
CA LYS E 46 -11.16 7.21 0.95
C LYS E 46 -10.85 8.53 1.64
N GLU E 47 -10.54 9.57 0.87
CA GLU E 47 -10.25 10.88 1.42
C GLU E 47 -11.44 11.84 1.32
N GLU E 48 -12.58 11.36 0.84
CA GLU E 48 -13.82 12.12 0.84
C GLU E 48 -13.65 13.45 0.09
N ALA E 49 -13.21 13.34 -1.16
CA ALA E 49 -12.86 14.54 -1.92
C ALA E 49 -13.30 14.41 -3.36
N LEU E 50 -13.99 15.43 -3.86
CA LEU E 50 -14.37 15.51 -5.26
C LEU E 50 -13.38 16.41 -5.99
N THR E 51 -12.80 15.91 -7.08
CA THR E 51 -11.82 16.65 -7.86
C THR E 51 -12.43 16.95 -9.22
N THR E 52 -12.51 18.25 -9.54
CA THR E 52 -13.16 18.71 -10.76
C THR E 52 -12.29 19.73 -11.48
N ASN E 53 -12.49 19.83 -12.78
CA ASN E 53 -11.83 20.79 -13.64
C ASN E 53 -12.87 21.82 -14.08
N VAL E 54 -12.72 23.07 -13.63
CA VAL E 54 -13.73 24.09 -13.85
C VAL E 54 -13.09 25.34 -14.41
N TRP E 55 -13.92 26.15 -15.03
CA TRP E 55 -13.61 27.55 -15.34
C TRP E 55 -14.54 28.41 -14.52
N ILE E 56 -13.98 29.33 -13.73
CA ILE E 56 -14.80 30.15 -12.85
C ILE E 56 -14.81 31.57 -13.40
N GLU E 57 -15.98 32.03 -13.80
CA GLU E 57 -16.16 33.31 -14.46
C GLU E 57 -16.62 34.33 -13.43
N ILE E 58 -15.79 35.34 -13.20
CA ILE E 58 -16.04 36.35 -12.18
C ILE E 58 -16.08 37.69 -12.89
N GLN E 59 -17.14 38.45 -12.65
CA GLN E 59 -17.33 39.73 -13.30
C GLN E 59 -17.58 40.81 -12.26
N TRP E 60 -16.95 41.96 -12.44
CA TRP E 60 -17.24 43.09 -11.57
C TRP E 60 -16.99 44.38 -12.35
N ASN E 61 -16.96 45.49 -11.65
CA ASN E 61 -16.83 46.79 -12.30
C ASN E 61 -15.86 47.64 -11.48
N ASP E 62 -14.81 48.12 -12.14
CA ASP E 62 -13.80 48.98 -11.51
C ASP E 62 -13.84 50.32 -12.22
N TYR E 63 -14.47 51.31 -11.59
CA TYR E 63 -14.67 52.59 -12.24
C TYR E 63 -13.36 53.27 -12.62
N ARG E 64 -12.25 52.93 -11.96
CA ARG E 64 -10.98 53.54 -12.31
C ARG E 64 -10.52 53.13 -13.69
N LEU E 65 -10.72 51.86 -14.05
CA LEU E 65 -10.27 51.34 -15.33
C LEU E 65 -11.31 51.55 -16.41
N SER E 66 -11.63 52.82 -16.63
CA SER E 66 -12.57 53.21 -17.68
C SER E 66 -11.93 54.30 -18.52
N TRP E 67 -12.27 54.33 -19.80
CA TRP E 67 -11.71 55.31 -20.72
C TRP E 67 -12.71 55.61 -21.82
N ASN E 68 -12.32 56.51 -22.71
CA ASN E 68 -13.15 56.98 -23.79
C ASN E 68 -12.63 56.40 -25.10
N THR E 69 -13.47 55.63 -25.80
CA THR E 69 -12.99 54.88 -26.95
C THR E 69 -12.43 55.79 -28.03
N SER E 70 -13.14 56.89 -28.34
CA SER E 70 -12.71 57.74 -29.44
C SER E 70 -11.31 58.29 -29.21
N GLU E 71 -10.85 58.33 -27.97
CA GLU E 71 -9.53 58.88 -27.65
C GLU E 71 -8.40 57.90 -27.92
N TYR E 72 -8.70 56.63 -28.22
CA TYR E 72 -7.68 55.61 -28.38
C TYR E 72 -7.94 54.76 -29.61
N GLU E 73 -8.37 55.40 -30.69
CA GLU E 73 -8.54 54.74 -31.99
C GLU E 73 -9.46 53.53 -31.88
N GLY E 74 -10.53 53.69 -31.10
CA GLY E 74 -11.57 52.68 -31.06
C GLY E 74 -11.28 51.45 -30.24
N ILE E 75 -10.17 51.42 -29.52
CA ILE E 75 -9.91 50.29 -28.63
C ILE E 75 -10.99 50.27 -27.56
N ASP E 76 -11.70 49.14 -27.46
CA ASP E 76 -12.76 49.00 -26.47
C ASP E 76 -12.56 47.79 -25.58
N LEU E 77 -11.36 47.22 -25.55
CA LEU E 77 -11.10 46.07 -24.72
C LEU E 77 -9.61 45.81 -24.61
N VAL E 78 -9.10 45.66 -23.40
CA VAL E 78 -7.68 45.39 -23.18
C VAL E 78 -7.54 44.21 -22.22
N ARG E 79 -6.37 43.59 -22.25
CA ARG E 79 -6.05 42.48 -21.38
C ARG E 79 -4.97 42.93 -20.42
N ILE E 80 -5.22 42.80 -19.12
CA ILE E 80 -4.26 43.22 -18.11
C ILE E 80 -3.98 42.04 -17.19
N PRO E 81 -2.72 41.72 -16.91
CA PRO E 81 -2.45 40.61 -15.98
C PRO E 81 -3.11 40.86 -14.63
N SER E 82 -3.69 39.80 -14.07
CA SER E 82 -4.50 39.95 -12.87
C SER E 82 -3.67 40.27 -11.64
N GLU E 83 -2.35 40.10 -11.70
CA GLU E 83 -1.52 40.47 -10.57
C GLU E 83 -1.40 41.97 -10.40
N LEU E 84 -1.79 42.76 -11.40
CA LEU E 84 -1.68 44.21 -11.36
C LEU E 84 -2.97 44.89 -10.95
N LEU E 85 -4.05 44.14 -10.75
CA LEU E 85 -5.37 44.72 -10.55
C LEU E 85 -5.94 44.30 -9.21
N TRP E 86 -6.95 45.04 -8.78
CA TRP E 86 -7.74 44.64 -7.62
C TRP E 86 -8.65 43.50 -8.01
N LEU E 87 -8.67 42.45 -7.20
CA LEU E 87 -9.55 41.33 -7.42
C LEU E 87 -10.36 41.05 -6.17
N PRO E 88 -11.61 40.63 -6.30
CA PRO E 88 -12.34 40.12 -5.13
C PRO E 88 -11.81 38.74 -4.78
N ASP E 89 -11.31 38.60 -3.57
CA ASP E 89 -10.63 37.37 -3.22
C ASP E 89 -11.64 36.25 -3.08
N VAL E 90 -12.27 35.86 -4.18
CA VAL E 90 -13.26 34.79 -4.16
C VAL E 90 -12.54 33.46 -4.13
N VAL E 91 -12.82 32.66 -3.10
CA VAL E 91 -12.13 31.40 -2.89
C VAL E 91 -13.15 30.31 -2.61
N LEU E 92 -12.69 29.06 -2.82
CA LEU E 92 -13.48 27.88 -2.51
C LEU E 92 -13.24 27.51 -1.06
N GLU E 93 -14.26 27.62 -0.22
CA GLU E 93 -14.06 27.40 1.20
C GLU E 93 -13.90 25.93 1.56
N ASN E 94 -14.73 25.06 0.98
CA ASN E 94 -14.72 23.65 1.36
C ASN E 94 -13.67 22.92 0.51
N ASN E 95 -12.41 23.26 0.76
CA ASN E 95 -11.28 22.66 0.08
C ASN E 95 -10.53 21.74 1.03
N VAL E 96 -10.21 20.54 0.57
CA VAL E 96 -9.59 19.55 1.44
C VAL E 96 -8.22 20.02 1.90
N ASP E 97 -7.41 20.52 0.97
CA ASP E 97 -6.07 20.99 1.25
C ASP E 97 -6.11 22.49 1.56
N GLY E 98 -4.95 23.13 1.60
CA GLY E 98 -4.89 24.54 1.85
C GLY E 98 -5.10 25.41 0.63
N GLN E 99 -5.34 24.81 -0.53
CA GLN E 99 -5.42 25.57 -1.77
C GLN E 99 -6.72 26.37 -1.84
N PHE E 100 -6.66 27.64 -1.42
CA PHE E 100 -7.83 28.50 -1.51
C PHE E 100 -7.96 29.13 -2.89
N GLU E 101 -6.86 29.65 -3.41
CA GLU E 101 -6.88 30.49 -4.60
C GLU E 101 -6.87 29.65 -5.88
N VAL E 102 -7.11 30.34 -7.00
CA VAL E 102 -7.21 29.71 -8.30
C VAL E 102 -5.84 29.16 -8.72
N ALA E 103 -5.84 28.30 -9.73
CA ALA E 103 -4.61 27.65 -10.15
C ALA E 103 -3.77 28.56 -11.05
N TYR E 104 -4.33 28.96 -12.19
CA TYR E 104 -3.62 29.78 -13.17
C TYR E 104 -4.20 31.18 -13.14
N TYR E 105 -3.36 32.17 -12.84
CA TYR E 105 -3.79 33.56 -12.73
C TYR E 105 -3.79 34.17 -14.13
N ALA E 106 -4.88 33.98 -14.85
CA ALA E 106 -4.99 34.46 -16.20
C ALA E 106 -5.17 35.98 -16.23
N ASN E 107 -5.07 36.55 -17.42
CA ASN E 107 -5.31 37.97 -17.58
C ASN E 107 -6.79 38.27 -17.38
N VAL E 108 -7.08 39.54 -17.10
CA VAL E 108 -8.44 40.03 -16.96
C VAL E 108 -8.76 40.88 -18.17
N LEU E 109 -9.97 40.69 -18.71
CA LEU E 109 -10.46 41.52 -19.80
C LEU E 109 -11.13 42.74 -19.22
N VAL E 110 -10.68 43.93 -19.64
CA VAL E 110 -11.22 45.19 -19.16
C VAL E 110 -11.85 45.89 -20.34
N TYR E 111 -13.13 46.24 -20.19
CA TYR E 111 -13.88 46.95 -21.22
C TYR E 111 -13.96 48.43 -20.89
N ASN E 112 -14.16 49.25 -21.91
CA ASN E 112 -14.05 50.68 -21.75
C ASN E 112 -15.03 51.24 -20.75
N ASP E 113 -16.12 50.54 -20.47
CA ASP E 113 -17.06 51.01 -19.45
C ASP E 113 -16.66 50.60 -18.05
N GLY E 114 -15.52 49.93 -17.88
CA GLY E 114 -15.07 49.50 -16.59
C GLY E 114 -15.34 48.04 -16.29
N SER E 115 -16.12 47.36 -17.12
CA SER E 115 -16.45 45.96 -16.86
C SER E 115 -15.18 45.13 -16.83
N MET E 116 -15.02 44.33 -15.79
CA MET E 116 -13.89 43.43 -15.63
C MET E 116 -14.41 42.00 -15.69
N TYR E 117 -13.81 41.21 -16.58
CA TYR E 117 -14.20 39.84 -16.84
C TYR E 117 -12.98 38.95 -16.61
N TRP E 118 -13.09 37.99 -15.69
CA TRP E 118 -11.96 37.16 -15.31
C TRP E 118 -12.39 35.71 -15.34
N LEU E 119 -11.72 34.90 -16.16
CA LEU E 119 -12.11 33.51 -16.37
C LEU E 119 -10.91 32.62 -16.12
N PRO E 120 -10.49 32.48 -14.88
CA PRO E 120 -9.41 31.55 -14.56
C PRO E 120 -9.90 30.12 -14.57
N PRO E 121 -9.10 29.18 -15.04
CA PRO E 121 -9.39 27.76 -14.85
C PRO E 121 -8.78 27.26 -13.56
N ALA E 122 -9.34 26.15 -13.07
CA ALA E 122 -8.90 25.64 -11.79
C ALA E 122 -9.18 24.15 -11.71
N ILE E 123 -8.33 23.46 -10.95
CA ILE E 123 -8.54 22.07 -10.55
C ILE E 123 -8.87 22.12 -9.07
N TYR E 124 -10.14 21.91 -8.74
CA TYR E 124 -10.63 22.09 -7.37
C TYR E 124 -10.85 20.73 -6.73
N ARG E 125 -10.33 20.57 -5.51
CA ARG E 125 -10.56 19.40 -4.68
C ARG E 125 -11.37 19.84 -3.47
N SER E 126 -12.65 19.47 -3.43
CA SER E 126 -13.58 19.93 -2.42
C SER E 126 -14.09 18.78 -1.56
N THR E 127 -14.39 19.09 -0.31
CA THR E 127 -14.90 18.06 0.60
C THR E 127 -16.31 17.67 0.20
N CYS E 128 -16.54 16.37 0.07
CA CYS E 128 -17.87 15.83 -0.24
C CYS E 128 -18.15 14.66 0.70
N PRO E 129 -18.75 14.93 1.86
CA PRO E 129 -19.09 13.81 2.76
C PRO E 129 -20.01 12.81 2.07
N ILE E 130 -19.61 11.55 2.11
CA ILE E 130 -20.27 10.49 1.35
C ILE E 130 -21.30 9.79 2.22
N ALA E 131 -22.38 9.35 1.60
CA ALA E 131 -23.39 8.51 2.24
C ALA E 131 -23.25 7.11 1.65
N VAL E 132 -22.57 6.23 2.40
CA VAL E 132 -22.26 4.89 1.90
C VAL E 132 -23.43 3.93 2.02
N THR E 133 -24.56 4.37 2.55
CA THR E 133 -25.61 3.44 2.96
C THR E 133 -26.03 2.52 1.82
N TYR E 134 -26.08 3.04 0.60
CA TYR E 134 -26.60 2.27 -0.53
C TYR E 134 -25.51 1.95 -1.55
N PHE E 135 -24.26 1.85 -1.09
CA PHE E 135 -23.18 1.47 -1.97
C PHE E 135 -23.46 0.08 -2.55
N PRO E 136 -23.21 -0.15 -3.85
CA PRO E 136 -22.72 0.74 -4.90
C PRO E 136 -23.83 1.43 -5.69
N PHE E 137 -25.09 1.23 -5.30
CA PHE E 137 -26.22 1.84 -5.99
C PHE E 137 -26.54 3.24 -5.49
N ASP E 138 -25.56 3.92 -4.90
CA ASP E 138 -25.80 5.19 -4.24
C ASP E 138 -25.72 6.35 -5.23
N TRP E 139 -26.14 7.52 -4.75
CA TRP E 139 -25.95 8.79 -5.42
C TRP E 139 -25.39 9.77 -4.42
N GLN E 140 -24.51 10.65 -4.89
CA GLN E 140 -23.82 11.59 -4.03
C GLN E 140 -24.26 13.02 -4.33
N ASN E 141 -24.15 13.86 -3.31
CA ASN E 141 -24.62 15.24 -3.33
C ASN E 141 -23.44 16.12 -2.90
N CYS E 142 -22.59 16.46 -3.87
CA CYS E 142 -21.39 17.24 -3.58
C CYS E 142 -21.64 18.72 -3.79
N SER E 143 -20.83 19.54 -3.11
CA SER E 143 -21.06 20.97 -3.06
C SER E 143 -19.74 21.72 -3.22
N LEU E 144 -19.76 22.75 -4.07
CA LEU E 144 -18.66 23.70 -4.19
C LEU E 144 -19.14 25.02 -3.61
N VAL E 145 -18.48 25.48 -2.55
CA VAL E 145 -18.88 26.67 -1.82
C VAL E 145 -17.86 27.76 -2.08
N PHE E 146 -18.30 28.87 -2.66
CA PHE E 146 -17.44 29.99 -2.98
C PHE E 146 -17.84 31.19 -2.14
N ARG E 147 -16.84 31.87 -1.57
CA ARG E 147 -17.12 33.09 -0.84
C ARG E 147 -15.88 33.96 -0.84
N SER E 148 -16.08 35.24 -0.55
CA SER E 148 -14.96 36.16 -0.51
C SER E 148 -14.19 35.99 0.78
N GLN E 149 -12.87 35.82 0.66
CA GLN E 149 -12.04 35.60 1.82
C GLN E 149 -11.72 36.88 2.57
N THR E 150 -12.03 38.04 2.01
CA THR E 150 -11.58 39.31 2.55
C THR E 150 -12.71 40.28 2.84
N TYR E 151 -13.73 40.34 1.99
CA TYR E 151 -14.74 41.39 2.05
C TYR E 151 -16.08 40.81 2.49
N ASN E 152 -16.78 41.56 3.32
CA ASN E 152 -18.07 41.15 3.87
C ASN E 152 -19.19 41.74 3.02
N ALA E 153 -20.43 41.48 3.43
CA ALA E 153 -21.59 41.89 2.67
C ALA E 153 -21.77 43.40 2.61
N HIS E 154 -21.06 44.16 3.45
CA HIS E 154 -21.11 45.60 3.39
C HIS E 154 -20.15 46.19 2.37
N GLU E 155 -19.26 45.38 1.81
CA GLU E 155 -18.29 45.83 0.82
C GLU E 155 -18.48 45.17 -0.53
N VAL E 156 -18.81 43.87 -0.56
CA VAL E 156 -18.97 43.11 -1.79
C VAL E 156 -20.27 42.34 -1.69
N ASN E 157 -21.00 42.28 -2.81
CA ASN E 157 -22.29 41.59 -2.88
C ASN E 157 -22.18 40.48 -3.92
N LEU E 158 -21.95 39.25 -3.47
CA LEU E 158 -21.88 38.12 -4.38
C LEU E 158 -23.26 37.83 -4.97
N GLN E 159 -23.27 37.44 -6.24
CA GLN E 159 -24.51 37.15 -6.95
C GLN E 159 -24.22 36.12 -8.03
N LEU E 160 -25.28 35.58 -8.60
CA LEU E 160 -25.16 34.66 -9.72
C LEU E 160 -25.25 35.44 -11.02
N SER E 161 -24.59 34.91 -12.05
CA SER E 161 -24.57 35.57 -13.33
C SER E 161 -25.95 35.55 -13.97
N ALA E 162 -26.13 36.43 -14.96
CA ALA E 162 -27.40 36.55 -15.66
C ALA E 162 -27.12 36.89 -17.11
N GLU E 163 -27.67 36.10 -18.02
CA GLU E 163 -27.58 36.37 -19.45
C GLU E 163 -28.99 36.60 -19.99
N GLU E 164 -29.17 37.72 -20.68
CA GLU E 164 -30.48 38.13 -21.17
C GLU E 164 -31.50 38.19 -20.04
N GLY E 165 -31.09 38.75 -18.91
CA GLY E 165 -31.97 38.96 -17.78
C GLY E 165 -32.27 37.73 -16.96
N GLU E 166 -32.12 36.53 -17.51
CA GLU E 166 -32.41 35.32 -16.77
C GLU E 166 -31.19 34.93 -15.94
N ALA E 167 -31.39 34.69 -14.65
CA ALA E 167 -30.31 34.27 -13.78
C ALA E 167 -29.85 32.88 -14.13
N VAL E 168 -28.53 32.66 -14.13
CA VAL E 168 -27.94 31.37 -14.43
C VAL E 168 -27.79 30.64 -13.11
N GLU E 169 -28.78 29.84 -12.76
CA GLU E 169 -28.82 29.14 -11.47
C GLU E 169 -28.39 27.69 -11.59
N TRP E 170 -27.42 27.41 -12.44
CA TRP E 170 -26.93 26.05 -12.63
C TRP E 170 -25.47 26.09 -13.03
N ILE E 171 -24.79 24.95 -12.86
CA ILE E 171 -23.45 24.81 -13.39
C ILE E 171 -23.55 24.65 -14.90
N HIS E 172 -22.82 25.48 -15.63
CA HIS E 172 -22.89 25.48 -17.07
C HIS E 172 -22.07 24.33 -17.63
N ILE E 173 -22.68 23.53 -18.50
CA ILE E 173 -22.01 22.41 -19.14
C ILE E 173 -22.24 22.52 -20.65
N ASP E 174 -21.16 22.68 -21.40
CA ASP E 174 -21.25 22.75 -22.84
C ASP E 174 -21.21 21.34 -23.42
N PRO E 175 -22.24 20.88 -24.13
CA PRO E 175 -22.21 19.49 -24.62
C PRO E 175 -21.00 19.16 -25.47
N GLU E 176 -20.53 20.10 -26.28
CA GLU E 176 -19.36 19.84 -27.11
C GLU E 176 -18.11 19.65 -26.25
N ASP E 177 -17.90 20.56 -25.30
CA ASP E 177 -16.67 20.52 -24.51
C ASP E 177 -16.68 19.38 -23.50
N PHE E 178 -17.83 19.17 -22.84
CA PHE E 178 -17.88 18.25 -21.71
C PHE E 178 -17.61 16.81 -22.16
N THR E 179 -17.07 16.03 -21.23
CA THR E 179 -16.81 14.61 -21.43
C THR E 179 -17.41 13.85 -20.25
N GLU E 180 -18.27 12.88 -20.54
CA GLU E 180 -18.89 12.11 -19.47
C GLU E 180 -17.86 11.28 -18.72
N ASN E 181 -18.13 11.03 -17.45
CA ASN E 181 -17.16 10.38 -16.58
C ASN E 181 -17.24 8.86 -16.60
N GLY E 182 -18.25 8.28 -17.22
CA GLY E 182 -18.35 6.83 -17.24
C GLY E 182 -18.78 6.25 -15.92
N GLU E 183 -18.04 6.54 -14.85
CA GLU E 183 -18.38 6.03 -13.53
C GLU E 183 -19.48 6.82 -12.84
N TRP E 184 -19.80 8.02 -13.32
CA TRP E 184 -20.83 8.85 -12.69
C TRP E 184 -21.64 9.53 -13.78
N THR E 185 -22.87 9.90 -13.42
CA THR E 185 -23.75 10.66 -14.30
C THR E 185 -24.28 11.86 -13.53
N ILE E 186 -24.23 13.03 -14.15
CA ILE E 186 -24.68 14.25 -13.49
C ILE E 186 -26.19 14.37 -13.70
N ARG E 187 -26.95 14.27 -12.61
CA ARG E 187 -28.40 14.34 -12.70
C ARG E 187 -28.93 15.76 -12.50
N HIS E 188 -28.48 16.43 -11.45
CA HIS E 188 -28.89 17.80 -11.16
C HIS E 188 -27.65 18.64 -10.88
N ARG E 189 -27.73 19.92 -11.23
CA ARG E 189 -26.61 20.82 -11.04
C ARG E 189 -27.10 22.23 -10.73
N PRO E 190 -27.82 22.42 -9.63
CA PRO E 190 -28.31 23.77 -9.29
C PRO E 190 -27.25 24.61 -8.62
N ALA E 191 -27.52 25.92 -8.58
CA ALA E 191 -26.67 26.87 -7.89
C ALA E 191 -27.55 27.87 -7.16
N LYS E 192 -27.06 28.38 -6.03
CA LYS E 192 -27.87 29.32 -5.27
C LYS E 192 -26.99 30.10 -4.30
N LYS E 193 -27.45 31.30 -3.98
CA LYS E 193 -26.80 32.12 -2.96
C LYS E 193 -27.37 31.75 -1.60
N ASN E 194 -26.48 31.47 -0.65
CA ASN E 194 -26.86 31.05 0.69
C ASN E 194 -26.34 32.05 1.71
N TYR E 195 -27.09 32.16 2.81
CA TYR E 195 -26.75 33.05 3.91
C TYR E 195 -26.61 32.25 5.19
N ASN E 196 -25.68 32.66 6.05
CA ASN E 196 -25.48 32.04 7.35
C ASN E 196 -26.10 32.97 8.38
N TRP E 197 -27.41 32.79 8.63
CA TRP E 197 -28.16 33.75 9.44
C TRP E 197 -27.65 33.83 10.87
N GLN E 198 -26.89 32.84 11.33
CA GLN E 198 -26.30 32.91 12.66
C GLN E 198 -25.25 34.01 12.77
N LEU E 199 -24.79 34.55 11.66
CA LEU E 199 -23.81 35.62 11.63
C LEU E 199 -24.49 36.92 11.22
N THR E 200 -23.70 37.99 11.16
CA THR E 200 -24.17 39.29 10.71
C THR E 200 -23.48 39.65 9.40
N LYS E 201 -23.81 40.83 8.88
CA LYS E 201 -23.27 41.28 7.60
C LYS E 201 -21.89 41.87 7.72
N ASP E 202 -21.16 41.60 8.81
CA ASP E 202 -19.82 42.12 9.01
C ASP E 202 -18.86 40.98 9.35
N ASP E 203 -19.07 39.80 8.78
CA ASP E 203 -18.35 38.62 9.20
C ASP E 203 -17.66 37.85 8.08
N THR E 204 -17.80 38.27 6.83
CA THR E 204 -17.03 37.70 5.73
C THR E 204 -17.48 36.28 5.39
N ASP E 205 -18.36 35.70 6.22
CA ASP E 205 -18.93 34.39 5.95
C ASP E 205 -20.45 34.45 5.88
N PHE E 206 -21.02 35.66 5.93
CA PHE E 206 -22.46 35.80 5.90
C PHE E 206 -23.03 35.23 4.61
N GLN E 207 -22.44 35.56 3.47
CA GLN E 207 -22.96 35.18 2.17
C GLN E 207 -22.00 34.24 1.46
N GLU E 208 -22.56 33.34 0.66
CA GLU E 208 -21.75 32.45 -0.15
C GLU E 208 -22.58 32.02 -1.35
N ILE E 209 -21.90 31.47 -2.35
CA ILE E 209 -22.55 30.91 -3.53
C ILE E 209 -22.21 29.43 -3.55
N ILE E 210 -23.24 28.59 -3.62
CA ILE E 210 -23.08 27.16 -3.57
C ILE E 210 -23.53 26.58 -4.90
N PHE E 211 -22.64 25.82 -5.54
CA PHE E 211 -22.95 25.05 -6.72
C PHE E 211 -23.04 23.58 -6.32
N PHE E 212 -24.14 22.93 -6.68
CA PHE E 212 -24.40 21.56 -6.27
C PHE E 212 -24.22 20.62 -7.45
N LEU E 213 -23.60 19.48 -7.19
CA LEU E 213 -23.46 18.41 -8.17
C LEU E 213 -24.07 17.15 -7.57
N ILE E 214 -25.19 16.70 -8.13
CA ILE E 214 -25.82 15.46 -7.75
C ILE E 214 -25.43 14.43 -8.80
N ILE E 215 -24.71 13.39 -8.38
CA ILE E 215 -24.10 12.44 -9.30
C ILE E 215 -24.54 11.04 -8.92
N GLN E 216 -24.98 10.27 -9.92
CA GLN E 216 -25.43 8.90 -9.75
C GLN E 216 -24.40 7.95 -10.30
N ARG E 217 -23.99 6.97 -9.49
CA ARG E 217 -22.97 6.03 -9.91
C ARG E 217 -23.54 5.01 -10.89
N LYS E 218 -22.84 4.80 -11.99
CA LYS E 218 -23.22 3.75 -12.93
C LYS E 218 -22.69 2.42 -12.41
N PRO E 219 -23.54 1.44 -12.10
CA PRO E 219 -23.08 0.26 -11.35
C PRO E 219 -22.74 -0.98 -12.18
N LEU E 220 -22.93 -0.96 -13.50
CA LEU E 220 -22.76 -2.17 -14.29
C LEU E 220 -21.42 -2.83 -14.00
N PHE E 221 -20.35 -2.04 -14.02
CA PHE E 221 -19.03 -2.57 -13.70
C PHE E 221 -19.05 -3.21 -12.32
N TYR E 222 -19.56 -2.49 -11.33
CA TYR E 222 -19.54 -2.99 -9.96
C TYR E 222 -20.34 -4.28 -9.86
N ILE E 223 -21.52 -4.32 -10.46
CA ILE E 223 -22.32 -5.54 -10.48
C ILE E 223 -21.48 -6.68 -11.04
N ILE E 224 -21.09 -6.57 -12.31
CA ILE E 224 -20.49 -7.69 -13.02
C ILE E 224 -19.25 -8.19 -12.31
N ASN E 225 -18.48 -7.28 -11.71
CA ASN E 225 -17.16 -7.66 -11.23
C ASN E 225 -17.09 -7.86 -9.71
N ILE E 226 -18.16 -7.59 -8.97
CA ILE E 226 -18.13 -7.88 -7.54
C ILE E 226 -19.35 -8.70 -7.13
N ILE E 227 -20.54 -8.26 -7.50
CA ILE E 227 -21.75 -8.84 -6.91
C ILE E 227 -22.02 -10.22 -7.47
N ALA E 228 -22.11 -10.34 -8.79
CA ALA E 228 -22.35 -11.66 -9.38
C ALA E 228 -21.35 -12.69 -8.91
N PRO E 229 -20.04 -12.43 -8.92
CA PRO E 229 -19.11 -13.39 -8.31
C PRO E 229 -19.42 -13.70 -6.86
N CYS E 230 -19.67 -12.67 -6.04
CA CYS E 230 -19.90 -12.89 -4.62
C CYS E 230 -21.17 -13.70 -4.39
N VAL E 231 -22.24 -13.37 -5.09
CA VAL E 231 -23.49 -14.11 -4.95
C VAL E 231 -23.31 -15.54 -5.39
N LEU E 232 -22.64 -15.75 -6.52
CA LEU E 232 -22.44 -17.10 -7.02
C LEU E 232 -21.63 -17.94 -6.04
N ILE E 233 -20.58 -17.35 -5.46
CA ILE E 233 -19.78 -18.09 -4.49
C ILE E 233 -20.58 -18.39 -3.24
N SER E 234 -21.35 -17.40 -2.76
CA SER E 234 -22.09 -17.61 -1.53
C SER E 234 -23.21 -18.63 -1.69
N SER E 235 -23.73 -18.78 -2.90
CA SER E 235 -24.79 -19.76 -3.11
C SER E 235 -24.29 -21.19 -3.01
N LEU E 236 -22.98 -21.41 -2.93
CA LEU E 236 -22.46 -22.76 -2.88
C LEU E 236 -22.69 -23.42 -1.53
N VAL E 237 -22.96 -22.65 -0.47
CA VAL E 237 -23.08 -23.24 0.86
C VAL E 237 -24.19 -24.28 0.89
N VAL E 238 -25.29 -24.01 0.19
CA VAL E 238 -26.42 -24.92 0.23
C VAL E 238 -26.05 -26.29 -0.30
N LEU E 239 -24.97 -26.40 -1.07
CA LEU E 239 -24.60 -27.69 -1.64
C LEU E 239 -24.10 -28.66 -0.59
N VAL E 240 -23.71 -28.19 0.59
CA VAL E 240 -23.18 -29.10 1.61
C VAL E 240 -24.24 -30.09 2.06
N TYR E 241 -25.50 -29.82 1.78
CA TYR E 241 -26.59 -30.66 2.26
C TYR E 241 -26.82 -31.88 1.39
N PHE E 242 -26.07 -32.05 0.31
CA PHE E 242 -26.16 -33.24 -0.51
C PHE E 242 -24.92 -34.12 -0.43
N LEU E 243 -23.89 -33.67 0.27
CA LEU E 243 -22.71 -34.51 0.43
C LEU E 243 -22.94 -35.53 1.54
N PRO E 244 -22.43 -36.75 1.40
CA PRO E 244 -22.63 -37.74 2.45
C PRO E 244 -21.99 -37.33 3.75
N ALA E 245 -22.62 -37.72 4.86
CA ALA E 245 -22.14 -37.37 6.18
C ALA E 245 -21.25 -38.49 6.72
N GLN E 246 -20.06 -38.59 6.16
CA GLN E 246 -19.07 -39.56 6.59
C GLN E 246 -17.71 -39.07 6.12
N ALA E 247 -16.67 -39.83 6.47
CA ALA E 247 -15.33 -39.48 6.02
C ALA E 247 -15.27 -39.49 4.50
N GLY E 248 -14.73 -38.42 3.92
CA GLY E 248 -14.66 -38.26 2.50
C GLY E 248 -15.79 -37.44 1.92
N GLY E 249 -16.87 -37.21 2.67
CA GLY E 249 -17.91 -36.34 2.20
C GLY E 249 -17.45 -34.89 2.08
N GLN E 250 -16.68 -34.43 3.07
CA GLN E 250 -16.08 -33.11 3.04
C GLN E 250 -17.13 -32.00 3.13
N LYS E 251 -18.05 -32.14 4.08
CA LYS E 251 -18.99 -31.05 4.33
C LYS E 251 -18.27 -29.83 4.90
N CYS E 252 -17.47 -30.04 5.94
CA CYS E 252 -16.81 -28.93 6.60
C CYS E 252 -15.84 -28.21 5.66
N THR E 253 -15.14 -28.97 4.82
CA THR E 253 -14.22 -28.35 3.88
C THR E 253 -14.95 -27.33 3.02
N LEU E 254 -16.04 -27.75 2.39
CA LEU E 254 -16.79 -26.84 1.51
C LEU E 254 -17.33 -25.66 2.28
N SER E 255 -17.93 -25.91 3.46
CA SER E 255 -18.54 -24.82 4.20
C SER E 255 -17.51 -23.77 4.59
N ILE E 256 -16.42 -24.20 5.23
CA ILE E 256 -15.39 -23.26 5.66
C ILE E 256 -14.79 -22.55 4.46
N SER E 257 -14.63 -23.24 3.34
CA SER E 257 -14.03 -22.60 2.17
C SER E 257 -14.92 -21.48 1.64
N VAL E 258 -16.23 -21.73 1.55
CA VAL E 258 -17.12 -20.65 1.11
C VAL E 258 -17.07 -19.50 2.10
N LEU E 259 -16.98 -19.81 3.38
CA LEU E 259 -16.89 -18.74 4.37
C LEU E 259 -15.64 -17.88 4.14
N LEU E 260 -14.50 -18.53 3.86
CA LEU E 260 -13.27 -17.78 3.61
C LEU E 260 -13.38 -16.94 2.35
N ALA E 261 -14.01 -17.48 1.30
CA ALA E 261 -14.20 -16.67 0.10
C ALA E 261 -15.02 -15.43 0.39
N GLN E 262 -16.08 -15.59 1.19
CA GLN E 262 -16.88 -14.43 1.59
C GLN E 262 -16.04 -13.42 2.36
N THR E 263 -15.14 -13.91 3.22
CA THR E 263 -14.26 -13.01 3.94
C THR E 263 -13.36 -12.23 2.98
N ILE E 264 -12.85 -12.90 1.95
CA ILE E 264 -12.01 -12.21 0.97
C ILE E 264 -12.81 -11.10 0.29
N PHE E 265 -14.04 -11.39 -0.10
CA PHE E 265 -14.86 -10.34 -0.70
C PHE E 265 -15.11 -9.19 0.27
N LEU E 266 -15.31 -9.52 1.54
CA LEU E 266 -15.49 -8.47 2.54
C LEU E 266 -14.27 -7.55 2.60
N PHE E 267 -13.09 -8.14 2.62
CA PHE E 267 -11.86 -7.34 2.58
C PHE E 267 -11.84 -6.46 1.33
N LEU E 268 -12.10 -7.04 0.16
CA LEU E 268 -12.09 -6.25 -1.06
C LEU E 268 -12.99 -5.03 -0.92
N ILE E 269 -14.20 -5.24 -0.38
CA ILE E 269 -15.10 -4.11 -0.15
C ILE E 269 -14.54 -3.15 0.89
N ALA E 270 -13.70 -3.62 1.81
CA ALA E 270 -13.20 -2.76 2.87
C ALA E 270 -12.41 -1.58 2.30
N GLN E 271 -11.51 -1.84 1.36
CA GLN E 271 -10.68 -0.79 0.77
C GLN E 271 -11.37 -0.15 -0.43
N LYS E 272 -12.63 0.22 -0.26
CA LYS E 272 -13.36 0.93 -1.30
C LYS E 272 -14.36 1.92 -0.74
N VAL E 273 -14.43 2.10 0.57
CA VAL E 273 -15.42 3.00 1.19
C VAL E 273 -14.76 3.75 2.33
N PRO E 274 -15.31 4.91 2.70
CA PRO E 274 -14.70 5.72 3.74
C PRO E 274 -14.64 4.97 5.06
N GLU E 275 -13.65 5.33 5.87
CA GLU E 275 -13.47 4.76 7.20
C GLU E 275 -14.36 5.41 8.24
N THR E 276 -15.41 6.10 7.81
CA THR E 276 -16.32 6.75 8.74
C THR E 276 -17.13 5.71 9.50
N SER E 277 -17.69 6.13 10.63
CA SER E 277 -18.38 5.26 11.57
C SER E 277 -19.83 5.68 11.72
N LEU E 278 -20.48 6.02 10.62
CA LEU E 278 -21.88 6.44 10.64
C LEU E 278 -22.83 5.36 10.14
N ASN E 279 -22.43 4.61 9.12
CA ASN E 279 -23.30 3.60 8.53
C ASN E 279 -22.46 2.50 7.91
N VAL E 280 -23.11 1.38 7.62
CA VAL E 280 -22.48 0.23 6.98
C VAL E 280 -22.95 0.18 5.54
N PRO E 281 -22.06 -0.01 4.57
CA PRO E 281 -22.51 -0.04 3.18
C PRO E 281 -23.45 -1.21 2.91
N LEU E 282 -24.31 -1.04 1.91
CA LEU E 282 -25.28 -2.07 1.58
C LEU E 282 -24.58 -3.39 1.27
N ILE E 283 -23.57 -3.35 0.41
CA ILE E 283 -22.85 -4.57 0.07
C ILE E 283 -22.17 -5.14 1.29
N GLY E 284 -21.68 -4.27 2.19
CA GLY E 284 -21.14 -4.77 3.44
C GLY E 284 -22.18 -5.48 4.28
N LYS E 285 -23.40 -4.96 4.32
CA LYS E 285 -24.47 -5.63 5.04
C LYS E 285 -24.77 -6.99 4.42
N TYR E 286 -24.81 -7.06 3.09
CA TYR E 286 -25.05 -8.33 2.42
C TYR E 286 -23.94 -9.33 2.76
N LEU E 287 -22.69 -8.88 2.75
CA LEU E 287 -21.60 -9.78 3.07
C LEU E 287 -21.67 -10.26 4.51
N ILE E 288 -22.01 -9.36 5.44
CA ILE E 288 -22.19 -9.78 6.83
C ILE E 288 -23.28 -10.83 6.92
N PHE E 289 -24.38 -10.61 6.21
CA PHE E 289 -25.50 -11.55 6.26
C PHE E 289 -25.09 -12.93 5.75
N VAL E 290 -24.40 -12.97 4.61
CA VAL E 290 -24.03 -14.27 4.05
C VAL E 290 -22.97 -14.93 4.91
N MET E 291 -22.07 -14.16 5.51
CA MET E 291 -21.10 -14.76 6.43
C MET E 291 -21.80 -15.39 7.62
N PHE E 292 -22.79 -14.70 8.18
CA PHE E 292 -23.54 -15.27 9.29
C PHE E 292 -24.29 -16.53 8.87
N VAL E 293 -24.90 -16.51 7.69
CA VAL E 293 -25.62 -17.68 7.20
C VAL E 293 -24.68 -18.85 7.00
N SER E 294 -23.50 -18.59 6.45
CA SER E 294 -22.54 -19.66 6.23
C SER E 294 -21.99 -20.20 7.54
N MET E 295 -21.83 -19.33 8.55
CA MET E 295 -21.46 -19.84 9.86
C MET E 295 -22.54 -20.76 10.42
N LEU E 296 -23.80 -20.36 10.26
CA LEU E 296 -24.89 -21.24 10.71
C LEU E 296 -24.88 -22.55 9.94
N ILE E 297 -24.57 -22.51 8.66
CA ILE E 297 -24.52 -23.74 7.87
C ILE E 297 -23.36 -24.62 8.32
N VAL E 298 -22.24 -24.02 8.69
CA VAL E 298 -21.13 -24.80 9.24
C VAL E 298 -21.57 -25.50 10.54
N MET E 299 -22.27 -24.76 11.40
CA MET E 299 -22.77 -25.36 12.63
C MET E 299 -23.73 -26.49 12.33
N ASN E 300 -24.61 -26.30 11.36
CA ASN E 300 -25.58 -27.32 11.00
C ASN E 300 -24.88 -28.55 10.42
N CYS E 301 -23.85 -28.35 9.61
CA CYS E 301 -23.09 -29.48 9.08
C CYS E 301 -22.41 -30.24 10.20
N VAL E 302 -21.85 -29.53 11.17
CA VAL E 302 -21.22 -30.20 12.30
C VAL E 302 -22.25 -31.03 13.06
N ILE E 303 -23.44 -30.47 13.28
CA ILE E 303 -24.47 -31.20 14.02
C ILE E 303 -24.92 -32.43 13.24
N VAL E 304 -25.11 -32.30 11.93
CA VAL E 304 -25.53 -33.43 11.12
C VAL E 304 -24.47 -34.52 11.14
N LEU E 305 -23.20 -34.13 11.02
CA LEU E 305 -22.13 -35.13 11.07
C LEU E 305 -22.12 -35.83 12.42
N ASN E 306 -22.30 -35.07 13.50
CA ASN E 306 -22.33 -35.70 14.83
C ASN E 306 -23.48 -36.67 14.94
N VAL E 307 -24.65 -36.32 14.41
CA VAL E 307 -25.79 -37.22 14.49
C VAL E 307 -25.56 -38.48 13.67
N SER E 308 -25.01 -38.33 12.47
CA SER E 308 -24.95 -39.46 11.56
C SER E 308 -23.94 -40.51 11.98
N LEU E 309 -22.86 -40.12 12.64
CA LEU E 309 -21.80 -41.04 13.03
C LEU E 309 -22.00 -41.60 14.43
N ARG E 310 -23.21 -41.55 14.96
CA ARG E 310 -23.49 -42.12 16.27
C ARG E 310 -23.62 -43.63 16.18
N THR E 311 -23.32 -44.29 17.29
CA THR E 311 -23.29 -45.75 17.38
C THR E 311 -23.97 -46.19 18.67
N PRO E 312 -24.32 -47.48 18.77
CA PRO E 312 -24.89 -47.97 20.04
C PRO E 312 -23.94 -47.81 21.20
N ASN E 313 -22.64 -47.70 20.95
CA ASN E 313 -21.68 -47.57 22.04
C ASN E 313 -21.92 -46.30 22.85
N THR E 314 -22.18 -45.19 22.17
CA THR E 314 -22.20 -43.89 22.82
C THR E 314 -23.62 -43.40 23.11
N HIS E 315 -24.50 -43.45 22.12
CA HIS E 315 -25.82 -42.83 22.22
C HIS E 315 -26.90 -43.88 22.00
N SER E 316 -27.96 -43.79 22.78
CA SER E 316 -29.10 -44.68 22.68
C SER E 316 -30.19 -44.03 21.86
N LEU E 317 -30.64 -44.71 20.81
CA LEU E 317 -31.65 -44.17 19.91
C LEU E 317 -33.02 -44.32 20.58
N SER E 318 -33.51 -43.22 21.15
CA SER E 318 -34.82 -43.25 21.79
C SER E 318 -35.90 -43.56 20.77
N GLU E 319 -36.92 -44.31 21.21
CA GLU E 319 -38.02 -44.63 20.32
C GLU E 319 -38.77 -43.37 19.91
N LYS E 320 -38.84 -42.38 20.79
CA LYS E 320 -39.51 -41.12 20.45
C LYS E 320 -38.80 -40.42 19.30
N ILE E 321 -37.48 -40.31 19.38
CA ILE E 321 -36.72 -39.67 18.33
C ILE E 321 -36.88 -40.43 17.01
N LYS E 322 -36.79 -41.76 17.09
CA LYS E 322 -36.90 -42.57 15.88
C LYS E 322 -38.25 -42.37 15.22
N HIS E 323 -39.32 -42.40 16.01
CA HIS E 323 -40.66 -42.21 15.46
C HIS E 323 -40.80 -40.83 14.86
N LEU E 324 -40.33 -39.80 15.57
CA LEU E 324 -40.47 -38.44 15.06
C LEU E 324 -39.73 -38.26 13.75
N PHE E 325 -38.52 -38.79 13.64
CA PHE E 325 -37.67 -38.50 12.50
C PHE E 325 -37.79 -39.52 11.37
N LEU E 326 -38.56 -40.59 11.54
CA LEU E 326 -38.78 -41.52 10.44
C LEU E 326 -40.25 -41.83 10.18
N GLY E 327 -41.17 -41.18 10.88
CA GLY E 327 -42.58 -41.39 10.63
C GLY E 327 -43.34 -40.12 10.31
N PHE E 328 -42.83 -38.97 10.75
CA PHE E 328 -43.53 -37.71 10.62
C PHE E 328 -42.87 -36.78 9.63
N LEU E 329 -41.60 -36.43 9.81
CA LEU E 329 -40.94 -35.50 8.90
C LEU E 329 -40.88 -36.05 7.48
N PRO E 330 -40.45 -37.29 7.23
CA PRO E 330 -40.47 -37.79 5.86
C PRO E 330 -41.86 -38.18 5.38
N PRO E 411 -17.49 -86.10 21.89
CA PRO E 411 -16.28 -85.41 22.37
C PRO E 411 -15.91 -84.21 21.50
N GLU E 412 -15.52 -84.46 20.24
CA GLU E 412 -15.22 -83.38 19.31
C GLU E 412 -16.49 -82.73 18.77
N ILE E 413 -17.57 -83.52 18.62
CA ILE E 413 -18.80 -82.98 18.07
C ILE E 413 -19.33 -81.86 18.94
N LYS E 414 -19.21 -82.01 20.27
CA LYS E 414 -19.68 -80.96 21.17
C LYS E 414 -18.93 -79.66 20.92
N SER E 415 -17.60 -79.75 20.80
CA SER E 415 -16.81 -78.55 20.55
C SER E 415 -17.17 -77.92 19.22
N CYS E 416 -17.33 -78.73 18.18
CA CYS E 416 -17.68 -78.19 16.87
C CYS E 416 -19.03 -77.47 16.91
N VAL E 417 -20.01 -78.09 17.58
CA VAL E 417 -21.34 -77.49 17.65
C VAL E 417 -21.29 -76.19 18.44
N GLU E 418 -20.56 -76.17 19.55
CA GLU E 418 -20.44 -74.94 20.32
C GLU E 418 -19.80 -73.84 19.49
N ALA E 419 -18.76 -74.18 18.72
CA ALA E 419 -18.11 -73.19 17.88
C ALA E 419 -19.06 -72.63 16.84
N CYS E 420 -19.83 -73.51 16.19
CA CYS E 420 -20.77 -73.03 15.17
C CYS E 420 -21.80 -72.09 15.79
N ASN E 421 -22.34 -72.48 16.95
CA ASN E 421 -23.34 -71.64 17.60
C ASN E 421 -22.75 -70.28 17.96
N PHE E 422 -21.52 -70.27 18.49
CA PHE E 422 -20.88 -69.01 18.84
C PHE E 422 -20.71 -68.13 17.61
N ILE E 423 -20.27 -68.73 16.50
CA ILE E 423 -20.06 -67.94 15.29
C ILE E 423 -21.37 -67.30 14.85
N ALA E 424 -22.45 -68.08 14.84
CA ALA E 424 -23.73 -67.53 14.42
C ALA E 424 -24.16 -66.39 15.33
N LYS E 425 -24.04 -66.58 16.65
CA LYS E 425 -24.45 -65.54 17.58
C LYS E 425 -23.66 -64.25 17.37
N SER E 426 -22.34 -64.37 17.24
CA SER E 426 -21.53 -63.18 17.07
C SER E 426 -21.88 -62.45 15.77
N THR E 427 -22.08 -63.20 14.69
CA THR E 427 -22.44 -62.55 13.43
C THR E 427 -23.76 -61.80 13.56
N LYS E 428 -24.75 -62.41 14.20
CA LYS E 428 -26.03 -61.73 14.34
C LYS E 428 -25.90 -60.46 15.18
N GLU E 429 -25.11 -60.52 16.25
CA GLU E 429 -24.90 -59.32 17.07
C GLU E 429 -24.28 -58.20 16.23
N GLN E 430 -23.27 -58.54 15.44
CA GLN E 430 -22.62 -57.53 14.60
C GLN E 430 -23.62 -56.92 13.63
N ASN E 431 -24.46 -57.75 13.01
CA ASN E 431 -25.43 -57.23 12.05
C ASN E 431 -26.43 -56.29 12.72
N ASP E 432 -26.87 -56.63 13.93
CA ASP E 432 -27.80 -55.74 14.63
C ASP E 432 -27.16 -54.39 14.92
N SER E 433 -25.91 -54.40 15.36
CA SER E 433 -25.22 -53.12 15.57
C SER E 433 -25.18 -52.31 14.27
N GLY E 434 -24.88 -52.98 13.15
CA GLY E 434 -24.89 -52.27 11.88
C GLY E 434 -26.23 -51.66 11.56
N SER E 435 -27.31 -52.38 11.86
CA SER E 435 -28.65 -51.86 11.59
C SER E 435 -28.90 -50.59 12.39
N GLU E 436 -28.49 -50.58 13.66
CA GLU E 436 -28.66 -49.37 14.47
C GLU E 436 -27.90 -48.20 13.84
N ASN E 437 -26.66 -48.44 13.39
CA ASN E 437 -25.91 -47.39 12.72
C ASN E 437 -26.67 -46.86 11.50
N GLU E 438 -27.26 -47.77 10.73
CA GLU E 438 -28.00 -47.35 9.54
C GLU E 438 -29.17 -46.45 9.91
N ASN E 439 -29.89 -46.79 10.98
CA ASN E 439 -31.00 -45.93 11.40
C ASN E 439 -30.51 -44.53 11.76
N TRP E 440 -29.39 -44.43 12.47
CA TRP E 440 -28.87 -43.11 12.79
C TRP E 440 -28.52 -42.34 11.52
N VAL E 441 -27.94 -43.03 10.53
CA VAL E 441 -27.61 -42.36 9.27
C VAL E 441 -28.87 -41.82 8.61
N LEU E 442 -29.95 -42.59 8.64
CA LEU E 442 -31.19 -42.13 8.02
C LEU E 442 -31.72 -40.88 8.72
N ILE E 443 -31.67 -40.87 10.05
CA ILE E 443 -32.10 -39.67 10.77
C ILE E 443 -31.28 -38.47 10.32
N GLY E 444 -29.97 -38.66 10.20
CA GLY E 444 -29.12 -37.58 9.72
C GLY E 444 -29.54 -37.08 8.35
N LYS E 445 -29.84 -38.00 7.44
CA LYS E 445 -30.24 -37.60 6.09
C LYS E 445 -31.53 -36.78 6.12
N VAL E 446 -32.48 -37.17 6.95
CA VAL E 446 -33.74 -36.42 7.02
C VAL E 446 -33.49 -35.00 7.53
N ILE E 447 -32.72 -34.89 8.62
CA ILE E 447 -32.40 -33.56 9.14
C ILE E 447 -31.74 -32.72 8.05
N ASP E 448 -30.82 -33.34 7.32
CA ASP E 448 -30.11 -32.65 6.26
C ASP E 448 -31.06 -32.13 5.21
N LYS E 449 -32.01 -32.96 4.78
CA LYS E 449 -32.94 -32.56 3.74
C LYS E 449 -33.84 -31.41 4.19
N ALA E 450 -34.25 -31.41 5.46
CA ALA E 450 -35.06 -30.30 5.94
C ALA E 450 -34.27 -29.01 6.00
N CYS E 451 -33.07 -29.07 6.59
CA CYS E 451 -32.26 -27.87 6.72
C CYS E 451 -31.87 -27.32 5.35
N PHE E 452 -31.81 -28.17 4.33
CA PHE E 452 -31.51 -27.65 3.00
C PHE E 452 -32.57 -26.65 2.55
N TRP E 453 -33.84 -27.03 2.66
CA TRP E 453 -34.91 -26.11 2.25
C TRP E 453 -34.89 -24.86 3.10
N ILE E 454 -34.70 -25.01 4.41
CA ILE E 454 -34.67 -23.83 5.26
C ILE E 454 -33.58 -22.86 4.79
N ALA E 455 -32.37 -23.38 4.60
CA ALA E 455 -31.24 -22.53 4.26
C ALA E 455 -31.40 -21.92 2.87
N LEU E 456 -31.89 -22.69 1.89
CA LEU E 456 -32.06 -22.15 0.56
C LEU E 456 -33.06 -21.00 0.58
N LEU E 457 -34.19 -21.20 1.25
CA LEU E 457 -35.17 -20.13 1.35
C LEU E 457 -34.54 -18.90 1.99
N LEU E 458 -33.84 -19.08 3.10
CA LEU E 458 -33.26 -17.93 3.79
C LEU E 458 -32.29 -17.18 2.88
N PHE E 459 -31.36 -17.90 2.25
CA PHE E 459 -30.35 -17.26 1.44
C PHE E 459 -30.98 -16.53 0.26
N SER E 460 -31.88 -17.19 -0.46
CA SER E 460 -32.49 -16.56 -1.62
C SER E 460 -33.26 -15.31 -1.22
N ILE E 461 -34.06 -15.41 -0.16
CA ILE E 461 -34.85 -14.26 0.26
C ILE E 461 -33.93 -13.10 0.64
N GLY E 462 -32.89 -13.39 1.42
CA GLY E 462 -32.00 -12.32 1.85
C GLY E 462 -31.32 -11.63 0.67
N THR E 463 -30.78 -12.42 -0.25
CA THR E 463 -30.10 -11.83 -1.40
C THR E 463 -31.07 -10.98 -2.22
N LEU E 464 -32.24 -11.55 -2.54
CA LEU E 464 -33.19 -10.81 -3.36
C LEU E 464 -33.62 -9.53 -2.67
N ALA E 465 -33.92 -9.59 -1.37
CA ALA E 465 -34.38 -8.40 -0.67
C ALA E 465 -33.32 -7.32 -0.64
N ILE E 466 -32.09 -7.69 -0.29
CA ILE E 466 -31.05 -6.68 -0.16
C ILE E 466 -30.77 -6.01 -1.50
N PHE E 467 -30.65 -6.80 -2.57
CA PHE E 467 -30.34 -6.17 -3.84
C PHE E 467 -31.54 -5.49 -4.47
N LEU E 468 -32.76 -5.85 -4.09
CA LEU E 468 -33.92 -5.12 -4.57
C LEU E 468 -34.04 -3.77 -3.88
N THR E 469 -33.78 -3.72 -2.57
CA THR E 469 -33.76 -2.44 -1.90
C THR E 469 -32.60 -1.58 -2.39
N GLY E 470 -31.51 -2.21 -2.81
CA GLY E 470 -30.45 -1.47 -3.46
C GLY E 470 -30.88 -0.89 -4.80
N HIS E 471 -31.61 -1.67 -5.59
CA HIS E 471 -31.97 -1.23 -6.94
C HIS E 471 -33.06 -0.17 -6.95
N PHE E 472 -33.76 0.04 -5.82
CA PHE E 472 -34.81 1.05 -5.73
C PHE E 472 -34.35 2.30 -5.02
N ASN E 473 -33.05 2.59 -5.06
CA ASN E 473 -32.50 3.80 -4.46
C ASN E 473 -32.43 4.86 -5.56
N GLN E 474 -33.60 5.37 -5.94
CA GLN E 474 -33.69 6.36 -7.01
C GLN E 474 -33.20 7.71 -6.53
N VAL E 475 -32.69 8.50 -7.48
CA VAL E 475 -32.26 9.87 -7.21
C VAL E 475 -33.51 10.74 -7.13
N PRO E 476 -33.56 11.73 -6.23
CA PRO E 476 -34.78 12.53 -6.11
C PRO E 476 -35.13 13.23 -7.42
N GLU E 477 -36.43 13.47 -7.59
CA GLU E 477 -36.91 14.06 -8.84
C GLU E 477 -36.46 15.51 -8.98
N PHE E 478 -36.45 16.25 -7.89
CA PHE E 478 -36.12 17.67 -7.92
C PHE E 478 -34.83 17.95 -7.17
N PRO E 479 -34.02 18.91 -7.62
CA PRO E 479 -32.75 19.16 -6.92
C PRO E 479 -32.94 19.51 -5.45
N PHE E 480 -33.97 20.29 -5.13
CA PHE E 480 -34.32 20.60 -3.76
C PHE E 480 -35.73 20.09 -3.51
N PRO E 481 -35.95 19.18 -2.56
CA PRO E 481 -37.30 18.60 -2.41
C PRO E 481 -38.40 19.62 -2.22
N GLY E 482 -38.13 20.70 -1.47
CA GLY E 482 -39.17 21.69 -1.26
C GLY E 482 -39.58 22.41 -2.54
N ASP E 483 -38.60 22.83 -3.33
CA ASP E 483 -38.89 23.69 -4.47
C ASP E 483 -39.63 22.91 -5.56
N PRO E 484 -40.40 23.59 -6.40
CA PRO E 484 -40.92 22.98 -7.63
C PRO E 484 -40.11 23.25 -8.89
N ARG E 485 -39.02 24.02 -8.79
CA ARG E 485 -38.25 24.43 -9.96
C ARG E 485 -37.22 23.37 -10.33
N LYS E 486 -36.97 23.25 -11.64
CA LYS E 486 -36.10 22.19 -12.14
C LYS E 486 -34.64 22.61 -12.22
N TYR E 487 -34.36 23.92 -12.33
CA TYR E 487 -32.99 24.42 -12.33
C TYR E 487 -32.20 23.87 -13.52
N VAL E 488 -32.71 24.11 -14.73
CA VAL E 488 -31.99 23.74 -15.95
C VAL E 488 -32.15 24.83 -16.97
N PRO E 489 -31.19 24.93 -17.91
CA PRO E 489 -31.27 25.96 -18.94
C PRO E 489 -32.47 25.77 -19.86
#